data_3SWW
#
_entry.id   3SWW
#
_cell.length_a   65.534
_cell.length_b   67.928
_cell.length_c   423.472
_cell.angle_alpha   90.000
_cell.angle_beta   90.000
_cell.angle_gamma   90.000
#
_symmetry.space_group_name_H-M   'P 21 21 21'
#
loop_
_entity.id
_entity.type
_entity.pdbx_description
1 polymer 'Dipeptidyl peptidase 4'
2 branched 2-acetamido-2-deoxy-beta-D-glucopyranose-(1-4)-2-acetamido-2-deoxy-beta-D-glucopyranose
3 non-polymer 2-acetamido-2-deoxy-beta-D-glucopyranose
4 non-polymer 3-(aminomethyl)-4-(2,4-dichlorophenyl)-6-(2-methoxyethyl)-2-methyl-5,6-dihydro-7H-pyrrolo[3,4-b]pyridin-7-one
5 water water
#
_entity_poly.entity_id   1
_entity_poly.type   'polypeptide(L)'
_entity_poly.pdbx_seq_one_letter_code
;EFSRKTYTLTDYLKNTYRLKLYSLRWISDHEYLYKQENNILVFNAEYGNSSVFLENSTFDEFGHSINDYSISPDGQFILL
EYNYVKQWRHSYTASYDIYDLNKRQLITEERIPNNTQWVTWSPVGHKLAYVWNNDIYVKIEPNLPSYRITWTGKEDIIYN
GITDWVYEEEVFSAYSALWWSPNGTFLAYAQFNDTEVPLIEYSFYSDESLQYPKTVRVPYPKAGAVNPTVKFFVVNTDSL
SSVTNATSIQITAPASMLIGDHYLCDVTWATQERISLQWLRRIQNYSVMDICDYDESSGRWNCLVARQHIEMSTTGWVGR
FRPSEPHFTLDGNSFYKIISNEEGYRHICYFQIDKKDCTFITKGTWEVIGIEALTSDYLYYISNEYKGMPGGRNLYKIQL
SDYTKVTCLSCELNPERCQYYSVSFSKEAKYYQLRCSGPGLPLYTLHSSVNDKGLRVLEDNSALDKMLQNVQMPSKKLDF
IILNETKFWYQMILPPHFDKSKKYPLLLDVYAGPCSQKADTVFRLNWATYLASTENIIVASFDGRGSGYQGDKIMHAINR
RLGTFEVEDQIEAARQFSKMGFVDNKRIAIWGWSYGGYVTSMVLGSGSGVFKCGIAVAPVSRWEYYDSVYTERYMGLPTP
EDNLDHYRNSTVMSRAENFKQVEYLLIHGTADDNVHFQQSAQISKALVDVGVDFQAMWYTDEDHGIASSTAHQHIYTHMS
HFIKQCFSLPPLEQKLISEEDLNSAVDHHHHHH
;
_entity_poly.pdbx_strand_id   A,B
#
loop_
_chem_comp.id
_chem_comp.type
_chem_comp.name
_chem_comp.formula
KXB non-polymer 3-(aminomethyl)-4-(2,4-dichlorophenyl)-6-(2-methoxyethyl)-2-methyl-5,6-dihydro-7H-pyrrolo[3,4-b]pyridin-7-one 'C18 H19 Cl2 N3 O2'
NAG D-saccharide, beta linking 2-acetamido-2-deoxy-beta-D-glucopyranose 'C8 H15 N O6'
#
# COMPACT_ATOMS: atom_id res chain seq x y z
N ARG A 4 -6.80 27.21 35.71
CA ARG A 4 -7.83 27.38 34.68
C ARG A 4 -7.53 26.51 33.45
N LYS A 5 -8.56 25.83 32.95
CA LYS A 5 -8.39 24.82 31.91
C LYS A 5 -8.52 25.33 30.48
N THR A 6 -7.98 24.55 29.55
CA THR A 6 -8.02 24.86 28.14
C THR A 6 -8.82 23.79 27.40
N TYR A 7 -9.06 23.99 26.11
CA TYR A 7 -9.66 22.98 25.24
C TYR A 7 -8.54 22.07 24.74
N THR A 8 -8.49 20.85 25.27
CA THR A 8 -7.33 19.99 25.08
C THR A 8 -7.52 19.04 23.90
N LEU A 9 -6.45 18.33 23.53
CA LEU A 9 -6.57 17.34 22.46
C LEU A 9 -7.61 16.27 22.83
N THR A 10 -7.60 15.82 24.07
CA THR A 10 -8.53 14.77 24.49
C THR A 10 -9.99 15.23 24.43
N ASP A 11 -10.25 16.49 24.75
CA ASP A 11 -11.59 17.06 24.65
C ASP A 11 -12.10 16.99 23.21
N TYR A 12 -11.23 17.39 22.27
CA TYR A 12 -11.54 17.25 20.85
C TYR A 12 -11.81 15.79 20.50
N LEU A 13 -10.84 14.92 20.73
CA LEU A 13 -10.97 13.51 20.39
C LEU A 13 -12.15 12.79 21.06
N LYS A 14 -12.41 13.10 22.34
CA LYS A 14 -13.44 12.37 23.09
C LYS A 14 -14.80 13.10 23.19
N ASN A 15 -14.89 14.30 22.62
CA ASN A 15 -16.15 15.02 22.55
C ASN A 15 -16.67 15.45 23.90
N THR A 16 -15.79 15.97 24.73
CA THR A 16 -16.15 16.41 26.08
C THR A 16 -17.23 17.49 26.02
N TYR A 17 -17.11 18.41 25.08
CA TYR A 17 -18.06 19.51 24.95
C TYR A 17 -18.88 19.32 23.68
N ARG A 18 -20.13 18.87 23.85
CA ARG A 18 -20.97 18.52 22.71
C ARG A 18 -21.90 19.67 22.29
N LEU A 19 -22.04 19.85 20.98
CA LEU A 19 -23.00 20.79 20.41
C LEU A 19 -24.32 20.08 20.26
N LYS A 20 -25.41 20.72 20.71
CA LYS A 20 -26.75 20.14 20.60
C LYS A 20 -27.39 20.55 19.29
N LEU A 21 -28.23 19.69 18.76
CA LEU A 21 -28.87 19.93 17.49
C LEU A 21 -30.38 19.92 17.66
N TYR A 22 -31.09 20.24 16.60
CA TYR A 22 -32.53 20.06 16.58
C TYR A 22 -32.91 19.64 15.19
N SER A 23 -32.80 18.35 14.92
CA SER A 23 -33.14 17.78 13.64
C SER A 23 -34.61 17.41 13.63
N LEU A 24 -35.37 18.03 12.75
CA LEU A 24 -36.78 17.71 12.66
C LEU A 24 -37.15 17.30 11.23
N ARG A 25 -38.26 16.60 11.10
CA ARG A 25 -38.73 16.15 9.81
C ARG A 25 -40.15 16.66 9.66
N TRP A 26 -40.35 17.61 8.77
CA TRP A 26 -41.68 18.10 8.48
C TRP A 26 -42.47 16.96 7.86
N ILE A 27 -43.69 16.74 8.34
CA ILE A 27 -44.54 15.70 7.79
C ILE A 27 -45.80 16.27 7.17
N SER A 28 -45.93 17.59 7.22
CA SER A 28 -47.07 18.28 6.62
C SER A 28 -46.83 19.78 6.63
N ASP A 29 -47.86 20.55 6.32
CA ASP A 29 -47.71 22.00 6.35
C ASP A 29 -47.61 22.59 7.76
N HIS A 30 -47.94 21.79 8.77
CA HIS A 30 -47.98 22.34 10.12
C HIS A 30 -47.49 21.44 11.24
N GLU A 31 -46.97 20.26 10.92
CA GLU A 31 -46.50 19.32 11.93
C GLU A 31 -45.12 18.76 11.57
N TYR A 32 -44.32 18.46 12.59
CA TYR A 32 -43.01 17.83 12.37
C TYR A 32 -42.71 16.70 13.37
N LEU A 33 -41.81 15.79 12.96
CA LEU A 33 -41.33 14.72 13.82
C LEU A 33 -40.01 15.12 14.44
N TYR A 34 -39.84 14.75 15.70
CA TYR A 34 -38.62 15.02 16.43
C TYR A 34 -38.35 13.89 17.43
N LYS A 35 -37.13 13.38 17.45
CA LYS A 35 -36.81 12.29 18.37
C LYS A 35 -36.26 12.81 19.71
N GLN A 36 -36.85 12.36 20.81
CA GLN A 36 -36.41 12.71 22.17
C GLN A 36 -36.40 11.48 23.11
N GLU A 37 -35.23 11.16 23.67
CA GLU A 37 -34.95 9.85 24.31
C GLU A 37 -35.38 8.70 23.43
N ASN A 38 -35.02 8.77 22.15
CA ASN A 38 -35.43 7.74 21.21
C ASN A 38 -36.94 7.55 21.15
N ASN A 39 -37.68 8.49 21.71
CA ASN A 39 -39.10 8.61 21.46
C ASN A 39 -39.35 9.49 20.26
N ILE A 40 -40.19 9.05 19.35
CA ILE A 40 -40.54 9.89 18.22
C ILE A 40 -41.78 10.69 18.59
N LEU A 41 -41.61 12.01 18.67
CA LEU A 41 -42.72 12.91 18.99
C LEU A 41 -43.13 13.65 17.74
N VAL A 42 -44.43 13.91 17.62
CA VAL A 42 -44.92 14.82 16.60
C VAL A 42 -45.30 16.13 17.28
N PHE A 43 -44.87 17.24 16.67
CA PHE A 43 -45.06 18.59 17.21
C PHE A 43 -45.96 19.40 16.30
N ASN A 44 -46.86 20.18 16.90
CA ASN A 44 -47.70 21.09 16.16
C ASN A 44 -47.00 22.45 16.10
N ALA A 45 -46.72 22.96 14.91
CA ALA A 45 -45.83 24.13 14.79
C ALA A 45 -46.45 25.43 15.32
N GLU A 46 -47.75 25.61 15.05
CA GLU A 46 -48.44 26.83 15.44
C GLU A 46 -48.50 27.00 16.96
N TYR A 47 -48.90 25.93 17.66
CA TYR A 47 -49.16 26.01 19.09
C TYR A 47 -48.03 25.43 19.96
N GLY A 48 -47.19 24.59 19.37
CA GLY A 48 -46.07 24.03 20.09
C GLY A 48 -46.38 22.77 20.90
N ASN A 49 -47.64 22.35 20.93
CA ASN A 49 -47.98 21.12 21.63
C ASN A 49 -47.48 19.88 20.88
N SER A 50 -47.17 18.83 21.63
CA SER A 50 -46.62 17.60 21.07
C SER A 50 -47.23 16.38 21.73
N SER A 51 -47.00 15.21 21.14
CA SER A 51 -47.39 13.95 21.75
C SER A 51 -46.47 12.85 21.22
N VAL A 52 -46.35 11.75 21.95
CA VAL A 52 -45.43 10.72 21.53
C VAL A 52 -46.08 9.88 20.44
N PHE A 53 -45.41 9.83 19.29
CA PHE A 53 -45.87 9.05 18.16
C PHE A 53 -45.44 7.59 18.28
N LEU A 54 -44.20 7.39 18.69
CA LEU A 54 -43.63 6.05 18.82
C LEU A 54 -42.75 5.95 20.05
N GLU A 55 -43.14 5.08 20.99
CA GLU A 55 -42.41 4.88 22.25
C GLU A 55 -41.02 4.26 22.00
N ASN A 56 -40.03 4.70 22.79
CA ASN A 56 -38.70 4.13 22.72
C ASN A 56 -38.67 2.62 23.02
N SER A 57 -39.79 2.12 23.54
CA SER A 57 -39.89 0.74 23.97
C SER A 57 -40.49 -0.16 22.89
N THR A 58 -41.02 0.45 21.84
CA THR A 58 -41.80 -0.29 20.85
C THR A 58 -41.05 -1.49 20.25
N PHE A 59 -39.75 -1.33 20.00
CA PHE A 59 -39.01 -2.36 19.27
C PHE A 59 -37.97 -3.10 20.10
N ASP A 60 -38.11 -3.05 21.43
CA ASP A 60 -37.14 -3.69 22.31
C ASP A 60 -36.92 -5.16 21.96
N GLU A 61 -37.97 -5.86 21.54
CA GLU A 61 -37.87 -7.27 21.21
C GLU A 61 -37.64 -7.50 19.70
N PHE A 62 -37.07 -6.50 19.03
CA PHE A 62 -36.88 -6.56 17.58
C PHE A 62 -35.83 -7.59 17.17
N GLY A 63 -34.77 -7.71 17.96
CA GLY A 63 -33.75 -8.70 17.69
C GLY A 63 -32.63 -8.21 16.79
N HIS A 64 -32.74 -6.98 16.33
CA HIS A 64 -31.67 -6.34 15.58
C HIS A 64 -31.56 -4.88 16.00
N SER A 65 -30.34 -4.37 16.03
CA SER A 65 -30.13 -2.96 16.33
C SER A 65 -30.65 -2.12 15.17
N ILE A 66 -31.58 -1.22 15.44
CA ILE A 66 -32.19 -0.38 14.41
C ILE A 66 -31.32 0.83 14.07
N ASN A 67 -30.96 0.95 12.79
CA ASN A 67 -30.01 1.96 12.33
C ASN A 67 -30.69 3.30 12.04
N ASP A 68 -31.86 3.21 11.42
CA ASP A 68 -32.63 4.40 11.10
C ASP A 68 -34.04 3.90 10.76
N TYR A 69 -34.98 4.84 10.69
CA TYR A 69 -36.36 4.52 10.41
C TYR A 69 -36.85 5.51 9.36
N SER A 70 -37.94 5.18 8.69
CA SER A 70 -38.52 6.10 7.73
C SER A 70 -40.02 5.89 7.73
N ILE A 71 -40.76 6.88 8.19
CA ILE A 71 -42.20 6.73 8.26
C ILE A 71 -42.82 7.08 6.92
N SER A 72 -43.84 6.32 6.51
CA SER A 72 -44.50 6.61 5.24
C SER A 72 -45.19 7.95 5.35
N PRO A 73 -45.48 8.59 4.21
CA PRO A 73 -46.05 9.94 4.13
C PRO A 73 -47.41 10.03 4.78
N ASP A 74 -48.17 8.92 4.76
CA ASP A 74 -49.51 8.88 5.32
C ASP A 74 -49.56 8.32 6.74
N GLY A 75 -48.41 8.26 7.40
CA GLY A 75 -48.31 7.81 8.78
C GLY A 75 -48.72 6.36 9.06
N GLN A 76 -49.00 5.58 8.02
CA GLN A 76 -49.50 4.22 8.21
C GLN A 76 -48.43 3.14 8.45
N PHE A 77 -47.23 3.35 7.91
CA PHE A 77 -46.17 2.35 8.03
C PHE A 77 -44.85 3.00 8.41
N ILE A 78 -43.97 2.21 9.02
CA ILE A 78 -42.62 2.66 9.29
C ILE A 78 -41.58 1.62 8.86
N LEU A 79 -40.66 2.05 7.99
CA LEU A 79 -39.54 1.22 7.56
C LEU A 79 -38.43 1.21 8.63
N LEU A 80 -37.93 0.02 8.96
CA LEU A 80 -36.82 -0.11 9.89
C LEU A 80 -35.55 -0.60 9.20
N GLU A 81 -34.50 0.21 9.23
CA GLU A 81 -33.25 -0.13 8.60
C GLU A 81 -32.31 -0.77 9.61
N TYR A 82 -31.81 -1.97 9.31
CA TYR A 82 -30.81 -2.60 10.15
C TYR A 82 -29.76 -3.34 9.31
N ASN A 83 -28.76 -3.92 9.96
CA ASN A 83 -27.66 -4.55 9.24
C ASN A 83 -27.04 -3.58 8.25
N TYR A 84 -26.88 -2.32 8.65
CA TYR A 84 -26.34 -1.29 7.75
C TYR A 84 -24.86 -1.53 7.46
N VAL A 85 -24.46 -1.46 6.19
CA VAL A 85 -23.05 -1.59 5.81
C VAL A 85 -22.63 -0.49 4.84
N LYS A 86 -21.78 0.41 5.28
CA LYS A 86 -21.40 1.56 4.46
C LYS A 86 -20.64 1.10 3.22
N GLN A 87 -20.85 1.82 2.12
CA GLN A 87 -19.98 1.66 0.96
C GLN A 87 -19.17 2.94 0.78
N TRP A 88 -19.57 3.80 -0.17
CA TRP A 88 -18.78 5.01 -0.42
C TRP A 88 -19.37 6.17 0.42
N ARG A 89 -19.35 7.40 -0.10
CA ARG A 89 -19.80 8.55 0.70
C ARG A 89 -21.27 8.43 1.09
N HIS A 90 -22.10 7.95 0.17
CA HIS A 90 -23.54 7.96 0.35
C HIS A 90 -24.13 6.54 0.29
N SER A 91 -23.52 5.68 -0.51
CA SER A 91 -24.06 4.34 -0.72
C SER A 91 -23.82 3.40 0.44
N TYR A 92 -24.64 2.37 0.51
CA TYR A 92 -24.55 1.37 1.54
C TYR A 92 -25.53 0.25 1.21
N THR A 93 -25.49 -0.84 1.96
CA THR A 93 -26.58 -1.82 1.85
C THR A 93 -27.18 -2.06 3.23
N ALA A 94 -28.42 -2.52 3.27
CA ALA A 94 -29.05 -2.77 4.55
C ALA A 94 -30.17 -3.77 4.40
N SER A 95 -30.63 -4.30 5.53
CA SER A 95 -31.87 -5.09 5.59
C SER A 95 -32.99 -4.17 6.03
N TYR A 96 -34.23 -4.53 5.70
CA TYR A 96 -35.38 -3.68 6.03
C TYR A 96 -36.59 -4.48 6.50
N ASP A 97 -37.31 -3.91 7.45
CA ASP A 97 -38.58 -4.47 7.90
C ASP A 97 -39.60 -3.35 7.90
N ILE A 98 -40.83 -3.69 7.54
CA ILE A 98 -41.91 -2.72 7.55
C ILE A 98 -42.86 -3.07 8.69
N TYR A 99 -43.18 -2.09 9.52
CA TYR A 99 -44.02 -2.29 10.68
C TYR A 99 -45.32 -1.54 10.41
N ASP A 100 -46.44 -2.24 10.51
CA ASP A 100 -47.76 -1.66 10.29
C ASP A 100 -48.19 -0.95 11.58
N LEU A 101 -48.49 0.34 11.46
CA LEU A 101 -48.75 1.18 12.63
C LEU A 101 -50.20 1.13 13.10
N ASN A 102 -51.08 0.72 12.20
CA ASN A 102 -52.49 0.57 12.55
C ASN A 102 -52.73 -0.76 13.23
N LYS A 103 -52.17 -1.82 12.68
CA LYS A 103 -52.26 -3.14 13.28
C LYS A 103 -51.23 -3.30 14.42
N ARG A 104 -50.24 -2.42 14.44
CA ARG A 104 -49.15 -2.52 15.41
C ARG A 104 -48.39 -3.85 15.30
N GLN A 105 -48.29 -4.38 14.08
CA GLN A 105 -47.63 -5.67 13.82
C GLN A 105 -46.50 -5.52 12.81
N LEU A 106 -45.44 -6.31 12.98
CA LEU A 106 -44.43 -6.46 11.94
C LEU A 106 -45.04 -7.16 10.74
N ILE A 107 -44.69 -6.70 9.55
CA ILE A 107 -45.13 -7.36 8.32
C ILE A 107 -44.13 -8.47 7.97
N THR A 108 -44.63 -9.70 7.81
CA THR A 108 -43.75 -10.85 7.61
C THR A 108 -43.85 -11.43 6.20
N GLU A 109 -44.77 -10.88 5.41
CA GLU A 109 -45.01 -11.34 4.06
C GLU A 109 -44.35 -10.44 3.00
N GLU A 110 -43.82 -11.06 1.93
CA GLU A 110 -43.24 -10.33 0.82
C GLU A 110 -42.19 -9.30 1.25
N ARG A 111 -41.31 -9.71 2.16
CA ARG A 111 -40.35 -8.79 2.77
C ARG A 111 -39.37 -8.18 1.76
N ILE A 112 -38.85 -7.02 2.10
CA ILE A 112 -37.76 -6.41 1.34
C ILE A 112 -36.54 -7.28 1.58
N PRO A 113 -35.80 -7.62 0.50
CA PRO A 113 -34.67 -8.57 0.62
C PRO A 113 -33.52 -8.01 1.44
N ASN A 114 -32.67 -8.89 1.96
CA ASN A 114 -31.41 -8.48 2.56
C ASN A 114 -30.52 -7.87 1.48
N ASN A 115 -29.51 -7.12 1.90
CA ASN A 115 -28.58 -6.49 0.97
C ASN A 115 -29.25 -5.55 -0.02
N THR A 116 -30.36 -4.93 0.39
CA THR A 116 -31.02 -3.92 -0.43
C THR A 116 -30.16 -2.66 -0.51
N GLN A 117 -30.06 -2.06 -1.70
CA GLN A 117 -29.13 -0.97 -1.95
C GLN A 117 -29.76 0.41 -1.78
N TRP A 118 -31.06 0.51 -1.99
CA TRP A 118 -31.76 1.78 -1.80
C TRP A 118 -33.24 1.52 -1.67
N VAL A 119 -33.92 2.29 -0.81
CA VAL A 119 -35.38 2.17 -0.63
C VAL A 119 -35.94 3.55 -0.41
N THR A 120 -37.18 3.78 -0.88
CA THR A 120 -37.84 5.07 -0.69
C THR A 120 -39.35 4.98 -0.85
N TRP A 121 -40.09 5.58 0.08
CA TRP A 121 -41.55 5.70 -0.07
C TRP A 121 -41.88 6.61 -1.24
N SER A 122 -43.06 6.43 -1.80
CA SER A 122 -43.62 7.42 -2.71
C SER A 122 -43.79 8.69 -1.88
N PRO A 123 -43.94 9.85 -2.54
CA PRO A 123 -44.05 11.12 -1.79
C PRO A 123 -45.39 11.26 -1.07
N VAL A 124 -46.40 10.56 -1.57
CA VAL A 124 -47.69 10.48 -0.89
C VAL A 124 -48.08 9.02 -0.82
N GLY A 125 -48.94 8.67 0.13
CA GLY A 125 -49.36 7.30 0.30
C GLY A 125 -48.28 6.41 0.92
N HIS A 126 -48.16 5.18 0.42
CA HIS A 126 -47.24 4.22 1.02
C HIS A 126 -46.69 3.19 0.03
N LYS A 127 -46.49 3.61 -1.22
CA LYS A 127 -45.78 2.79 -2.18
C LYS A 127 -44.30 2.78 -1.84
N LEU A 128 -43.60 1.75 -2.29
CA LEU A 128 -42.17 1.59 -2.03
C LEU A 128 -41.48 1.28 -3.34
N ALA A 129 -40.33 1.91 -3.57
CA ALA A 129 -39.44 1.52 -4.65
C ALA A 129 -38.13 1.16 -3.98
N TYR A 130 -37.55 0.03 -4.34
CA TYR A 130 -36.25 -0.32 -3.80
C TYR A 130 -35.34 -0.92 -4.88
N VAL A 131 -34.05 -0.97 -4.58
CA VAL A 131 -33.09 -1.51 -5.54
C VAL A 131 -32.37 -2.66 -4.87
N TRP A 132 -32.22 -3.76 -5.61
CA TRP A 132 -31.62 -4.95 -5.07
C TRP A 132 -30.93 -5.66 -6.23
N ASN A 133 -29.65 -6.00 -6.04
CA ASN A 133 -28.86 -6.58 -7.11
C ASN A 133 -28.90 -5.70 -8.36
N ASN A 134 -28.91 -4.38 -8.15
CA ASN A 134 -28.82 -3.42 -9.24
C ASN A 134 -30.08 -3.33 -10.11
N ASP A 135 -31.16 -3.96 -9.68
CA ASP A 135 -32.47 -3.81 -10.34
C ASP A 135 -33.50 -3.14 -9.44
N ILE A 136 -34.49 -2.50 -10.07
CA ILE A 136 -35.53 -1.76 -9.36
C ILE A 136 -36.79 -2.59 -9.19
N TYR A 137 -37.37 -2.55 -8.00
CA TYR A 137 -38.62 -3.23 -7.69
C TYR A 137 -39.62 -2.21 -7.10
N VAL A 138 -40.91 -2.48 -7.26
CA VAL A 138 -41.95 -1.61 -6.67
C VAL A 138 -42.98 -2.42 -5.89
N LYS A 139 -43.21 -2.06 -4.63
CA LYS A 139 -44.33 -2.61 -3.85
C LYS A 139 -45.45 -1.57 -3.78
N ILE A 140 -46.64 -1.93 -4.24
CA ILE A 140 -47.80 -1.05 -4.12
C ILE A 140 -48.27 -1.03 -2.68
N GLU A 141 -48.32 -2.20 -2.06
CA GLU A 141 -48.65 -2.32 -0.65
C GLU A 141 -47.54 -3.07 0.05
N PRO A 142 -47.24 -2.71 1.30
CA PRO A 142 -46.14 -3.33 2.02
C PRO A 142 -46.24 -4.84 2.21
N ASN A 143 -47.41 -5.44 2.03
CA ASN A 143 -47.54 -6.89 2.24
C ASN A 143 -47.88 -7.68 0.98
N LEU A 144 -47.76 -7.01 -0.16
CA LEU A 144 -47.99 -7.63 -1.46
C LEU A 144 -46.67 -7.82 -2.21
N PRO A 145 -46.64 -8.78 -3.15
CA PRO A 145 -45.39 -9.05 -3.87
C PRO A 145 -44.94 -7.82 -4.64
N SER A 146 -43.64 -7.69 -4.87
CA SER A 146 -43.16 -6.54 -5.61
C SER A 146 -43.21 -6.82 -7.09
N TYR A 147 -43.22 -5.76 -7.88
CA TYR A 147 -43.19 -5.85 -9.32
C TYR A 147 -41.76 -5.54 -9.75
N ARG A 148 -41.12 -6.42 -10.51
CA ARG A 148 -39.77 -6.15 -10.98
C ARG A 148 -39.81 -5.23 -12.19
N ILE A 149 -39.08 -4.11 -12.10
CA ILE A 149 -39.09 -3.08 -13.14
C ILE A 149 -37.97 -3.24 -14.17
N THR A 150 -36.79 -3.63 -13.70
CA THR A 150 -35.67 -3.80 -14.62
C THR A 150 -35.05 -5.20 -14.46
N TRP A 151 -34.44 -5.67 -15.54
CA TRP A 151 -33.88 -7.03 -15.55
C TRP A 151 -32.41 -7.01 -15.97
N THR A 152 -31.85 -5.83 -16.17
CA THR A 152 -30.51 -5.70 -16.77
C THR A 152 -29.40 -5.50 -15.74
N GLY A 153 -29.76 -5.41 -14.47
CA GLY A 153 -28.80 -5.09 -13.43
C GLY A 153 -27.68 -6.11 -13.28
N LYS A 154 -26.46 -5.63 -13.13
CA LYS A 154 -25.30 -6.51 -13.06
C LYS A 154 -24.19 -5.80 -12.30
N GLU A 155 -23.65 -6.47 -11.28
CA GLU A 155 -22.67 -5.86 -10.39
C GLU A 155 -21.52 -5.21 -11.14
N ASP A 156 -21.27 -3.94 -10.84
CA ASP A 156 -20.15 -3.18 -11.41
C ASP A 156 -20.30 -2.85 -12.89
N ILE A 157 -21.44 -3.20 -13.49
CA ILE A 157 -21.61 -2.96 -14.93
C ILE A 157 -22.88 -2.16 -15.29
N ILE A 158 -24.04 -2.69 -14.93
CA ILE A 158 -25.32 -1.99 -15.16
C ILE A 158 -25.98 -1.64 -13.83
N TYR A 159 -26.23 -0.35 -13.62
CA TYR A 159 -26.89 0.11 -12.39
C TYR A 159 -28.23 0.72 -12.74
N ASN A 160 -29.31 0.12 -12.28
CA ASN A 160 -30.64 0.70 -12.46
C ASN A 160 -31.16 1.31 -11.17
N GLY A 161 -31.33 2.63 -11.16
CA GLY A 161 -31.94 3.28 -10.00
C GLY A 161 -30.99 3.61 -8.87
N ILE A 162 -29.72 3.27 -9.04
CA ILE A 162 -28.66 3.72 -8.14
C ILE A 162 -27.51 4.24 -9.00
N THR A 163 -26.63 5.07 -8.42
CA THR A 163 -25.51 5.61 -9.17
C THR A 163 -24.25 4.73 -9.07
N ASP A 164 -23.37 4.86 -10.06
CA ASP A 164 -22.03 4.27 -9.96
C ASP A 164 -21.12 5.20 -9.16
N TRP A 165 -19.85 4.82 -8.97
CA TRP A 165 -18.98 5.59 -8.09
C TRP A 165 -18.98 7.09 -8.40
N VAL A 166 -18.74 7.44 -9.66
CA VAL A 166 -18.46 8.82 -9.99
C VAL A 166 -19.73 9.68 -10.00
N TYR A 167 -20.86 9.08 -10.38
CA TYR A 167 -22.15 9.78 -10.31
C TYR A 167 -22.57 9.97 -8.85
N GLU A 168 -22.36 8.96 -8.02
CA GLU A 168 -22.62 9.11 -6.59
C GLU A 168 -21.81 10.26 -5.99
N GLU A 169 -20.52 10.32 -6.31
CA GLU A 169 -19.63 11.28 -5.66
C GLU A 169 -19.71 12.70 -6.21
N GLU A 170 -19.78 12.82 -7.54
CA GLU A 170 -19.51 14.08 -8.21
C GLU A 170 -20.73 14.70 -8.89
N VAL A 171 -21.77 13.91 -9.12
CA VAL A 171 -22.92 14.37 -9.89
C VAL A 171 -24.18 14.52 -9.04
N PHE A 172 -24.70 13.44 -8.46
CA PHE A 172 -25.94 13.52 -7.69
C PHE A 172 -25.74 13.68 -6.18
N SER A 173 -24.52 13.48 -5.70
CA SER A 173 -24.27 13.51 -4.26
C SER A 173 -25.22 12.58 -3.53
N ALA A 174 -25.48 11.42 -4.09
CA ALA A 174 -26.40 10.47 -3.50
C ALA A 174 -26.24 9.12 -4.19
N TYR A 175 -26.70 8.07 -3.53
CA TYR A 175 -26.66 6.71 -4.12
C TYR A 175 -27.89 6.56 -4.98
N SER A 176 -28.97 7.23 -4.57
CA SER A 176 -30.25 7.11 -5.26
C SER A 176 -30.22 7.67 -6.68
N ALA A 177 -30.84 6.95 -7.60
CA ALA A 177 -31.15 7.51 -8.92
C ALA A 177 -32.59 7.17 -9.30
N LEU A 178 -33.48 7.33 -8.33
CA LEU A 178 -34.93 7.15 -8.51
C LEU A 178 -35.61 8.47 -8.17
N TRP A 179 -36.65 8.85 -8.92
CA TRP A 179 -37.42 10.05 -8.61
C TRP A 179 -38.92 9.82 -8.81
N TRP A 180 -39.66 9.72 -7.72
CA TRP A 180 -41.12 9.59 -7.78
C TRP A 180 -41.73 10.90 -8.27
N SER A 181 -42.80 10.81 -9.07
CA SER A 181 -43.59 12.00 -9.41
C SER A 181 -44.35 12.44 -8.16
N PRO A 182 -44.75 13.72 -8.08
CA PRO A 182 -45.38 14.23 -6.86
C PRO A 182 -46.56 13.36 -6.40
N ASN A 183 -47.32 12.87 -7.37
CA ASN A 183 -48.49 12.01 -7.19
C ASN A 183 -48.18 10.59 -6.69
N GLY A 184 -46.94 10.15 -6.90
CA GLY A 184 -46.58 8.76 -6.72
C GLY A 184 -47.00 7.89 -7.90
N THR A 185 -47.46 8.52 -8.98
CA THR A 185 -47.94 7.79 -10.13
C THR A 185 -46.79 7.22 -10.96
N PHE A 186 -45.83 8.08 -11.29
CA PHE A 186 -44.67 7.69 -12.08
C PHE A 186 -43.44 7.49 -11.19
N LEU A 187 -42.58 6.57 -11.62
CA LEU A 187 -41.24 6.45 -11.06
C LEU A 187 -40.26 6.65 -12.19
N ALA A 188 -39.47 7.72 -12.14
CA ALA A 188 -38.44 7.93 -13.13
C ALA A 188 -37.12 7.39 -12.57
N TYR A 189 -36.21 6.98 -13.44
CA TYR A 189 -34.95 6.41 -12.98
C TYR A 189 -33.86 6.45 -14.04
N ALA A 190 -32.60 6.57 -13.61
CA ALA A 190 -31.48 6.57 -14.53
C ALA A 190 -30.88 5.19 -14.56
N GLN A 191 -30.19 4.89 -15.65
CA GLN A 191 -29.46 3.63 -15.75
C GLN A 191 -28.04 3.94 -16.20
N PHE A 192 -27.06 3.47 -15.44
CA PHE A 192 -25.68 3.77 -15.77
C PHE A 192 -25.01 2.52 -16.30
N ASN A 193 -24.19 2.69 -17.33
CA ASN A 193 -23.49 1.58 -17.97
C ASN A 193 -22.02 1.82 -17.81
N ASP A 194 -21.36 0.98 -17.00
CA ASP A 194 -19.92 1.14 -16.74
C ASP A 194 -19.06 0.10 -17.47
N THR A 195 -19.64 -0.56 -18.46
CA THR A 195 -18.94 -1.66 -19.14
C THR A 195 -17.48 -1.37 -19.47
N GLU A 196 -17.20 -0.21 -20.04
CA GLU A 196 -15.83 0.07 -20.47
C GLU A 196 -15.04 1.03 -19.56
N VAL A 197 -15.56 1.30 -18.36
CA VAL A 197 -14.84 2.16 -17.44
C VAL A 197 -13.69 1.34 -16.81
N PRO A 198 -12.47 1.91 -16.74
CA PRO A 198 -11.37 1.14 -16.13
C PRO A 198 -11.56 0.98 -14.62
N LEU A 199 -10.85 0.02 -14.03
CA LEU A 199 -10.98 -0.24 -12.61
C LEU A 199 -9.77 0.28 -11.85
N ILE A 200 -10.02 0.93 -10.71
CA ILE A 200 -8.94 1.21 -9.77
C ILE A 200 -8.90 -0.03 -8.91
N GLU A 201 -7.71 -0.56 -8.68
CA GLU A 201 -7.59 -1.74 -7.84
C GLU A 201 -6.66 -1.44 -6.70
N TYR A 202 -7.01 -1.91 -5.51
CA TYR A 202 -6.13 -1.73 -4.36
C TYR A 202 -6.38 -2.85 -3.35
N SER A 203 -5.41 -3.06 -2.47
CA SER A 203 -5.50 -4.13 -1.47
C SER A 203 -6.32 -3.72 -0.25
N PHE A 204 -7.09 -4.66 0.28
CA PHE A 204 -7.77 -4.46 1.55
C PHE A 204 -7.32 -5.60 2.46
N TYR A 205 -6.76 -5.29 3.63
CA TYR A 205 -6.07 -6.31 4.40
C TYR A 205 -6.99 -7.04 5.37
N SER A 206 -8.01 -6.34 5.85
CA SER A 206 -9.06 -6.92 6.70
C SER A 206 -8.53 -7.33 8.07
N ASP A 207 -9.28 -8.16 8.78
CA ASP A 207 -8.85 -8.65 10.09
C ASP A 207 -7.60 -9.51 9.96
N GLU A 208 -6.78 -9.50 11.01
CA GLU A 208 -5.56 -10.33 11.08
C GLU A 208 -5.76 -11.72 10.53
N SER A 209 -6.95 -12.29 10.79
CA SER A 209 -7.24 -13.68 10.47
C SER A 209 -7.29 -13.99 8.97
N LEU A 210 -7.43 -12.95 8.16
CA LEU A 210 -7.44 -13.10 6.70
C LEU A 210 -6.02 -13.35 6.21
N GLN A 211 -5.77 -14.54 5.67
CA GLN A 211 -4.41 -14.92 5.27
C GLN A 211 -3.90 -14.20 3.99
N TYR A 212 -4.77 -14.05 2.99
CA TYR A 212 -4.44 -13.31 1.76
C TYR A 212 -5.24 -12.02 1.66
N PRO A 213 -4.57 -10.90 1.40
CA PRO A 213 -5.28 -9.62 1.24
C PRO A 213 -6.29 -9.69 0.10
N LYS A 214 -7.41 -8.98 0.22
CA LYS A 214 -8.39 -8.90 -0.88
C LYS A 214 -8.01 -7.76 -1.83
N THR A 215 -8.26 -7.94 -3.12
CA THR A 215 -8.15 -6.84 -4.05
C THR A 215 -9.52 -6.22 -4.31
N VAL A 216 -9.68 -4.97 -3.94
CA VAL A 216 -10.91 -4.24 -4.27
C VAL A 216 -10.78 -3.68 -5.68
N ARG A 217 -11.83 -3.84 -6.48
CA ARG A 217 -11.87 -3.27 -7.83
C ARG A 217 -13.12 -2.42 -7.97
N VAL A 218 -12.95 -1.16 -8.37
CA VAL A 218 -14.08 -0.26 -8.51
C VAL A 218 -13.99 0.41 -9.87
N PRO A 219 -15.10 0.46 -10.63
CA PRO A 219 -15.06 1.22 -11.88
C PRO A 219 -14.97 2.69 -11.53
N TYR A 220 -13.91 3.34 -12.01
CA TYR A 220 -13.56 4.67 -11.59
C TYR A 220 -12.86 5.31 -12.77
N PRO A 221 -13.52 6.28 -13.44
CA PRO A 221 -12.88 6.94 -14.58
C PRO A 221 -11.96 8.02 -14.08
N LYS A 222 -10.67 7.90 -14.35
CA LYS A 222 -9.73 8.97 -14.07
C LYS A 222 -9.76 9.97 -15.23
N ALA A 223 -9.08 11.09 -15.07
CA ALA A 223 -9.27 12.19 -16.00
C ALA A 223 -8.95 11.71 -17.40
N GLY A 224 -9.87 11.95 -18.33
CA GLY A 224 -9.63 11.60 -19.71
C GLY A 224 -9.98 10.17 -20.09
N ALA A 225 -10.34 9.34 -19.12
CA ALA A 225 -10.62 7.93 -19.42
C ALA A 225 -12.08 7.73 -19.79
N VAL A 226 -12.43 6.50 -20.19
CA VAL A 226 -13.79 6.23 -20.61
C VAL A 226 -14.75 6.38 -19.43
N ASN A 227 -15.78 7.21 -19.60
CA ASN A 227 -16.80 7.48 -18.57
C ASN A 227 -17.95 6.52 -18.71
N PRO A 228 -18.75 6.35 -17.65
CA PRO A 228 -20.00 5.59 -17.77
C PRO A 228 -20.98 6.28 -18.71
N THR A 229 -21.91 5.53 -19.28
CA THR A 229 -22.96 6.13 -20.07
C THR A 229 -24.27 6.03 -19.32
N VAL A 230 -25.22 6.90 -19.66
CA VAL A 230 -26.44 7.04 -18.89
C VAL A 230 -27.65 7.04 -19.82
N LYS A 231 -28.75 6.44 -19.35
CA LYS A 231 -30.06 6.52 -20.00
C LYS A 231 -31.09 6.93 -18.96
N PHE A 232 -32.23 7.47 -19.40
CA PHE A 232 -33.29 7.88 -18.48
C PHE A 232 -34.66 7.25 -18.85
N PHE A 233 -35.36 6.72 -17.85
CA PHE A 233 -36.64 6.04 -18.09
C PHE A 233 -37.74 6.54 -17.15
N VAL A 234 -39.00 6.32 -17.53
CA VAL A 234 -40.12 6.64 -16.67
C VAL A 234 -41.16 5.53 -16.76
N VAL A 235 -41.60 5.01 -15.62
CA VAL A 235 -42.55 3.91 -15.57
C VAL A 235 -43.85 4.35 -14.90
N ASN A 236 -44.98 3.97 -15.48
CA ASN A 236 -46.25 4.19 -14.83
C ASN A 236 -46.49 3.10 -13.78
N THR A 237 -46.57 3.53 -12.54
CA THR A 237 -46.68 2.64 -11.40
C THR A 237 -48.13 2.23 -11.14
N ASP A 238 -49.07 2.95 -11.74
CA ASP A 238 -50.49 2.66 -11.52
C ASP A 238 -50.97 1.48 -12.37
N SER A 239 -50.27 1.21 -13.46
CA SER A 239 -50.67 0.15 -14.39
C SER A 239 -49.72 -1.05 -14.41
N LEU A 240 -49.25 -1.47 -13.24
CA LEU A 240 -48.37 -2.64 -13.17
C LEU A 240 -49.20 -3.92 -13.13
N SER A 241 -48.69 -4.96 -13.78
CA SER A 241 -49.38 -6.25 -13.85
C SER A 241 -48.54 -7.38 -13.25
N SER A 242 -49.22 -8.37 -12.69
CA SER A 242 -48.57 -9.58 -12.21
C SER A 242 -48.23 -10.52 -13.36
N VAL A 243 -48.73 -10.21 -14.55
CA VAL A 243 -48.55 -11.05 -15.73
C VAL A 243 -47.40 -10.57 -16.61
N THR A 244 -47.58 -9.39 -17.20
CA THR A 244 -46.56 -8.79 -18.07
C THR A 244 -45.61 -7.93 -17.26
N ASN A 245 -44.42 -7.70 -17.80
CA ASN A 245 -43.45 -6.83 -17.12
C ASN A 245 -43.77 -5.36 -17.32
N ALA A 246 -43.21 -4.55 -16.42
CA ALA A 246 -43.38 -3.12 -16.50
C ALA A 246 -42.88 -2.61 -17.84
N THR A 247 -43.57 -1.61 -18.38
CA THR A 247 -43.11 -0.96 -19.60
C THR A 247 -42.46 0.36 -19.27
N SER A 248 -41.14 0.41 -19.38
CA SER A 248 -40.40 1.62 -19.09
C SER A 248 -40.25 2.45 -20.37
N ILE A 249 -40.74 3.69 -20.34
CA ILE A 249 -40.55 4.61 -21.45
C ILE A 249 -39.23 5.37 -21.32
N GLN A 250 -38.41 5.31 -22.36
CA GLN A 250 -37.13 6.01 -22.34
C GLN A 250 -37.29 7.45 -22.82
N ILE A 251 -36.61 8.36 -22.13
CA ILE A 251 -36.51 9.72 -22.61
C ILE A 251 -35.07 9.95 -23.01
N THR A 252 -34.83 10.27 -24.27
CA THR A 252 -33.46 10.38 -24.75
C THR A 252 -32.90 11.79 -24.53
N ALA A 253 -31.59 11.91 -24.43
CA ALA A 253 -30.98 13.21 -24.25
C ALA A 253 -31.13 13.99 -25.54
N PRO A 254 -31.07 15.33 -25.45
CA PRO A 254 -31.13 16.20 -26.62
C PRO A 254 -30.11 15.74 -27.65
N ALA A 255 -30.33 16.08 -28.92
CA ALA A 255 -29.36 15.70 -29.94
C ALA A 255 -28.06 16.47 -29.78
N SER A 256 -28.14 17.66 -29.19
CA SER A 256 -26.93 18.46 -28.92
C SER A 256 -26.05 17.81 -27.84
N MET A 257 -26.63 16.89 -27.07
CA MET A 257 -25.85 16.14 -26.09
C MET A 257 -25.35 14.83 -26.68
N LEU A 258 -26.20 14.18 -27.47
CA LEU A 258 -25.87 12.88 -28.06
C LEU A 258 -24.66 12.86 -29.00
N ILE A 259 -24.27 14.01 -29.53
CA ILE A 259 -23.12 14.09 -30.42
C ILE A 259 -21.80 13.70 -29.75
N GLY A 260 -21.75 13.69 -28.42
CA GLY A 260 -20.54 13.35 -27.67
C GLY A 260 -20.80 12.83 -26.26
N ASP A 261 -19.74 12.65 -25.47
CA ASP A 261 -19.88 12.25 -24.07
C ASP A 261 -20.67 13.31 -23.31
N HIS A 262 -21.55 12.86 -22.42
CA HIS A 262 -22.37 13.80 -21.63
C HIS A 262 -22.75 13.17 -20.30
N TYR A 263 -23.38 13.98 -19.45
CA TYR A 263 -23.87 13.51 -18.16
C TYR A 263 -25.32 13.92 -18.00
N LEU A 264 -26.10 13.11 -17.28
CA LEU A 264 -27.38 13.56 -16.74
C LEU A 264 -27.08 14.20 -15.38
N CYS A 265 -27.40 15.48 -15.19
CA CYS A 265 -26.92 16.16 -13.98
C CYS A 265 -27.99 16.65 -13.00
N ASP A 266 -29.26 16.61 -13.41
CA ASP A 266 -30.34 17.02 -12.52
C ASP A 266 -31.69 16.53 -13.05
N VAL A 267 -32.52 16.04 -12.14
CA VAL A 267 -33.86 15.58 -12.48
C VAL A 267 -34.84 16.27 -11.52
N THR A 268 -35.78 17.05 -12.06
CA THR A 268 -36.77 17.69 -11.20
C THR A 268 -38.18 17.54 -11.76
N TRP A 269 -39.08 16.95 -10.98
CA TRP A 269 -40.49 16.90 -11.36
C TRP A 269 -41.11 18.28 -11.22
N ALA A 270 -41.65 18.82 -12.31
CA ALA A 270 -42.31 20.13 -12.25
C ALA A 270 -43.78 20.00 -11.85
N THR A 271 -44.48 19.03 -12.44
CA THR A 271 -45.87 18.76 -12.09
C THR A 271 -46.14 17.26 -12.08
N GLN A 272 -47.41 16.87 -12.20
CA GLN A 272 -47.77 15.46 -12.22
C GLN A 272 -47.38 14.84 -13.56
N GLU A 273 -47.22 15.68 -14.58
CA GLU A 273 -47.04 15.18 -15.94
C GLU A 273 -45.93 15.90 -16.68
N ARG A 274 -45.09 16.62 -15.93
CA ARG A 274 -43.96 17.35 -16.53
C ARG A 274 -42.69 17.11 -15.72
N ILE A 275 -41.67 16.55 -16.38
CA ILE A 275 -40.36 16.35 -15.76
C ILE A 275 -39.36 17.27 -16.40
N SER A 276 -38.50 17.85 -15.58
CA SER A 276 -37.37 18.64 -16.04
C SER A 276 -36.08 17.82 -15.93
N LEU A 277 -35.27 17.83 -16.99
CA LEU A 277 -34.00 17.09 -17.05
C LEU A 277 -32.90 18.04 -17.48
N GLN A 278 -31.81 18.09 -16.72
CA GLN A 278 -30.65 18.88 -17.14
C GLN A 278 -29.51 17.96 -17.52
N TRP A 279 -28.92 18.23 -18.67
CA TRP A 279 -27.83 17.44 -19.21
C TRP A 279 -26.64 18.37 -19.33
N LEU A 280 -25.43 17.82 -19.25
CA LEU A 280 -24.21 18.61 -19.26
C LEU A 280 -23.19 17.92 -20.16
N ARG A 281 -22.55 18.66 -21.06
CA ARG A 281 -21.53 18.05 -21.91
C ARG A 281 -20.31 17.63 -21.10
N ARG A 282 -19.55 16.65 -21.59
CA ARG A 282 -18.36 16.24 -20.86
C ARG A 282 -17.39 17.41 -20.69
N ILE A 283 -17.32 18.27 -21.69
CA ILE A 283 -16.65 19.56 -21.54
C ILE A 283 -17.68 20.47 -20.85
N GLN A 284 -17.49 20.70 -19.56
CA GLN A 284 -18.59 21.19 -18.73
C GLN A 284 -18.90 22.69 -18.82
N ASN A 285 -18.96 23.21 -20.05
CA ASN A 285 -19.32 24.62 -20.24
C ASN A 285 -20.57 24.74 -21.08
N TYR A 286 -21.26 23.62 -21.27
CA TYR A 286 -22.47 23.61 -22.05
C TYR A 286 -23.49 22.65 -21.44
N SER A 287 -24.63 23.19 -21.01
CA SER A 287 -25.72 22.37 -20.47
C SER A 287 -27.06 22.70 -21.11
N VAL A 288 -27.96 21.72 -21.11
CA VAL A 288 -29.26 21.87 -21.72
C VAL A 288 -30.32 21.35 -20.77
N MET A 289 -31.35 22.17 -20.53
CA MET A 289 -32.51 21.74 -19.76
C MET A 289 -33.62 21.36 -20.72
N ASP A 290 -34.14 20.14 -20.57
CA ASP A 290 -35.26 19.64 -21.34
C ASP A 290 -36.51 19.71 -20.48
N ILE A 291 -37.65 20.09 -21.06
CA ILE A 291 -38.93 20.06 -20.36
C ILE A 291 -39.79 18.97 -20.99
N CYS A 292 -40.05 17.89 -20.26
CA CYS A 292 -40.67 16.72 -20.86
C CYS A 292 -42.08 16.46 -20.37
N ASP A 293 -43.03 16.39 -21.30
CA ASP A 293 -44.45 16.27 -20.97
C ASP A 293 -45.06 14.93 -21.30
N TYR A 294 -45.94 14.46 -20.42
CA TYR A 294 -46.63 13.21 -20.62
C TYR A 294 -47.82 13.38 -21.57
N ASP A 295 -48.00 12.42 -22.45
CA ASP A 295 -49.10 12.43 -23.40
C ASP A 295 -50.07 11.31 -23.05
N GLU A 296 -51.20 11.66 -22.42
CA GLU A 296 -52.20 10.67 -22.03
C GLU A 296 -52.53 9.66 -23.14
N SER A 297 -52.62 10.15 -24.38
CA SER A 297 -53.08 9.33 -25.50
C SER A 297 -52.08 8.23 -25.91
N SER A 298 -50.80 8.59 -26.02
CA SER A 298 -49.79 7.63 -26.44
C SER A 298 -49.04 6.98 -25.28
N GLY A 299 -49.12 7.58 -24.10
CA GLY A 299 -48.38 7.08 -22.96
C GLY A 299 -46.89 7.38 -23.08
N ARG A 300 -46.53 8.21 -24.05
CA ARG A 300 -45.15 8.59 -24.28
C ARG A 300 -44.81 9.90 -23.55
N TRP A 301 -43.52 10.19 -23.42
CA TRP A 301 -43.09 11.48 -22.89
C TRP A 301 -42.48 12.27 -24.03
N ASN A 302 -42.92 13.49 -24.21
CA ASN A 302 -42.44 14.30 -25.33
C ASN A 302 -41.69 15.53 -24.87
N CYS A 303 -40.52 15.74 -25.47
CA CYS A 303 -39.66 16.87 -25.11
C CYS A 303 -39.52 17.78 -26.31
N LEU A 304 -40.38 18.78 -26.42
CA LEU A 304 -40.28 19.71 -27.53
C LEU A 304 -38.89 20.32 -27.63
N VAL A 305 -38.23 20.12 -28.76
CA VAL A 305 -36.89 20.65 -28.95
C VAL A 305 -36.89 22.17 -28.76
N ALA A 306 -38.04 22.77 -29.04
CA ALA A 306 -38.17 24.22 -29.07
C ALA A 306 -38.11 24.87 -27.68
N ARG A 307 -38.51 24.14 -26.64
CA ARG A 307 -38.54 24.73 -25.29
C ARG A 307 -37.37 24.32 -24.40
N GLN A 308 -36.30 23.83 -25.00
CA GLN A 308 -35.07 23.61 -24.27
C GLN A 308 -34.51 24.94 -23.78
N HIS A 309 -33.90 24.93 -22.61
CA HIS A 309 -33.16 26.09 -22.14
C HIS A 309 -31.66 25.76 -22.13
N ILE A 310 -30.87 26.62 -22.76
CA ILE A 310 -29.43 26.37 -22.89
C ILE A 310 -28.62 27.27 -21.96
N GLU A 311 -27.57 26.70 -21.38
CA GLU A 311 -26.69 27.47 -20.50
C GLU A 311 -25.25 27.24 -20.89
N MET A 312 -24.49 28.33 -20.99
CA MET A 312 -23.08 28.25 -21.39
C MET A 312 -22.24 29.14 -20.50
N SER A 313 -20.94 28.86 -20.46
CA SER A 313 -20.00 29.74 -19.79
C SER A 313 -18.78 29.90 -20.68
N THR A 314 -18.22 31.11 -20.72
CA THR A 314 -17.00 31.33 -21.51
C THR A 314 -15.77 31.44 -20.62
N THR A 315 -15.99 31.84 -19.37
CA THR A 315 -14.88 32.04 -18.44
C THR A 315 -14.61 30.81 -17.59
N GLY A 316 -15.56 29.88 -17.54
CA GLY A 316 -15.37 28.70 -16.71
C GLY A 316 -16.33 27.58 -17.02
N TRP A 317 -16.80 26.93 -15.95
CA TRP A 317 -17.69 25.77 -16.07
C TRP A 317 -19.09 26.27 -15.78
N VAL A 318 -20.10 25.41 -15.92
CA VAL A 318 -21.48 25.83 -15.58
C VAL A 318 -21.87 25.51 -14.13
N GLY A 319 -22.32 26.52 -13.40
CA GLY A 319 -22.74 26.34 -12.01
C GLY A 319 -21.56 26.36 -11.04
N ARG A 320 -21.83 26.40 -9.73
CA ARG A 320 -20.71 26.41 -8.78
C ARG A 320 -19.96 25.09 -8.85
N PHE A 321 -20.73 24.00 -8.88
CA PHE A 321 -20.19 22.66 -9.03
C PHE A 321 -20.91 21.92 -10.14
N ARG A 322 -22.10 22.43 -10.49
CA ARG A 322 -22.94 21.82 -11.51
C ARG A 322 -24.08 22.77 -11.83
N PRO A 323 -24.76 22.55 -12.97
CA PRO A 323 -25.90 23.41 -13.28
C PRO A 323 -26.86 23.47 -12.09
N SER A 324 -27.43 24.64 -11.82
CA SER A 324 -28.27 24.83 -10.64
C SER A 324 -29.65 24.17 -10.75
N GLU A 325 -30.30 23.98 -9.60
CA GLU A 325 -31.62 23.37 -9.53
C GLU A 325 -32.70 24.37 -9.93
N PRO A 326 -33.67 23.93 -10.78
CA PRO A 326 -34.82 24.77 -11.07
C PRO A 326 -35.89 24.62 -9.98
N HIS A 327 -36.52 25.72 -9.60
CA HIS A 327 -37.60 25.68 -8.63
C HIS A 327 -38.89 26.10 -9.30
N PHE A 328 -39.79 25.15 -9.49
CA PHE A 328 -40.96 25.36 -10.32
C PHE A 328 -42.12 26.01 -9.57
N THR A 329 -42.79 26.95 -10.22
CA THR A 329 -44.04 27.45 -9.68
C THR A 329 -45.02 26.29 -9.67
N LEU A 330 -46.01 26.36 -8.78
CA LEU A 330 -47.00 25.30 -8.65
C LEU A 330 -47.59 24.77 -9.95
N ASP A 331 -47.97 25.67 -10.86
CA ASP A 331 -48.59 25.27 -12.12
C ASP A 331 -47.61 24.65 -13.11
N GLY A 332 -46.32 24.82 -12.87
CA GLY A 332 -45.29 24.19 -13.69
C GLY A 332 -44.94 24.94 -14.96
N ASN A 333 -45.49 26.14 -15.14
CA ASN A 333 -45.27 26.94 -16.36
C ASN A 333 -44.11 27.90 -16.23
N SER A 334 -43.52 28.02 -15.06
CA SER A 334 -42.33 28.86 -14.92
C SER A 334 -41.47 28.38 -13.77
N PHE A 335 -40.24 28.86 -13.71
CA PHE A 335 -39.34 28.43 -12.64
C PHE A 335 -38.30 29.48 -12.33
N TYR A 336 -37.66 29.32 -11.18
CA TYR A 336 -36.61 30.21 -10.72
C TYR A 336 -35.36 29.39 -10.55
N LYS A 337 -34.22 29.96 -10.91
CA LYS A 337 -32.98 29.21 -10.77
C LYS A 337 -31.84 30.20 -10.67
N ILE A 338 -30.80 29.85 -9.91
CA ILE A 338 -29.65 30.72 -9.74
C ILE A 338 -28.77 30.66 -10.98
N ILE A 339 -28.38 31.83 -11.47
CA ILE A 339 -27.65 31.97 -12.72
C ILE A 339 -26.63 33.10 -12.54
N SER A 340 -25.42 32.93 -13.07
CA SER A 340 -24.42 34.00 -13.05
C SER A 340 -24.87 35.16 -13.95
N ASN A 341 -24.85 36.38 -13.44
CA ASN A 341 -25.34 37.49 -14.25
C ASN A 341 -24.22 38.10 -15.09
N GLU A 342 -24.49 39.27 -15.67
CA GLU A 342 -23.55 39.89 -16.59
C GLU A 342 -22.28 40.38 -15.89
N GLU A 343 -22.35 40.58 -14.58
CA GLU A 343 -21.18 40.97 -13.80
C GLU A 343 -20.45 39.78 -13.18
N GLY A 344 -20.91 38.57 -13.48
CA GLY A 344 -20.33 37.37 -12.89
C GLY A 344 -20.79 37.05 -11.47
N TYR A 345 -21.87 37.69 -11.02
CA TYR A 345 -22.46 37.39 -9.71
C TYR A 345 -23.70 36.54 -9.84
N ARG A 346 -23.79 35.50 -9.03
CA ARG A 346 -24.87 34.52 -9.12
C ARG A 346 -26.14 35.02 -8.45
N HIS A 347 -27.19 35.18 -9.26
CA HIS A 347 -28.43 35.71 -8.75
C HIS A 347 -29.63 34.93 -9.24
N ILE A 348 -30.79 35.19 -8.65
CA ILE A 348 -32.01 34.48 -9.00
C ILE A 348 -32.63 34.99 -10.28
N CYS A 349 -32.89 34.06 -11.18
CA CYS A 349 -33.44 34.34 -12.49
C CYS A 349 -34.82 33.72 -12.63
N TYR A 350 -35.75 34.46 -13.23
CA TYR A 350 -37.12 33.98 -13.44
C TYR A 350 -37.33 33.57 -14.90
N PHE A 351 -37.72 32.31 -15.11
CA PHE A 351 -37.88 31.74 -16.45
C PHE A 351 -39.35 31.42 -16.70
N GLN A 352 -39.84 31.82 -17.87
CA GLN A 352 -41.17 31.38 -18.27
C GLN A 352 -41.04 30.38 -19.41
N ILE A 353 -41.66 29.22 -19.25
CA ILE A 353 -41.53 28.17 -20.26
C ILE A 353 -42.14 28.63 -21.58
N ASP A 354 -41.42 28.43 -22.68
CA ASP A 354 -41.85 28.88 -24.00
C ASP A 354 -41.54 30.35 -24.29
N LYS A 355 -40.82 31.02 -23.40
CA LYS A 355 -40.41 32.40 -23.63
C LYS A 355 -38.90 32.51 -23.55
N LYS A 356 -38.33 33.49 -24.24
CA LYS A 356 -36.87 33.60 -24.34
C LYS A 356 -36.23 34.30 -23.15
N ASP A 357 -34.98 33.95 -22.87
CA ASP A 357 -34.21 34.62 -21.85
C ASP A 357 -34.86 34.40 -20.50
N CYS A 358 -34.30 35.02 -19.47
CA CYS A 358 -34.92 35.00 -18.17
C CYS A 358 -34.85 36.41 -17.61
N THR A 359 -35.52 36.64 -16.48
CA THR A 359 -35.52 37.94 -15.84
C THR A 359 -34.85 37.83 -14.49
N PHE A 360 -33.76 38.56 -14.30
CA PHE A 360 -33.10 38.62 -13.01
C PHE A 360 -33.94 39.37 -12.00
N ILE A 361 -34.31 38.70 -10.91
CA ILE A 361 -35.10 39.35 -9.87
C ILE A 361 -34.28 39.84 -8.67
N THR A 362 -33.02 39.42 -8.59
CA THR A 362 -32.06 39.98 -7.63
C THR A 362 -30.79 40.46 -8.32
N LYS A 363 -30.05 41.35 -7.66
CA LYS A 363 -28.79 41.83 -8.21
C LYS A 363 -27.93 42.48 -7.14
N GLY A 364 -26.65 42.68 -7.45
CA GLY A 364 -25.74 43.34 -6.54
C GLY A 364 -24.41 42.61 -6.49
N THR A 365 -23.48 43.17 -5.73
CA THR A 365 -22.15 42.59 -5.58
C THR A 365 -22.14 41.62 -4.41
N TRP A 366 -22.77 40.48 -4.61
CA TRP A 366 -22.92 39.48 -3.56
C TRP A 366 -23.69 38.38 -4.26
N GLU A 367 -23.81 37.23 -3.63
CA GLU A 367 -24.42 36.11 -4.35
C GLU A 367 -25.53 35.44 -3.57
N VAL A 368 -26.48 34.87 -4.30
CA VAL A 368 -27.49 34.02 -3.72
C VAL A 368 -26.91 32.61 -3.58
N ILE A 369 -27.02 32.04 -2.39
CA ILE A 369 -26.45 30.73 -2.08
C ILE A 369 -27.44 29.61 -2.46
N GLY A 370 -28.71 29.81 -2.14
CA GLY A 370 -29.71 28.83 -2.50
C GLY A 370 -31.10 29.41 -2.49
N ILE A 371 -31.98 28.87 -3.33
CA ILE A 371 -33.40 29.17 -3.25
C ILE A 371 -34.05 28.15 -2.31
N GLU A 372 -34.73 28.61 -1.26
CA GLU A 372 -35.19 27.70 -0.19
C GLU A 372 -36.67 27.35 -0.20
N ALA A 373 -37.53 28.26 -0.65
CA ALA A 373 -38.95 27.96 -0.79
C ALA A 373 -39.61 28.96 -1.72
N LEU A 374 -40.76 28.58 -2.24
CA LEU A 374 -41.47 29.41 -3.19
C LEU A 374 -42.93 29.26 -2.86
N THR A 375 -43.62 30.38 -2.66
CA THR A 375 -45.07 30.38 -2.49
C THR A 375 -45.65 31.31 -3.55
N SER A 376 -46.96 31.50 -3.53
CA SER A 376 -47.61 32.35 -4.53
C SER A 376 -47.19 33.82 -4.34
N ASP A 377 -46.88 34.20 -3.11
CA ASP A 377 -46.56 35.59 -2.79
C ASP A 377 -45.06 35.91 -2.74
N TYR A 378 -44.25 34.92 -2.36
CA TYR A 378 -42.84 35.18 -2.04
C TYR A 378 -41.95 34.04 -2.47
N LEU A 379 -40.71 34.38 -2.81
CA LEU A 379 -39.64 33.41 -2.95
C LEU A 379 -38.68 33.64 -1.80
N TYR A 380 -38.24 32.56 -1.16
CA TYR A 380 -37.32 32.65 -0.02
C TYR A 380 -35.96 32.13 -0.45
N TYR A 381 -34.90 32.87 -0.12
CA TYR A 381 -33.54 32.48 -0.51
C TYR A 381 -32.51 32.86 0.56
N ILE A 382 -31.40 32.13 0.59
CA ILE A 382 -30.24 32.45 1.43
C ILE A 382 -29.19 33.20 0.62
N SER A 383 -28.63 34.28 1.18
CA SER A 383 -27.57 35.00 0.48
C SER A 383 -26.55 35.55 1.46
N ASN A 384 -25.45 36.05 0.92
CA ASN A 384 -24.43 36.69 1.74
C ASN A 384 -24.43 38.22 1.57
N GLU A 385 -25.60 38.79 1.28
CA GLU A 385 -25.69 40.24 1.10
C GLU A 385 -25.34 41.01 2.36
N TYR A 386 -25.80 40.53 3.51
CA TYR A 386 -25.71 41.32 4.73
C TYR A 386 -24.29 41.80 5.06
N LYS A 387 -24.14 43.12 5.14
CA LYS A 387 -22.88 43.78 5.48
C LYS A 387 -21.74 43.47 4.51
N GLY A 388 -22.09 42.90 3.36
CA GLY A 388 -21.08 42.63 2.35
C GLY A 388 -20.06 41.60 2.83
N MET A 389 -20.46 40.74 3.76
CA MET A 389 -19.60 39.67 4.26
C MET A 389 -19.86 38.37 3.51
N PRO A 390 -18.95 37.97 2.61
CA PRO A 390 -19.21 36.79 1.79
C PRO A 390 -19.31 35.49 2.59
N GLY A 391 -18.78 35.50 3.81
CA GLY A 391 -18.82 34.34 4.69
C GLY A 391 -19.98 34.33 5.69
N GLY A 392 -20.92 35.25 5.54
CA GLY A 392 -22.13 35.22 6.35
C GLY A 392 -23.25 34.69 5.48
N ARG A 393 -24.32 34.19 6.11
CA ARG A 393 -25.51 33.70 5.41
C ARG A 393 -26.78 34.21 6.10
N ASN A 394 -27.71 34.79 5.35
CA ASN A 394 -29.00 35.18 5.91
C ASN A 394 -30.18 34.82 5.01
N LEU A 395 -31.33 34.61 5.63
CA LEU A 395 -32.58 34.33 4.94
C LEU A 395 -33.27 35.61 4.52
N TYR A 396 -33.65 35.70 3.25
CA TYR A 396 -34.46 36.79 2.72
C TYR A 396 -35.73 36.25 2.06
N LYS A 397 -36.72 37.13 1.90
CA LYS A 397 -37.86 36.84 1.04
C LYS A 397 -38.04 38.01 0.08
N ILE A 398 -38.43 37.70 -1.15
CA ILE A 398 -38.65 38.72 -2.15
C ILE A 398 -40.10 38.65 -2.63
N GLN A 399 -40.78 39.81 -2.62
CA GLN A 399 -42.19 39.87 -2.98
C GLN A 399 -42.36 39.67 -4.48
N LEU A 400 -43.04 38.59 -4.88
CA LEU A 400 -43.13 38.27 -6.30
C LEU A 400 -43.85 39.34 -7.13
N SER A 401 -44.70 40.15 -6.51
CA SER A 401 -45.43 41.18 -7.26
C SER A 401 -44.68 42.51 -7.32
N ASP A 402 -43.53 42.59 -6.64
CA ASP A 402 -42.69 43.79 -6.68
C ASP A 402 -41.28 43.43 -6.24
N TYR A 403 -40.43 43.12 -7.20
CA TYR A 403 -39.10 42.58 -6.92
C TYR A 403 -38.25 43.49 -6.04
N THR A 404 -38.63 44.77 -5.95
CA THR A 404 -37.82 45.71 -5.18
C THR A 404 -38.11 45.61 -3.69
N LYS A 405 -39.13 44.85 -3.33
CA LYS A 405 -39.43 44.69 -1.93
C LYS A 405 -38.80 43.40 -1.42
N VAL A 406 -37.61 43.53 -0.85
CA VAL A 406 -36.85 42.41 -0.34
C VAL A 406 -36.69 42.58 1.15
N THR A 407 -37.10 41.57 1.91
CA THR A 407 -37.08 41.65 3.35
C THR A 407 -36.10 40.64 3.94
N CYS A 408 -35.18 41.10 4.77
CA CYS A 408 -34.33 40.17 5.49
C CYS A 408 -35.06 39.60 6.69
N LEU A 409 -35.10 38.28 6.77
CA LEU A 409 -35.87 37.60 7.81
C LEU A 409 -35.04 37.19 9.05
N SER A 410 -33.71 37.19 8.91
CA SER A 410 -32.85 36.64 9.96
C SER A 410 -31.76 37.61 10.40
N CYS A 411 -31.53 38.64 9.62
CA CYS A 411 -30.40 39.54 9.85
C CYS A 411 -30.37 40.13 11.25
N GLU A 412 -31.52 40.59 11.72
CA GLU A 412 -31.53 41.31 13.00
C GLU A 412 -32.07 40.51 14.18
N LEU A 413 -32.24 39.20 14.01
CA LEU A 413 -32.75 38.38 15.10
C LEU A 413 -31.81 38.40 16.31
N ASN A 414 -30.51 38.21 16.06
CA ASN A 414 -29.48 38.40 17.08
C ASN A 414 -28.15 38.64 16.37
N PRO A 415 -27.91 39.89 16.01
CA PRO A 415 -26.83 40.30 15.12
C PRO A 415 -25.43 39.92 15.60
N GLU A 416 -25.23 39.80 16.91
CA GLU A 416 -23.88 39.52 17.38
C GLU A 416 -23.61 38.03 17.50
N ARG A 417 -24.62 37.26 17.89
CA ARG A 417 -24.46 35.82 18.02
C ARG A 417 -24.67 35.06 16.69
N CYS A 418 -25.51 35.59 15.82
CA CYS A 418 -25.95 34.83 14.66
C CYS A 418 -25.75 35.56 13.33
N GLN A 419 -24.85 35.02 12.51
CA GLN A 419 -24.57 35.61 11.21
C GLN A 419 -24.51 34.58 10.09
N TYR A 420 -24.84 33.33 10.39
CA TYR A 420 -24.75 32.24 9.40
C TYR A 420 -25.96 31.34 9.59
N TYR A 421 -26.96 31.47 8.72
CA TYR A 421 -28.20 30.71 8.86
C TYR A 421 -28.42 29.74 7.73
N SER A 422 -29.08 28.63 8.06
CA SER A 422 -29.70 27.77 7.07
C SER A 422 -31.15 27.65 7.54
N VAL A 423 -32.00 27.06 6.70
CA VAL A 423 -33.44 27.07 6.98
C VAL A 423 -34.10 25.79 6.51
N SER A 424 -35.19 25.42 7.15
CA SER A 424 -36.01 24.30 6.74
C SER A 424 -37.48 24.67 6.81
N PHE A 425 -38.13 24.76 5.65
CA PHE A 425 -39.55 25.12 5.58
C PHE A 425 -40.46 23.89 5.64
N SER A 426 -41.62 24.07 6.26
CA SER A 426 -42.68 23.06 6.26
C SER A 426 -43.21 22.89 4.85
N LYS A 427 -44.06 21.88 4.65
CA LYS A 427 -44.63 21.62 3.32
C LYS A 427 -45.55 22.79 2.98
N GLU A 428 -45.33 23.42 1.82
CA GLU A 428 -46.06 24.65 1.48
C GLU A 428 -45.59 25.88 2.25
N ALA A 429 -44.53 25.73 3.05
CA ALA A 429 -43.84 26.90 3.59
C ALA A 429 -44.64 27.77 4.56
N LYS A 430 -45.56 27.17 5.30
CA LYS A 430 -46.32 27.91 6.30
C LYS A 430 -45.45 28.23 7.54
N TYR A 431 -44.45 27.39 7.79
CA TYR A 431 -43.57 27.58 8.93
C TYR A 431 -42.14 27.30 8.53
N TYR A 432 -41.19 27.91 9.25
CA TYR A 432 -39.81 27.56 9.00
C TYR A 432 -38.99 27.53 10.27
N GLN A 433 -38.02 26.61 10.30
CA GLN A 433 -37.06 26.51 11.38
C GLN A 433 -35.78 27.18 10.92
N LEU A 434 -35.31 28.17 11.68
CA LEU A 434 -34.04 28.79 11.36
C LEU A 434 -32.97 28.08 12.18
N ARG A 435 -31.84 27.80 11.54
CA ARG A 435 -30.68 27.21 12.21
C ARG A 435 -29.49 28.13 12.04
N CYS A 436 -29.09 28.77 13.13
CA CYS A 436 -27.95 29.69 13.12
C CYS A 436 -26.75 28.88 13.56
N SER A 437 -25.66 28.98 12.80
CA SER A 437 -24.47 28.17 13.05
C SER A 437 -23.28 28.96 13.60
N GLY A 438 -23.43 30.27 13.77
CA GLY A 438 -22.35 31.09 14.30
C GLY A 438 -22.53 32.57 13.99
N PRO A 439 -21.65 33.43 14.52
CA PRO A 439 -20.38 33.11 15.19
C PRO A 439 -20.55 32.65 16.62
N GLY A 440 -21.73 32.81 17.20
CA GLY A 440 -21.98 32.30 18.54
C GLY A 440 -22.38 30.84 18.53
N LEU A 441 -22.81 30.32 19.68
CA LEU A 441 -23.27 28.93 19.74
C LEU A 441 -24.53 28.75 18.89
N PRO A 442 -24.63 27.61 18.21
CA PRO A 442 -25.81 27.33 17.36
C PRO A 442 -27.11 27.58 18.09
N LEU A 443 -28.07 28.14 17.36
CA LEU A 443 -29.36 28.52 17.92
C LEU A 443 -30.44 28.12 16.94
N TYR A 444 -31.40 27.31 17.39
CA TYR A 444 -32.46 26.79 16.53
C TYR A 444 -33.80 27.39 16.95
N THR A 445 -34.50 28.03 16.02
CA THR A 445 -35.78 28.69 16.31
C THR A 445 -36.86 28.34 15.29
N LEU A 446 -38.12 28.43 15.69
CA LEU A 446 -39.27 28.20 14.79
C LEU A 446 -40.03 29.50 14.53
N HIS A 447 -40.53 29.66 13.30
CA HIS A 447 -41.18 30.89 12.88
C HIS A 447 -42.38 30.55 11.99
N SER A 448 -43.39 31.41 11.96
CA SER A 448 -44.48 31.26 11.01
C SER A 448 -44.31 32.27 9.88
N SER A 449 -44.63 31.83 8.67
CA SER A 449 -44.40 32.62 7.47
C SER A 449 -45.39 33.77 7.34
N VAL A 450 -46.61 33.58 7.83
CA VAL A 450 -47.67 34.58 7.59
C VAL A 450 -47.21 36.02 7.86
N ASN A 451 -46.66 36.27 9.04
CA ASN A 451 -46.07 37.57 9.33
C ASN A 451 -44.63 37.50 9.83
N ASP A 452 -43.98 36.37 9.58
CA ASP A 452 -42.59 36.18 9.99
C ASP A 452 -42.40 36.41 11.48
N LYS A 453 -43.31 35.88 12.27
CA LYS A 453 -43.27 36.04 13.72
C LYS A 453 -42.51 34.86 14.31
N GLY A 454 -41.63 35.15 15.26
CA GLY A 454 -40.92 34.12 15.99
C GLY A 454 -41.90 33.40 16.88
N LEU A 455 -41.92 32.07 16.79
CA LEU A 455 -42.87 31.31 17.60
C LEU A 455 -42.22 30.91 18.91
N ARG A 456 -41.10 30.19 18.84
CA ARG A 456 -40.40 29.72 20.04
C ARG A 456 -38.97 29.30 19.74
N VAL A 457 -38.15 29.26 20.78
CA VAL A 457 -36.78 28.79 20.68
C VAL A 457 -36.79 27.28 20.84
N LEU A 458 -36.13 26.57 19.93
CA LEU A 458 -36.12 25.10 19.96
C LEU A 458 -34.90 24.52 20.70
N GLU A 459 -33.72 25.09 20.43
CA GLU A 459 -32.49 24.70 21.12
C GLU A 459 -31.53 25.86 21.09
N ASP A 460 -31.05 26.30 22.25
CA ASP A 460 -30.13 27.44 22.33
C ASP A 460 -28.75 27.06 22.88
N ASN A 461 -28.50 25.78 23.08
CA ASN A 461 -27.18 25.33 23.56
C ASN A 461 -26.71 25.97 24.88
N SER A 462 -27.67 26.30 25.75
CA SER A 462 -27.34 26.87 27.06
C SER A 462 -26.43 25.94 27.84
N ALA A 463 -26.70 24.64 27.76
CA ALA A 463 -25.86 23.64 28.42
C ALA A 463 -24.39 23.76 28.00
N LEU A 464 -24.12 23.71 26.70
CA LEU A 464 -22.77 23.95 26.22
C LEU A 464 -22.25 25.29 26.67
N ASP A 465 -23.09 26.32 26.60
CA ASP A 465 -22.63 27.66 26.97
C ASP A 465 -22.06 27.69 28.39
N LYS A 466 -22.79 27.08 29.32
CA LYS A 466 -22.39 27.07 30.73
C LYS A 466 -21.04 26.34 30.93
N MET A 467 -20.84 25.25 30.19
CA MET A 467 -19.58 24.52 30.27
C MET A 467 -18.41 25.31 29.70
N LEU A 468 -18.61 25.99 28.59
CA LEU A 468 -17.50 26.69 27.94
C LEU A 468 -17.05 27.92 28.71
N GLN A 469 -17.90 28.43 29.59
CA GLN A 469 -17.50 29.57 30.41
C GLN A 469 -16.35 29.21 31.33
N ASN A 470 -16.19 27.92 31.63
CA ASN A 470 -15.11 27.46 32.50
C ASN A 470 -13.81 27.17 31.75
N VAL A 471 -13.82 27.38 30.43
CA VAL A 471 -12.67 27.01 29.60
C VAL A 471 -12.06 28.26 28.97
N GLN A 472 -10.73 28.27 28.86
CA GLN A 472 -10.07 29.34 28.12
C GLN A 472 -10.19 29.11 26.61
N MET A 473 -11.29 29.57 26.03
CA MET A 473 -11.56 29.31 24.62
C MET A 473 -10.87 30.32 23.74
N PRO A 474 -10.56 29.92 22.50
CA PRO A 474 -9.98 30.86 21.54
C PRO A 474 -11.05 31.78 20.95
N SER A 475 -10.66 32.96 20.50
CA SER A 475 -11.57 33.83 19.77
C SER A 475 -11.31 33.64 18.29
N LYS A 476 -12.24 34.10 17.45
CA LYS A 476 -12.06 34.05 16.02
C LYS A 476 -12.14 35.45 15.40
N LYS A 477 -11.12 35.81 14.63
CA LYS A 477 -11.17 37.05 13.87
C LYS A 477 -11.45 36.74 12.42
N LEU A 478 -12.39 37.48 11.82
CA LEU A 478 -12.72 37.33 10.41
C LEU A 478 -12.53 38.69 9.79
N ASP A 479 -11.63 38.80 8.82
CA ASP A 479 -11.30 40.10 8.23
C ASP A 479 -10.77 39.90 6.81
N PHE A 480 -10.25 40.96 6.20
CA PHE A 480 -9.76 40.84 4.84
C PHE A 480 -8.48 41.62 4.60
N ILE A 481 -7.71 41.21 3.59
CA ILE A 481 -6.56 41.98 3.13
C ILE A 481 -6.80 42.37 1.68
N ILE A 482 -6.17 43.44 1.24
CA ILE A 482 -6.38 43.92 -0.12
C ILE A 482 -5.20 43.58 -0.98
N LEU A 483 -5.42 42.73 -1.98
CA LEU A 483 -4.39 42.37 -2.94
C LEU A 483 -4.84 42.82 -4.32
N ASN A 484 -4.00 43.63 -4.98
CA ASN A 484 -4.34 44.16 -6.30
C ASN A 484 -5.72 44.78 -6.32
N GLU A 485 -6.00 45.57 -5.29
CA GLU A 485 -7.28 46.26 -5.16
C GLU A 485 -8.50 45.33 -5.10
N THR A 486 -8.29 44.05 -4.78
CA THR A 486 -9.39 43.15 -4.48
C THR A 486 -9.36 42.73 -3.02
N LYS A 487 -10.53 42.67 -2.37
CA LYS A 487 -10.59 42.17 -1.01
C LYS A 487 -10.55 40.63 -0.98
N PHE A 488 -9.69 40.09 -0.13
CA PHE A 488 -9.65 38.65 0.09
C PHE A 488 -9.78 38.37 1.58
N TRP A 489 -10.71 37.49 1.93
CA TRP A 489 -11.10 37.29 3.32
C TRP A 489 -10.31 36.18 4.00
N TYR A 490 -10.04 36.36 5.29
CA TYR A 490 -9.32 35.34 6.05
C TYR A 490 -9.92 35.25 7.43
N GLN A 491 -9.74 34.11 8.07
CA GLN A 491 -10.04 34.00 9.49
C GLN A 491 -8.81 33.56 10.29
N MET A 492 -8.77 33.96 11.56
CA MET A 492 -7.78 33.47 12.51
C MET A 492 -8.45 32.94 13.76
N ILE A 493 -8.15 31.69 14.14
CA ILE A 493 -8.45 31.22 15.48
C ILE A 493 -7.32 31.68 16.40
N LEU A 494 -7.61 32.64 17.28
CA LEU A 494 -6.59 33.24 18.15
C LEU A 494 -6.61 32.61 19.55
N PRO A 495 -5.43 32.41 20.14
CA PRO A 495 -5.35 31.81 21.48
C PRO A 495 -6.01 32.69 22.53
N PRO A 496 -6.46 32.10 23.64
CA PRO A 496 -7.07 32.89 24.73
C PRO A 496 -6.14 33.99 25.22
N HIS A 497 -6.69 35.10 25.70
CA HIS A 497 -5.89 36.23 26.18
C HIS A 497 -4.86 36.63 25.15
N PHE A 498 -5.32 36.73 23.90
CA PHE A 498 -4.45 37.13 22.80
C PHE A 498 -3.77 38.48 23.05
N ASP A 499 -2.48 38.53 22.76
CA ASP A 499 -1.66 39.71 22.99
C ASP A 499 -0.88 40.07 21.72
N LYS A 500 -1.25 41.17 21.08
CA LYS A 500 -0.64 41.54 19.80
C LYS A 500 0.82 41.98 19.91
N SER A 501 1.29 42.22 21.14
CA SER A 501 2.68 42.57 21.36
C SER A 501 3.55 41.32 21.43
N LYS A 502 2.91 40.16 21.43
CA LYS A 502 3.64 38.90 21.45
C LYS A 502 3.79 38.32 20.04
N LYS A 503 4.66 37.35 19.89
CA LYS A 503 4.82 36.63 18.63
C LYS A 503 4.30 35.21 18.82
N TYR A 504 3.40 34.77 17.93
CA TYR A 504 2.86 33.43 18.00
C TYR A 504 3.27 32.60 16.78
N PRO A 505 3.43 31.29 16.95
CA PRO A 505 3.58 30.43 15.78
C PRO A 505 2.26 30.41 15.03
N LEU A 506 2.29 30.27 13.70
CA LEU A 506 1.06 30.26 12.91
C LEU A 506 0.96 29.01 12.04
N LEU A 507 -0.18 28.32 12.12
CA LEU A 507 -0.50 27.21 11.22
C LEU A 507 -1.53 27.68 10.18
N LEU A 508 -1.17 27.62 8.90
CA LEU A 508 -2.14 27.97 7.86
C LEU A 508 -2.89 26.72 7.47
N ASP A 509 -4.19 26.72 7.77
CA ASP A 509 -5.10 25.63 7.50
C ASP A 509 -5.72 25.84 6.11
N VAL A 510 -5.38 24.94 5.18
CA VAL A 510 -5.70 25.15 3.78
C VAL A 510 -6.70 24.16 3.19
N TYR A 511 -7.67 24.67 2.44
CA TYR A 511 -8.39 23.83 1.48
C TYR A 511 -8.23 24.41 0.09
N ALA A 512 -8.92 25.50 -0.20
CA ALA A 512 -8.62 26.29 -1.38
C ALA A 512 -9.05 25.68 -2.72
N GLY A 513 -9.89 24.65 -2.69
CA GLY A 513 -10.41 24.09 -3.93
C GLY A 513 -11.36 25.09 -4.56
N PRO A 514 -11.71 24.87 -5.84
CA PRO A 514 -12.60 25.80 -6.53
C PRO A 514 -13.93 25.94 -5.82
N CYS A 515 -14.33 27.20 -5.60
CA CYS A 515 -15.58 27.55 -4.93
C CYS A 515 -15.60 27.12 -3.46
N SER A 516 -14.42 27.03 -2.85
CA SER A 516 -14.33 26.77 -1.43
C SER A 516 -14.45 28.07 -0.64
N GLN A 517 -14.74 27.96 0.64
CA GLN A 517 -14.72 29.10 1.51
C GLN A 517 -14.24 28.63 2.87
N LYS A 518 -13.05 29.06 3.27
CA LYS A 518 -12.50 28.67 4.57
C LYS A 518 -12.53 29.82 5.60
N ALA A 519 -13.01 30.98 5.18
CA ALA A 519 -13.21 32.10 6.09
C ALA A 519 -14.70 32.37 6.17
N ASP A 520 -15.31 32.04 7.30
CA ASP A 520 -16.75 32.19 7.46
C ASP A 520 -17.09 32.50 8.93
N THR A 521 -18.38 32.67 9.23
CA THR A 521 -18.78 33.03 10.58
C THR A 521 -19.26 31.84 11.40
N VAL A 522 -18.94 30.63 10.95
CA VAL A 522 -19.43 29.42 11.62
C VAL A 522 -18.65 29.11 12.92
N PHE A 523 -19.36 28.72 13.96
CA PHE A 523 -18.74 28.30 15.21
C PHE A 523 -18.32 26.84 15.10
N ARG A 524 -17.04 26.55 15.39
CA ARG A 524 -16.56 25.16 15.30
C ARG A 524 -15.74 24.79 16.53
N LEU A 525 -15.84 23.53 16.94
CA LEU A 525 -14.99 22.97 17.99
C LEU A 525 -14.19 21.87 17.33
N ASN A 526 -12.94 22.15 17.00
CA ASN A 526 -12.16 21.22 16.19
C ASN A 526 -10.70 21.18 16.60
N TRP A 527 -9.86 20.56 15.77
CA TRP A 527 -8.45 20.45 16.09
C TRP A 527 -7.86 21.84 16.28
N ALA A 528 -8.27 22.79 15.45
CA ALA A 528 -7.74 24.16 15.55
C ALA A 528 -8.08 24.80 16.89
N THR A 529 -9.24 24.45 17.45
CA THR A 529 -9.64 24.95 18.75
C THR A 529 -8.60 24.50 19.79
N TYR A 530 -8.22 23.22 19.74
CA TYR A 530 -7.20 22.71 20.65
C TYR A 530 -5.85 23.41 20.44
N LEU A 531 -5.44 23.58 19.19
CA LEU A 531 -4.13 24.16 18.90
C LEU A 531 -4.03 25.59 19.42
N ALA A 532 -5.11 26.35 19.27
CA ALA A 532 -5.11 27.72 19.73
C ALA A 532 -5.25 27.77 21.26
N SER A 533 -6.23 27.06 21.80
CA SER A 533 -6.50 27.12 23.23
C SER A 533 -5.39 26.57 24.13
N THR A 534 -4.80 25.44 23.74
CA THR A 534 -3.82 24.73 24.56
C THR A 534 -2.37 24.99 24.18
N GLU A 535 -2.09 24.95 22.88
CA GLU A 535 -0.73 25.10 22.39
C GLU A 535 -0.39 26.55 22.00
N ASN A 536 -1.39 27.44 22.08
CA ASN A 536 -1.16 28.85 21.77
C ASN A 536 -0.69 29.09 20.35
N ILE A 537 -1.26 28.35 19.41
CA ILE A 537 -0.97 28.52 18.01
C ILE A 537 -2.11 29.26 17.35
N ILE A 538 -1.80 30.24 16.52
CA ILE A 538 -2.81 30.89 15.70
C ILE A 538 -3.09 29.99 14.50
N VAL A 539 -4.35 29.66 14.24
CA VAL A 539 -4.67 28.89 13.04
C VAL A 539 -5.43 29.77 12.05
N ALA A 540 -4.81 30.03 10.91
CA ALA A 540 -5.36 30.94 9.93
C ALA A 540 -5.81 30.20 8.66
N SER A 541 -6.87 30.72 8.04
CA SER A 541 -7.29 30.27 6.72
C SER A 541 -7.54 31.50 5.82
N PHE A 542 -7.35 31.32 4.52
CA PHE A 542 -7.40 32.42 3.58
C PHE A 542 -8.16 31.97 2.35
N ASP A 543 -9.06 32.83 1.88
CA ASP A 543 -9.82 32.53 0.67
C ASP A 543 -9.30 33.38 -0.47
N GLY A 544 -8.54 32.77 -1.37
CA GLY A 544 -7.87 33.50 -2.44
C GLY A 544 -8.51 33.24 -3.78
N ARG A 545 -7.76 33.43 -4.87
CA ARG A 545 -8.35 33.20 -6.18
C ARG A 545 -8.82 31.76 -6.30
N GLY A 546 -9.93 31.57 -6.99
CA GLY A 546 -10.58 30.28 -7.02
C GLY A 546 -11.65 30.10 -5.97
N SER A 547 -11.60 30.88 -4.89
CA SER A 547 -12.61 30.76 -3.83
C SER A 547 -14.03 31.19 -4.29
N GLY A 548 -15.04 30.87 -3.50
CA GLY A 548 -16.41 31.00 -3.96
C GLY A 548 -17.20 32.14 -3.33
N TYR A 549 -18.42 32.30 -3.82
CA TYR A 549 -19.42 33.17 -3.17
C TYR A 549 -19.04 34.64 -3.28
N GLN A 550 -18.10 34.95 -4.18
CA GLN A 550 -17.65 36.31 -4.41
C GLN A 550 -17.68 36.74 -5.88
N GLY A 551 -18.37 35.98 -6.73
CA GLY A 551 -18.44 36.32 -8.14
C GLY A 551 -17.46 35.55 -8.99
N ASP A 552 -17.67 35.54 -10.30
CA ASP A 552 -16.86 34.71 -11.20
C ASP A 552 -15.43 35.21 -11.43
N LYS A 553 -15.21 36.51 -11.30
CA LYS A 553 -13.88 37.06 -11.54
C LYS A 553 -12.90 36.34 -10.63
N ILE A 554 -13.33 36.10 -9.39
CA ILE A 554 -12.53 35.41 -8.40
C ILE A 554 -12.63 33.90 -8.59
N MET A 555 -13.84 33.36 -8.70
CA MET A 555 -13.98 31.90 -8.79
C MET A 555 -13.34 31.29 -10.04
N HIS A 556 -13.47 31.95 -11.19
CA HIS A 556 -12.99 31.41 -12.45
C HIS A 556 -11.53 31.72 -12.75
N ALA A 557 -10.88 32.48 -11.86
CA ALA A 557 -9.48 32.84 -12.05
C ALA A 557 -8.63 31.59 -12.24
N ILE A 558 -9.15 30.48 -11.75
CA ILE A 558 -8.42 29.21 -11.68
C ILE A 558 -8.76 28.26 -12.83
N ASN A 559 -9.62 28.72 -13.73
CA ASN A 559 -10.09 27.91 -14.87
C ASN A 559 -8.92 27.31 -15.67
N ARG A 560 -8.97 25.99 -15.91
CA ARG A 560 -7.93 25.29 -16.67
C ARG A 560 -6.52 25.42 -16.08
N ARG A 561 -6.43 25.95 -14.87
CA ARG A 561 -5.13 26.24 -14.25
C ARG A 561 -5.04 25.88 -12.77
N LEU A 562 -5.53 24.70 -12.38
CA LEU A 562 -5.40 24.26 -11.00
C LEU A 562 -3.91 24.19 -10.59
N GLY A 563 -3.63 24.49 -9.32
CA GLY A 563 -2.27 24.45 -8.83
C GLY A 563 -1.46 25.70 -9.18
N THR A 564 -2.14 26.79 -9.49
CA THR A 564 -1.44 28.04 -9.79
C THR A 564 -1.83 29.17 -8.81
N PHE A 565 -2.83 29.97 -9.17
CA PHE A 565 -3.19 31.14 -8.37
C PHE A 565 -3.60 30.81 -6.94
N GLU A 566 -4.34 29.71 -6.76
CA GLU A 566 -4.78 29.35 -5.42
C GLU A 566 -3.59 28.99 -4.52
N VAL A 567 -2.52 28.44 -5.11
CA VAL A 567 -1.30 28.12 -4.38
C VAL A 567 -0.49 29.39 -4.07
N GLU A 568 -0.20 30.18 -5.10
CA GLU A 568 0.44 31.49 -4.94
C GLU A 568 -0.21 32.33 -3.85
N ASP A 569 -1.54 32.34 -3.81
CA ASP A 569 -2.24 33.22 -2.89
C ASP A 569 -2.13 32.79 -1.43
N GLN A 570 -2.07 31.47 -1.21
CA GLN A 570 -1.83 30.95 0.15
C GLN A 570 -0.46 31.41 0.62
N ILE A 571 0.53 31.36 -0.27
CA ILE A 571 1.87 31.85 0.07
C ILE A 571 1.86 33.35 0.40
N GLU A 572 1.24 34.15 -0.46
CA GLU A 572 1.17 35.59 -0.26
C GLU A 572 0.40 35.97 1.01
N ALA A 573 -0.67 35.23 1.31
CA ALA A 573 -1.38 35.42 2.58
C ALA A 573 -0.47 35.19 3.78
N ALA A 574 0.34 34.13 3.71
CA ALA A 574 1.31 33.85 4.76
C ALA A 574 2.26 35.03 4.93
N ARG A 575 2.79 35.55 3.83
CA ARG A 575 3.65 36.74 3.87
C ARG A 575 2.94 37.91 4.54
N GLN A 576 1.69 38.12 4.15
CA GLN A 576 0.88 39.18 4.73
C GLN A 576 0.79 38.97 6.22
N PHE A 577 0.52 37.74 6.63
CA PHE A 577 0.32 37.43 8.04
C PHE A 577 1.59 37.71 8.86
N SER A 578 2.76 37.43 8.28
CA SER A 578 4.04 37.73 8.92
C SER A 578 4.22 39.22 9.17
N LYS A 579 3.91 40.02 8.17
CA LYS A 579 4.09 41.46 8.26
C LYS A 579 3.25 42.07 9.38
N MET A 580 2.27 41.32 9.88
CA MET A 580 1.54 41.67 11.08
C MET A 580 2.44 41.35 12.28
N GLY A 581 2.43 42.20 13.30
CA GLY A 581 3.45 42.14 14.33
C GLY A 581 3.34 41.04 15.36
N PHE A 582 2.30 40.21 15.27
CA PHE A 582 2.09 39.19 16.29
C PHE A 582 2.36 37.76 15.79
N VAL A 583 3.07 37.65 14.67
CA VAL A 583 3.43 36.37 14.08
C VAL A 583 4.95 36.14 14.04
N ASP A 584 5.39 35.04 14.63
CA ASP A 584 6.78 34.61 14.56
C ASP A 584 7.06 34.00 13.20
N ASN A 585 7.74 34.73 12.33
CA ASN A 585 7.91 34.23 10.96
C ASN A 585 8.87 33.06 10.80
N LYS A 586 9.53 32.68 11.90
CA LYS A 586 10.38 31.49 11.91
C LYS A 586 9.55 30.24 12.24
N ARG A 587 8.31 30.45 12.66
CA ARG A 587 7.43 29.32 12.94
C ARG A 587 6.09 29.43 12.25
N ILE A 588 6.10 29.25 10.93
CA ILE A 588 4.88 29.18 10.14
C ILE A 588 4.79 27.80 9.49
N ALA A 589 3.67 27.12 9.71
CA ALA A 589 3.41 25.80 9.15
C ALA A 589 2.18 25.85 8.26
N ILE A 590 1.89 24.75 7.57
CA ILE A 590 0.75 24.67 6.66
C ILE A 590 0.25 23.24 6.62
N TRP A 591 -1.06 23.04 6.57
CA TRP A 591 -1.60 21.69 6.47
C TRP A 591 -2.93 21.73 5.76
N GLY A 592 -3.27 20.62 5.14
CA GLY A 592 -4.53 20.51 4.42
C GLY A 592 -4.82 19.05 4.13
N TRP A 593 -6.09 18.78 3.82
CA TRP A 593 -6.56 17.43 3.57
C TRP A 593 -7.18 17.47 2.19
N SER A 594 -6.95 16.43 1.40
CA SER A 594 -7.60 16.30 0.10
C SER A 594 -7.07 17.40 -0.84
N TYR A 595 -7.96 18.19 -1.42
CA TYR A 595 -7.48 19.31 -2.22
C TYR A 595 -6.50 20.16 -1.40
N GLY A 596 -6.77 20.32 -0.11
CA GLY A 596 -5.86 21.06 0.74
C GLY A 596 -4.49 20.38 0.87
N GLY A 597 -4.47 19.05 0.77
CA GLY A 597 -3.22 18.30 0.88
C GLY A 597 -2.40 18.54 -0.38
N TYR A 598 -3.10 18.61 -1.51
CA TYR A 598 -2.47 19.00 -2.77
C TYR A 598 -1.89 20.42 -2.67
N VAL A 599 -2.70 21.38 -2.27
CA VAL A 599 -2.23 22.75 -2.18
C VAL A 599 -1.08 22.87 -1.17
N THR A 600 -1.22 22.22 -0.02
CA THR A 600 -0.14 22.20 0.96
C THR A 600 1.17 21.72 0.35
N SER A 601 1.10 20.67 -0.46
CA SER A 601 2.30 20.09 -1.06
C SER A 601 2.92 21.01 -2.09
N MET A 602 2.06 21.61 -2.91
CA MET A 602 2.52 22.54 -3.94
C MET A 602 3.20 23.73 -3.28
N VAL A 603 2.64 24.19 -2.16
CA VAL A 603 3.22 25.31 -1.42
C VAL A 603 4.58 24.96 -0.81
N LEU A 604 4.67 23.79 -0.16
CA LEU A 604 5.95 23.35 0.39
C LEU A 604 6.98 23.16 -0.70
N GLY A 605 6.51 22.84 -1.90
CA GLY A 605 7.40 22.59 -3.02
C GLY A 605 7.69 23.81 -3.86
N SER A 606 7.20 24.98 -3.44
CA SER A 606 7.38 26.20 -4.24
C SER A 606 8.74 26.83 -4.03
N GLY A 607 9.41 26.47 -2.95
CA GLY A 607 10.70 27.05 -2.63
C GLY A 607 10.60 28.48 -2.14
N SER A 608 9.45 28.82 -1.57
CA SER A 608 9.16 30.19 -1.19
C SER A 608 9.93 30.62 0.05
N GLY A 609 10.33 29.64 0.86
CA GLY A 609 11.03 29.93 2.10
C GLY A 609 10.14 30.43 3.24
N VAL A 610 8.85 30.54 3.00
CA VAL A 610 7.95 31.10 4.03
C VAL A 610 7.61 30.07 5.12
N PHE A 611 7.54 28.80 4.73
CA PHE A 611 7.03 27.76 5.61
C PHE A 611 8.12 26.83 6.12
N LYS A 612 8.14 26.64 7.43
CA LYS A 612 9.12 25.77 8.05
C LYS A 612 8.75 24.30 7.84
N CYS A 613 7.45 23.99 7.92
CA CYS A 613 7.00 22.61 7.86
C CYS A 613 5.53 22.51 7.43
N GLY A 614 5.09 21.31 7.10
CA GLY A 614 3.72 21.12 6.62
C GLY A 614 3.27 19.67 6.61
N ILE A 615 1.96 19.48 6.62
CA ILE A 615 1.36 18.16 6.65
C ILE A 615 0.34 18.06 5.51
N ALA A 616 0.45 17.02 4.68
CA ALA A 616 -0.54 16.80 3.64
C ALA A 616 -1.23 15.49 3.92
N VAL A 617 -2.55 15.53 4.05
CA VAL A 617 -3.30 14.30 4.29
C VAL A 617 -4.09 13.95 3.03
N ALA A 618 -3.90 12.73 2.54
CA ALA A 618 -4.60 12.24 1.36
C ALA A 618 -4.61 13.27 0.23
N PRO A 619 -3.42 13.77 -0.17
CA PRO A 619 -3.37 14.79 -1.20
C PRO A 619 -3.57 14.20 -2.59
N VAL A 620 -4.10 14.98 -3.52
CA VAL A 620 -3.93 14.70 -4.91
C VAL A 620 -2.49 15.08 -5.25
N SER A 621 -1.83 14.34 -6.13
CA SER A 621 -0.47 14.67 -6.55
C SER A 621 -0.33 15.00 -8.04
N ARG A 622 -1.24 14.47 -8.85
CA ARG A 622 -1.32 14.94 -10.25
C ARG A 622 -2.71 14.68 -10.78
N TRP A 623 -3.22 15.61 -11.59
CA TRP A 623 -4.63 15.59 -11.91
C TRP A 623 -5.10 14.40 -12.76
N GLU A 624 -4.19 13.76 -13.48
CA GLU A 624 -4.57 12.56 -14.21
C GLU A 624 -4.99 11.40 -13.31
N TYR A 625 -4.63 11.46 -12.02
CA TYR A 625 -5.02 10.39 -11.10
C TYR A 625 -6.41 10.58 -10.48
N TYR A 626 -6.95 11.79 -10.54
CA TYR A 626 -8.25 12.06 -9.89
C TYR A 626 -9.42 11.81 -10.86
N ASP A 627 -10.66 11.84 -10.36
CA ASP A 627 -11.79 11.43 -11.22
C ASP A 627 -12.13 12.42 -12.34
N SER A 628 -12.76 11.91 -13.38
CA SER A 628 -13.00 12.69 -14.60
C SER A 628 -13.93 13.86 -14.37
N VAL A 629 -15.08 13.61 -13.72
CA VAL A 629 -16.11 14.63 -13.57
C VAL A 629 -15.61 15.85 -12.83
N TYR A 630 -14.91 15.65 -11.72
CA TYR A 630 -14.41 16.78 -10.96
C TYR A 630 -13.23 17.44 -11.67
N THR A 631 -12.28 16.61 -12.09
CA THR A 631 -11.04 17.13 -12.63
C THR A 631 -11.26 17.88 -13.94
N GLU A 632 -11.99 17.26 -14.86
CA GLU A 632 -12.17 17.85 -16.18
C GLU A 632 -13.04 19.10 -16.11
N ARG A 633 -13.83 19.22 -15.04
CA ARG A 633 -14.62 20.41 -14.84
C ARG A 633 -13.75 21.65 -14.84
N TYR A 634 -12.59 21.56 -14.17
CA TYR A 634 -11.67 22.69 -14.06
C TYR A 634 -10.50 22.61 -15.02
N MET A 635 -10.19 21.40 -15.49
CA MET A 635 -8.93 21.20 -16.20
C MET A 635 -9.05 20.84 -17.69
N GLY A 636 -10.25 20.60 -18.17
CA GLY A 636 -10.43 20.14 -19.54
C GLY A 636 -9.87 18.73 -19.62
N LEU A 637 -9.58 18.26 -20.82
CA LEU A 637 -9.00 16.93 -21.00
C LEU A 637 -7.48 17.00 -21.07
N PRO A 638 -6.81 15.93 -20.61
CA PRO A 638 -5.36 15.85 -20.63
C PRO A 638 -4.83 15.36 -21.98
N THR A 639 -5.17 16.07 -23.06
CA THR A 639 -4.70 15.72 -24.40
C THR A 639 -3.94 16.89 -24.98
N PRO A 640 -3.03 16.61 -25.93
CA PRO A 640 -2.17 17.65 -26.51
C PRO A 640 -2.97 18.80 -27.15
N GLU A 641 -4.13 18.47 -27.71
CA GLU A 641 -5.04 19.47 -28.28
C GLU A 641 -5.83 20.27 -27.23
N ASP A 642 -5.99 19.73 -26.02
CA ASP A 642 -6.69 20.47 -24.97
C ASP A 642 -5.72 21.03 -23.91
N ASN A 643 -5.61 20.37 -22.76
CA ASN A 643 -4.88 20.99 -21.66
C ASN A 643 -3.74 20.15 -21.08
N LEU A 644 -3.24 19.16 -21.83
CA LEU A 644 -2.17 18.29 -21.35
C LEU A 644 -0.94 19.02 -20.78
N ASP A 645 -0.54 20.12 -21.40
CA ASP A 645 0.61 20.84 -20.89
C ASP A 645 0.43 21.28 -19.43
N HIS A 646 -0.73 21.81 -19.08
CA HIS A 646 -0.90 22.21 -17.68
C HIS A 646 -1.17 21.03 -16.70
N TYR A 647 -1.78 19.96 -17.18
CA TYR A 647 -1.82 18.74 -16.39
C TYR A 647 -0.40 18.32 -15.97
N ARG A 648 0.56 18.44 -16.90
CA ARG A 648 1.94 17.99 -16.65
C ARG A 648 2.78 18.96 -15.82
N ASN A 649 2.41 20.24 -15.86
CA ASN A 649 3.14 21.30 -15.17
C ASN A 649 2.62 21.53 -13.74
N SER A 650 1.61 20.77 -13.32
CA SER A 650 0.92 21.06 -12.08
C SER A 650 0.94 19.89 -11.12
N THR A 651 1.97 19.06 -11.23
CA THR A 651 2.12 17.93 -10.33
C THR A 651 2.97 18.30 -9.13
N VAL A 652 2.74 17.63 -8.00
CA VAL A 652 3.61 17.74 -6.83
C VAL A 652 5.01 17.15 -7.13
N MET A 653 5.03 16.01 -7.83
CA MET A 653 6.27 15.29 -8.11
C MET A 653 7.37 16.17 -8.72
N SER A 654 6.99 17.08 -9.63
CA SER A 654 7.98 17.90 -10.32
C SER A 654 8.63 18.94 -9.40
N ARG A 655 8.09 19.13 -8.20
CA ARG A 655 8.67 20.07 -7.24
C ARG A 655 9.50 19.39 -6.14
N ALA A 656 9.75 18.09 -6.31
CA ALA A 656 10.41 17.30 -5.26
C ALA A 656 11.67 17.93 -4.68
N GLU A 657 12.57 18.41 -5.55
CA GLU A 657 13.85 18.96 -5.09
C GLU A 657 13.65 20.05 -4.03
N ASN A 658 12.60 20.84 -4.18
CA ASN A 658 12.37 21.97 -3.30
C ASN A 658 11.99 21.59 -1.88
N PHE A 659 11.53 20.34 -1.70
CA PHE A 659 11.22 19.84 -0.36
C PHE A 659 12.44 19.65 0.53
N LYS A 660 13.64 19.85 0.00
CA LYS A 660 14.82 19.80 0.87
C LYS A 660 14.83 20.97 1.85
N GLN A 661 14.08 22.03 1.54
CA GLN A 661 14.06 23.20 2.40
C GLN A 661 13.04 23.12 3.57
N VAL A 662 12.27 22.04 3.66
CA VAL A 662 11.18 21.97 4.64
C VAL A 662 11.03 20.61 5.32
N GLU A 663 10.32 20.57 6.45
CA GLU A 663 9.93 19.29 7.06
C GLU A 663 8.51 18.95 6.62
N TYR A 664 8.32 17.76 6.07
CA TYR A 664 7.06 17.38 5.42
C TYR A 664 6.58 16.09 6.04
N LEU A 665 5.29 16.05 6.38
CA LEU A 665 4.67 14.83 6.83
C LEU A 665 3.57 14.47 5.84
N LEU A 666 3.67 13.29 5.23
CA LEU A 666 2.71 12.82 4.23
C LEU A 666 1.90 11.65 4.80
N ILE A 667 0.58 11.78 4.78
CA ILE A 667 -0.29 10.76 5.38
C ILE A 667 -1.36 10.33 4.39
N HIS A 668 -1.64 9.03 4.31
CA HIS A 668 -2.68 8.53 3.40
C HIS A 668 -3.28 7.21 3.88
N GLY A 669 -4.57 7.02 3.70
CA GLY A 669 -5.18 5.73 4.00
C GLY A 669 -5.07 4.76 2.83
N THR A 670 -4.77 3.48 3.11
CA THR A 670 -4.49 2.56 2.02
C THR A 670 -5.73 2.13 1.24
N ALA A 671 -6.90 2.25 1.86
CA ALA A 671 -8.14 1.87 1.17
C ALA A 671 -8.90 3.10 0.69
N ASP A 672 -8.18 4.16 0.36
CA ASP A 672 -8.82 5.38 -0.10
C ASP A 672 -9.33 5.15 -1.52
N ASP A 673 -10.65 5.00 -1.66
CA ASP A 673 -11.30 4.77 -2.95
C ASP A 673 -11.47 6.07 -3.72
N ASN A 674 -11.24 7.21 -3.06
CA ASN A 674 -11.49 8.52 -3.64
C ASN A 674 -10.22 9.14 -4.20
N VAL A 675 -9.32 9.57 -3.32
CA VAL A 675 -8.00 10.01 -3.74
C VAL A 675 -7.09 8.82 -3.49
N HIS A 676 -6.73 8.10 -4.55
CA HIS A 676 -6.13 6.77 -4.40
C HIS A 676 -4.78 6.84 -3.71
N PHE A 677 -4.46 5.83 -2.92
CA PHE A 677 -3.16 5.80 -2.25
C PHE A 677 -2.03 6.07 -3.24
N GLN A 678 -2.23 5.59 -4.48
CA GLN A 678 -1.35 5.89 -5.62
C GLN A 678 -0.84 7.33 -5.65
N GLN A 679 -1.68 8.30 -5.31
CA GLN A 679 -1.24 9.69 -5.40
C GLN A 679 -0.08 9.98 -4.42
N SER A 680 -0.20 9.50 -3.18
CA SER A 680 0.90 9.66 -2.23
C SER A 680 2.06 8.69 -2.54
N ALA A 681 1.73 7.49 -3.01
CA ALA A 681 2.79 6.55 -3.42
C ALA A 681 3.73 7.21 -4.43
N GLN A 682 3.19 8.01 -5.34
CA GLN A 682 4.02 8.70 -6.33
C GLN A 682 4.76 9.90 -5.76
N ILE A 683 4.16 10.61 -4.81
CA ILE A 683 4.88 11.70 -4.16
C ILE A 683 6.10 11.16 -3.43
N SER A 684 5.92 10.11 -2.62
CA SER A 684 7.05 9.59 -1.85
C SER A 684 8.16 9.08 -2.76
N LYS A 685 7.78 8.44 -3.86
CA LYS A 685 8.76 7.92 -4.81
C LYS A 685 9.61 9.05 -5.39
N ALA A 686 9.00 10.18 -5.69
CA ALA A 686 9.72 11.32 -6.26
C ALA A 686 10.69 11.95 -5.25
N LEU A 687 10.26 12.06 -4.00
CA LEU A 687 11.14 12.56 -2.94
C LEU A 687 12.33 11.63 -2.72
N VAL A 688 12.06 10.34 -2.58
CA VAL A 688 13.13 9.35 -2.51
C VAL A 688 14.10 9.52 -3.68
N ASP A 689 13.56 9.57 -4.91
CA ASP A 689 14.41 9.59 -6.10
C ASP A 689 15.38 10.76 -6.12
N VAL A 690 15.06 11.79 -5.36
CA VAL A 690 15.81 13.03 -5.40
C VAL A 690 16.58 13.27 -4.08
N GLY A 691 16.52 12.31 -3.17
CA GLY A 691 17.27 12.36 -1.93
C GLY A 691 16.74 13.27 -0.84
N VAL A 692 15.42 13.47 -0.79
CA VAL A 692 14.81 14.36 0.20
C VAL A 692 14.24 13.56 1.33
N ASP A 693 14.66 13.83 2.57
CA ASP A 693 14.08 13.15 3.71
C ASP A 693 12.74 13.79 4.06
N PHE A 694 11.82 12.99 4.57
CA PHE A 694 10.49 13.47 4.93
C PHE A 694 9.89 12.42 5.85
N GLN A 695 8.76 12.74 6.46
CA GLN A 695 8.06 11.80 7.33
C GLN A 695 6.79 11.30 6.68
N ALA A 696 6.36 10.10 7.06
CA ALA A 696 5.19 9.49 6.41
C ALA A 696 4.41 8.63 7.39
N MET A 697 3.15 8.35 7.04
CA MET A 697 2.34 7.44 7.82
C MET A 697 1.24 6.93 6.92
N TRP A 698 1.13 5.61 6.77
CA TRP A 698 0.00 5.05 6.07
C TRP A 698 -1.02 4.62 7.13
N TYR A 699 -2.30 4.55 6.77
CA TYR A 699 -3.33 4.03 7.68
C TYR A 699 -4.01 2.86 6.99
N THR A 700 -3.68 1.66 7.45
CA THR A 700 -4.23 0.43 6.87
C THR A 700 -5.76 0.38 6.86
N ASP A 701 -6.33 0.16 5.67
CA ASP A 701 -7.78 -0.06 5.51
C ASP A 701 -8.65 1.18 5.80
N GLU A 702 -8.03 2.34 6.01
CA GLU A 702 -8.79 3.59 6.16
C GLU A 702 -9.03 4.21 4.79
N ASP A 703 -10.15 4.89 4.63
CA ASP A 703 -10.48 5.51 3.36
C ASP A 703 -10.17 7.00 3.40
N HIS A 704 -10.84 7.79 2.58
CA HIS A 704 -10.50 9.21 2.45
C HIS A 704 -10.71 9.99 3.74
N GLY A 705 -11.68 9.57 4.55
CA GLY A 705 -12.01 10.29 5.76
C GLY A 705 -11.12 9.94 6.95
N ILE A 706 -10.35 8.85 6.83
CA ILE A 706 -9.56 8.34 7.94
C ILE A 706 -10.36 8.54 9.23
N ALA A 707 -11.57 8.00 9.24
CA ALA A 707 -12.59 8.40 10.20
C ALA A 707 -13.01 7.36 11.22
N SER A 708 -12.48 6.14 11.10
CA SER A 708 -12.78 5.17 12.15
C SER A 708 -12.33 5.80 13.46
N SER A 709 -12.95 5.41 14.56
CA SER A 709 -12.67 6.05 15.84
C SER A 709 -11.18 5.98 16.22
N THR A 710 -10.56 4.81 16.06
CA THR A 710 -9.16 4.68 16.46
C THR A 710 -8.19 5.39 15.50
N ALA A 711 -8.48 5.37 14.20
CA ALA A 711 -7.59 6.02 13.23
C ALA A 711 -7.64 7.55 13.39
N HIS A 712 -8.86 8.07 13.59
CA HIS A 712 -9.08 9.50 13.78
C HIS A 712 -8.29 9.99 14.99
N GLN A 713 -8.38 9.26 16.09
CA GLN A 713 -7.60 9.61 17.26
C GLN A 713 -6.11 9.52 16.96
N HIS A 714 -5.71 8.48 16.23
CA HIS A 714 -4.29 8.29 15.97
C HIS A 714 -3.71 9.39 15.09
N ILE A 715 -4.44 9.79 14.05
CA ILE A 715 -3.86 10.75 13.10
C ILE A 715 -3.76 12.15 13.69
N TYR A 716 -4.72 12.55 14.52
CA TYR A 716 -4.63 13.88 15.11
C TYR A 716 -3.57 13.93 16.21
N THR A 717 -3.38 12.81 16.89
CA THR A 717 -2.32 12.68 17.86
C THR A 717 -0.96 12.75 17.16
N HIS A 718 -0.82 12.02 16.05
CA HIS A 718 0.42 12.05 15.29
C HIS A 718 0.73 13.44 14.76
N MET A 719 -0.27 14.10 14.16
CA MET A 719 -0.06 15.43 13.62
C MET A 719 0.27 16.43 14.73
N SER A 720 -0.39 16.30 15.89
CA SER A 720 -0.11 17.20 17.00
C SER A 720 1.36 17.14 17.44
N HIS A 721 1.88 15.92 17.59
CA HIS A 721 3.31 15.74 17.91
C HIS A 721 4.17 16.41 16.85
N PHE A 722 3.81 16.25 15.59
CA PHE A 722 4.63 16.80 14.52
C PHE A 722 4.67 18.33 14.55
N ILE A 723 3.52 18.98 14.70
CA ILE A 723 3.46 20.44 14.83
C ILE A 723 4.17 20.92 16.08
N LYS A 724 3.94 20.25 17.20
CA LYS A 724 4.60 20.63 18.45
C LYS A 724 6.13 20.54 18.37
N GLN A 725 6.66 19.53 17.68
CA GLN A 725 8.10 19.44 17.45
C GLN A 725 8.62 20.56 16.55
N CYS A 726 7.92 20.79 15.45
CA CYS A 726 8.31 21.82 14.48
C CYS A 726 8.26 23.22 15.09
N PHE A 727 7.41 23.40 16.11
CA PHE A 727 7.28 24.70 16.74
C PHE A 727 8.08 24.84 18.03
N SER A 728 8.83 23.79 18.39
CA SER A 728 9.59 23.74 19.64
C SER A 728 8.69 23.95 20.86
N LEU A 729 7.53 23.30 20.86
CA LEU A 729 6.54 23.51 21.91
C LEU A 729 6.52 22.39 22.96
N PRO A 730 6.58 22.79 24.25
CA PRO A 730 6.52 21.84 25.38
C PRO A 730 5.21 21.05 25.41
N ARG B 4 42.86 12.65 11.12
CA ARG B 4 42.19 11.58 10.37
C ARG B 4 40.68 11.79 10.33
N LYS B 5 40.09 11.55 9.16
CA LYS B 5 38.65 11.60 9.02
C LYS B 5 38.04 10.28 9.50
N THR B 6 36.72 10.28 9.57
CA THR B 6 35.98 9.14 10.07
C THR B 6 35.27 8.45 8.89
N TYR B 7 34.68 7.28 9.12
CA TYR B 7 33.94 6.58 8.07
C TYR B 7 32.50 7.07 8.11
N THR B 8 32.12 7.90 7.14
CA THR B 8 30.85 8.65 7.18
C THR B 8 29.70 7.92 6.49
N LEU B 9 28.48 8.41 6.69
CA LEU B 9 27.33 7.79 6.04
C LEU B 9 27.49 7.81 4.53
N THR B 10 27.96 8.94 4.00
CA THR B 10 28.19 9.07 2.56
C THR B 10 29.24 8.09 2.02
N ASP B 11 30.23 7.78 2.86
CA ASP B 11 31.26 6.81 2.47
C ASP B 11 30.62 5.45 2.24
N TYR B 12 29.78 5.05 3.19
CA TYR B 12 29.01 3.81 3.09
C TYR B 12 28.12 3.82 1.84
N LEU B 13 27.35 4.87 1.67
CA LEU B 13 26.30 4.92 0.64
C LEU B 13 26.88 5.09 -0.77
N LYS B 14 27.99 5.82 -0.88
CA LYS B 14 28.64 6.01 -2.17
C LYS B 14 29.71 4.95 -2.47
N ASN B 15 29.96 4.04 -1.53
CA ASN B 15 30.92 2.99 -1.76
C ASN B 15 32.33 3.55 -1.99
N THR B 16 32.69 4.55 -1.18
CA THR B 16 33.99 5.21 -1.33
C THR B 16 35.18 4.26 -1.10
N TYR B 17 35.07 3.37 -0.13
CA TYR B 17 36.11 2.40 0.16
C TYR B 17 35.70 0.99 -0.30
N ARG B 18 36.22 0.56 -1.44
CA ARG B 18 35.73 -0.66 -2.08
C ARG B 18 36.63 -1.88 -1.86
N LEU B 19 36.01 -3.02 -1.54
CA LEU B 19 36.73 -4.28 -1.44
C LEU B 19 36.95 -4.85 -2.84
N LYS B 20 38.19 -5.19 -3.15
CA LYS B 20 38.48 -5.87 -4.42
C LYS B 20 38.26 -7.36 -4.26
N LEU B 21 37.85 -8.00 -5.35
CA LEU B 21 37.59 -9.44 -5.34
C LEU B 21 38.53 -10.09 -6.34
N TYR B 22 38.53 -11.42 -6.38
CA TYR B 22 39.20 -12.14 -7.47
C TYR B 22 38.28 -13.29 -7.87
N SER B 23 37.39 -13.00 -8.79
CA SER B 23 36.37 -13.96 -9.17
C SER B 23 36.84 -14.72 -10.40
N LEU B 24 37.16 -15.98 -10.23
CA LEU B 24 37.65 -16.76 -11.36
C LEU B 24 36.71 -17.91 -11.66
N ARG B 25 36.76 -18.40 -12.89
CA ARG B 25 36.02 -19.60 -13.21
C ARG B 25 36.96 -20.66 -13.74
N TRP B 26 37.05 -21.78 -13.02
CA TRP B 26 37.85 -22.89 -13.48
C TRP B 26 37.27 -23.49 -14.75
N ILE B 27 38.14 -23.69 -15.72
CA ILE B 27 37.75 -24.13 -17.05
C ILE B 27 38.25 -25.55 -17.32
N SER B 28 39.16 -26.01 -16.46
CA SER B 28 39.73 -27.33 -16.61
C SER B 28 40.48 -27.67 -15.32
N ASP B 29 41.30 -28.71 -15.38
CA ASP B 29 42.05 -29.07 -14.22
C ASP B 29 43.18 -28.09 -13.92
N HIS B 30 43.52 -27.24 -14.89
CA HIS B 30 44.70 -26.39 -14.70
C HIS B 30 44.62 -24.93 -15.18
N GLU B 31 43.48 -24.53 -15.73
CA GLU B 31 43.30 -23.17 -16.25
C GLU B 31 42.02 -22.55 -15.73
N TYR B 32 42.01 -21.22 -15.61
CA TYR B 32 40.80 -20.49 -15.25
C TYR B 32 40.59 -19.21 -16.06
N LEU B 33 39.33 -18.79 -16.14
CA LEU B 33 38.98 -17.53 -16.77
C LEU B 33 38.92 -16.45 -15.72
N TYR B 34 39.40 -15.26 -16.06
CA TYR B 34 39.35 -14.14 -15.15
C TYR B 34 39.11 -12.92 -16.01
N LYS B 35 38.18 -12.07 -15.61
CA LYS B 35 37.86 -10.87 -16.38
C LYS B 35 38.56 -9.69 -15.76
N GLN B 36 39.48 -9.09 -16.50
CA GLN B 36 40.25 -7.95 -16.02
C GLN B 36 40.13 -6.79 -17.00
N GLU B 37 39.69 -5.64 -16.50
CA GLU B 37 39.47 -4.46 -17.34
C GLU B 37 38.57 -4.80 -18.52
N ASN B 38 37.52 -5.59 -18.26
CA ASN B 38 36.61 -6.03 -19.30
C ASN B 38 37.20 -6.97 -20.34
N ASN B 39 38.50 -7.25 -20.25
CA ASN B 39 39.09 -8.28 -21.08
C ASN B 39 38.92 -9.62 -20.38
N ILE B 40 38.55 -10.65 -21.12
CA ILE B 40 38.49 -11.98 -20.56
C ILE B 40 39.80 -12.73 -20.81
N LEU B 41 40.43 -13.17 -19.73
CA LEU B 41 41.74 -13.82 -19.79
C LEU B 41 41.65 -15.30 -19.41
N VAL B 42 42.59 -16.09 -19.93
CA VAL B 42 42.76 -17.46 -19.50
C VAL B 42 44.08 -17.50 -18.73
N PHE B 43 44.05 -18.04 -17.51
CA PHE B 43 45.26 -18.18 -16.71
C PHE B 43 45.67 -19.64 -16.59
N ASN B 44 46.98 -19.88 -16.62
CA ASN B 44 47.57 -21.17 -16.33
C ASN B 44 47.89 -21.18 -14.84
N ALA B 45 47.30 -22.12 -14.10
CA ALA B 45 47.41 -22.09 -12.63
C ALA B 45 48.84 -22.37 -12.15
N GLU B 46 49.51 -23.31 -12.81
CA GLU B 46 50.82 -23.73 -12.35
C GLU B 46 51.85 -22.60 -12.43
N TYR B 47 51.86 -21.89 -13.55
CA TYR B 47 52.92 -20.92 -13.80
C TYR B 47 52.46 -19.46 -13.74
N GLY B 48 51.16 -19.24 -13.91
CA GLY B 48 50.59 -17.93 -13.71
C GLY B 48 50.55 -17.11 -14.97
N ASN B 49 51.05 -17.67 -16.07
CA ASN B 49 51.02 -16.92 -17.32
C ASN B 49 49.60 -16.87 -17.84
N SER B 50 49.31 -15.87 -18.66
CA SER B 50 47.96 -15.66 -19.17
C SER B 50 47.96 -15.22 -20.62
N SER B 51 46.80 -15.39 -21.26
CA SER B 51 46.54 -14.94 -22.61
C SER B 51 45.19 -14.25 -22.68
N VAL B 52 45.11 -13.17 -23.45
CA VAL B 52 43.84 -12.50 -23.65
C VAL B 52 42.96 -13.37 -24.55
N PHE B 53 41.80 -13.77 -24.04
CA PHE B 53 40.91 -14.66 -24.79
C PHE B 53 39.87 -13.86 -25.57
N LEU B 54 39.43 -12.73 -25.00
CA LEU B 54 38.50 -11.85 -25.67
C LEU B 54 38.77 -10.43 -25.16
N GLU B 55 39.14 -9.55 -26.08
CA GLU B 55 39.42 -8.15 -25.75
C GLU B 55 38.17 -7.34 -25.46
N ASN B 56 38.27 -6.39 -24.54
CA ASN B 56 37.16 -5.53 -24.15
C ASN B 56 36.61 -4.70 -25.29
N SER B 57 37.26 -4.78 -26.44
CA SER B 57 36.83 -4.02 -27.61
C SER B 57 35.90 -4.84 -28.50
N THR B 58 36.00 -6.16 -28.41
CA THR B 58 35.37 -7.05 -29.37
C THR B 58 33.96 -6.65 -29.78
N PHE B 59 33.09 -6.47 -28.79
CA PHE B 59 31.69 -6.22 -29.08
C PHE B 59 31.32 -4.73 -29.02
N ASP B 60 32.32 -3.87 -29.21
CA ASP B 60 32.10 -2.43 -29.14
C ASP B 60 30.94 -1.97 -30.02
N GLU B 61 30.74 -2.67 -31.14
CA GLU B 61 29.64 -2.32 -32.05
C GLU B 61 28.49 -3.34 -31.95
N PHE B 62 28.46 -4.09 -30.86
CA PHE B 62 27.41 -5.09 -30.64
C PHE B 62 26.01 -4.47 -30.73
N GLY B 63 25.84 -3.28 -30.17
CA GLY B 63 24.58 -2.57 -30.29
C GLY B 63 23.69 -2.67 -29.06
N HIS B 64 24.09 -3.53 -28.12
CA HIS B 64 23.39 -3.66 -26.85
C HIS B 64 24.41 -3.70 -25.72
N SER B 65 24.04 -3.14 -24.58
CA SER B 65 24.85 -3.31 -23.39
C SER B 65 24.81 -4.80 -23.04
N ILE B 66 25.97 -5.45 -22.97
CA ILE B 66 26.03 -6.87 -22.62
C ILE B 66 26.05 -7.08 -21.11
N ASN B 67 25.00 -7.72 -20.60
CA ASN B 67 24.85 -7.89 -19.15
C ASN B 67 25.77 -8.95 -18.56
N ASP B 68 26.00 -10.02 -19.31
CA ASP B 68 26.84 -11.12 -18.85
C ASP B 68 27.22 -12.01 -20.02
N TYR B 69 28.10 -12.97 -19.80
CA TYR B 69 28.54 -13.87 -20.86
C TYR B 69 28.71 -15.27 -20.30
N SER B 70 28.65 -16.26 -21.17
CA SER B 70 28.94 -17.62 -20.77
C SER B 70 29.60 -18.35 -21.94
N ILE B 71 30.85 -18.75 -21.72
CA ILE B 71 31.61 -19.45 -22.74
C ILE B 71 31.27 -20.93 -22.66
N SER B 72 31.09 -21.57 -23.80
CA SER B 72 30.76 -22.97 -23.81
C SER B 72 31.95 -23.74 -23.28
N PRO B 73 31.72 -24.95 -22.75
CA PRO B 73 32.77 -25.72 -22.08
C PRO B 73 33.98 -25.98 -22.97
N ASP B 74 33.75 -26.16 -24.26
CA ASP B 74 34.82 -26.44 -25.22
C ASP B 74 35.40 -25.17 -25.84
N GLY B 75 35.03 -24.00 -25.32
CA GLY B 75 35.56 -22.74 -25.81
C GLY B 75 35.20 -22.34 -27.24
N GLN B 76 34.33 -23.11 -27.89
CA GLN B 76 33.97 -22.83 -29.29
C GLN B 76 32.94 -21.71 -29.48
N PHE B 77 32.15 -21.43 -28.44
CA PHE B 77 31.10 -20.40 -28.50
C PHE B 77 30.98 -19.57 -27.22
N ILE B 78 30.49 -18.36 -27.35
CA ILE B 78 30.15 -17.56 -26.19
C ILE B 78 28.72 -17.04 -26.29
N LEU B 79 27.95 -17.24 -25.22
CA LEU B 79 26.60 -16.68 -25.08
C LEU B 79 26.69 -15.23 -24.62
N LEU B 80 26.00 -14.31 -25.28
CA LEU B 80 25.94 -12.94 -24.80
C LEU B 80 24.54 -12.61 -24.28
N GLU B 81 24.45 -12.28 -23.00
CA GLU B 81 23.18 -11.96 -22.35
C GLU B 81 22.96 -10.46 -22.37
N TYR B 82 21.81 -10.03 -22.88
CA TYR B 82 21.44 -8.61 -22.85
C TYR B 82 19.94 -8.43 -22.63
N ASN B 83 19.46 -7.19 -22.59
CA ASN B 83 18.07 -6.93 -22.22
C ASN B 83 17.64 -7.68 -20.95
N TYR B 84 18.54 -7.75 -19.97
CA TYR B 84 18.24 -8.42 -18.72
C TYR B 84 17.16 -7.64 -17.94
N VAL B 85 16.12 -8.34 -17.49
CA VAL B 85 15.10 -7.74 -16.62
C VAL B 85 14.89 -8.68 -15.45
N LYS B 86 15.15 -8.21 -14.24
CA LYS B 86 15.14 -9.04 -13.05
C LYS B 86 13.71 -9.43 -12.66
N GLN B 87 13.54 -10.63 -12.13
CA GLN B 87 12.26 -10.98 -11.50
C GLN B 87 12.42 -11.11 -9.98
N TRP B 88 12.54 -12.33 -9.45
CA TRP B 88 12.60 -12.49 -8.00
C TRP B 88 14.06 -12.50 -7.55
N ARG B 89 14.40 -13.29 -6.52
CA ARG B 89 15.78 -13.31 -6.02
C ARG B 89 16.76 -13.86 -7.08
N HIS B 90 16.36 -14.91 -7.77
CA HIS B 90 17.22 -15.53 -8.79
C HIS B 90 16.73 -15.41 -10.23
N SER B 91 15.41 -15.33 -10.42
CA SER B 91 14.85 -15.39 -11.76
C SER B 91 14.96 -14.08 -12.52
N TYR B 92 14.83 -14.21 -13.84
CA TYR B 92 14.85 -13.07 -14.74
C TYR B 92 14.61 -13.53 -16.16
N THR B 93 14.38 -12.57 -17.07
CA THR B 93 14.32 -12.85 -18.50
C THR B 93 15.41 -12.02 -19.20
N ALA B 94 15.89 -12.51 -20.32
CA ALA B 94 16.90 -11.80 -21.08
C ALA B 94 16.82 -12.21 -22.54
N SER B 95 17.50 -11.45 -23.39
CA SER B 95 17.73 -11.82 -24.77
C SER B 95 19.16 -12.40 -24.85
N TYR B 96 19.42 -13.18 -25.89
CA TYR B 96 20.71 -13.86 -26.02
C TYR B 96 21.16 -13.90 -27.48
N ASP B 97 22.42 -13.56 -27.70
CA ASP B 97 23.07 -13.84 -28.98
C ASP B 97 24.17 -14.85 -28.75
N ILE B 98 24.51 -15.61 -29.79
CA ILE B 98 25.62 -16.55 -29.72
C ILE B 98 26.67 -16.16 -30.76
N TYR B 99 27.93 -16.12 -30.34
CA TYR B 99 29.03 -15.68 -31.18
C TYR B 99 29.98 -16.85 -31.43
N ASP B 100 30.22 -17.18 -32.69
CA ASP B 100 31.09 -18.31 -33.03
C ASP B 100 32.55 -17.87 -32.90
N LEU B 101 33.26 -18.46 -31.95
CA LEU B 101 34.64 -18.03 -31.70
C LEU B 101 35.59 -18.44 -32.81
N ASN B 102 35.27 -19.54 -33.49
CA ASN B 102 36.10 -20.04 -34.58
C ASN B 102 35.98 -19.21 -35.86
N LYS B 103 34.76 -18.76 -36.16
CA LYS B 103 34.53 -17.93 -37.35
C LYS B 103 34.49 -16.45 -37.00
N ARG B 104 34.65 -16.14 -35.71
CA ARG B 104 34.47 -14.78 -35.18
C ARG B 104 33.29 -14.01 -35.81
N GLN B 105 32.10 -14.59 -35.68
CA GLN B 105 30.87 -13.94 -36.15
C GLN B 105 29.65 -14.43 -35.37
N LEU B 106 28.67 -13.54 -35.21
CA LEU B 106 27.41 -13.88 -34.54
C LEU B 106 26.60 -14.82 -35.40
N ILE B 107 25.96 -15.81 -34.79
CA ILE B 107 25.00 -16.63 -35.51
C ILE B 107 23.69 -15.83 -35.60
N THR B 108 23.13 -15.75 -36.80
CA THR B 108 22.03 -14.83 -37.06
C THR B 108 20.72 -15.52 -37.44
N GLU B 109 20.70 -16.84 -37.46
CA GLU B 109 19.44 -17.55 -37.67
C GLU B 109 19.22 -18.58 -36.56
N GLU B 110 17.97 -18.95 -36.36
CA GLU B 110 17.60 -19.86 -35.27
C GLU B 110 18.12 -19.29 -33.94
N ARG B 111 18.00 -17.98 -33.78
CA ARG B 111 18.48 -17.34 -32.57
C ARG B 111 17.67 -17.83 -31.36
N ILE B 112 18.30 -17.82 -30.19
CA ILE B 112 17.59 -18.00 -28.94
C ILE B 112 16.61 -16.85 -28.83
N PRO B 113 15.35 -17.16 -28.53
CA PRO B 113 14.32 -16.11 -28.56
C PRO B 113 14.50 -15.03 -27.50
N ASN B 114 13.87 -13.87 -27.69
CA ASN B 114 13.80 -12.88 -26.62
C ASN B 114 12.88 -13.36 -25.49
N ASN B 115 13.01 -12.73 -24.32
CA ASN B 115 12.28 -13.11 -23.13
C ASN B 115 12.58 -14.55 -22.72
N THR B 116 13.79 -15.01 -23.01
CA THR B 116 14.18 -16.33 -22.55
C THR B 116 14.34 -16.29 -21.03
N GLN B 117 13.88 -17.33 -20.35
CA GLN B 117 13.84 -17.36 -18.89
C GLN B 117 15.04 -18.08 -18.27
N TRP B 118 15.64 -18.99 -19.02
CA TRP B 118 16.86 -19.64 -18.55
C TRP B 118 17.58 -20.30 -19.72
N VAL B 119 18.90 -20.20 -19.75
CA VAL B 119 19.74 -20.85 -20.77
C VAL B 119 20.93 -21.49 -20.10
N THR B 120 21.33 -22.67 -20.55
CA THR B 120 22.58 -23.24 -20.09
C THR B 120 23.27 -24.15 -21.13
N TRP B 121 24.58 -24.03 -21.22
CA TRP B 121 25.38 -24.98 -22.02
C TRP B 121 25.34 -26.35 -21.36
N SER B 122 25.54 -27.41 -22.15
CA SER B 122 25.82 -28.72 -21.59
C SER B 122 27.17 -28.65 -20.87
N PRO B 123 27.50 -29.65 -20.01
CA PRO B 123 28.74 -29.63 -19.23
C PRO B 123 29.99 -29.92 -20.07
N VAL B 124 29.81 -30.59 -21.20
CA VAL B 124 30.87 -30.75 -22.19
C VAL B 124 30.29 -30.38 -23.56
N GLY B 125 31.13 -29.95 -24.48
CA GLY B 125 30.65 -29.67 -25.82
C GLY B 125 30.02 -28.30 -25.95
N HIS B 126 28.92 -28.21 -26.70
CA HIS B 126 28.19 -26.96 -26.87
C HIS B 126 26.71 -27.16 -27.17
N LYS B 127 26.06 -28.15 -26.53
CA LYS B 127 24.61 -28.22 -26.61
C LYS B 127 24.05 -27.07 -25.77
N LEU B 128 22.82 -26.66 -26.07
CA LEU B 128 22.13 -25.62 -25.30
C LEU B 128 20.77 -26.13 -24.85
N ALA B 129 20.39 -25.82 -23.62
CA ALA B 129 19.01 -26.00 -23.21
C ALA B 129 18.51 -24.62 -22.77
N TYR B 130 17.31 -24.24 -23.21
CA TYR B 130 16.73 -23.00 -22.73
C TYR B 130 15.26 -23.14 -22.40
N VAL B 131 14.75 -22.23 -21.59
CA VAL B 131 13.33 -22.18 -21.26
C VAL B 131 12.73 -20.88 -21.78
N TRP B 132 11.66 -21.01 -22.53
CA TRP B 132 10.98 -19.87 -23.13
C TRP B 132 9.49 -20.15 -23.02
N ASN B 133 8.72 -19.19 -22.51
CA ASN B 133 7.30 -19.40 -22.22
C ASN B 133 7.05 -20.67 -21.38
N ASN B 134 7.92 -20.92 -20.41
CA ASN B 134 7.71 -22.05 -19.49
C ASN B 134 7.90 -23.44 -20.12
N ASP B 135 8.45 -23.50 -21.33
CA ASP B 135 8.74 -24.77 -21.99
C ASP B 135 10.23 -24.92 -22.31
N ILE B 136 10.69 -26.16 -22.38
CA ILE B 136 12.09 -26.47 -22.58
C ILE B 136 12.40 -26.70 -24.06
N TYR B 137 13.53 -26.17 -24.50
CA TYR B 137 13.98 -26.30 -25.88
C TYR B 137 15.46 -26.70 -25.87
N VAL B 138 15.88 -27.47 -26.86
CA VAL B 138 17.28 -27.89 -26.95
C VAL B 138 17.84 -27.60 -28.34
N LYS B 139 19.05 -27.04 -28.36
CA LYS B 139 19.80 -26.81 -29.58
C LYS B 139 21.03 -27.69 -29.56
N ILE B 140 21.13 -28.61 -30.51
CA ILE B 140 22.30 -29.47 -30.57
C ILE B 140 23.52 -28.69 -31.08
N GLU B 141 23.28 -27.77 -32.01
CA GLU B 141 24.31 -26.85 -32.47
C GLU B 141 23.74 -25.45 -32.45
N PRO B 142 24.56 -24.45 -32.11
CA PRO B 142 24.09 -23.06 -32.00
C PRO B 142 23.34 -22.51 -33.22
N ASN B 143 23.61 -23.04 -34.40
CA ASN B 143 23.00 -22.48 -35.62
C ASN B 143 21.81 -23.28 -36.12
N LEU B 144 21.57 -24.45 -35.54
CA LEU B 144 20.48 -25.32 -35.97
C LEU B 144 19.18 -25.01 -35.23
N PRO B 145 18.04 -25.29 -35.86
CA PRO B 145 16.77 -25.09 -35.18
C PRO B 145 16.72 -25.88 -33.88
N SER B 146 15.96 -25.39 -32.90
CA SER B 146 15.85 -26.06 -31.62
C SER B 146 14.76 -27.13 -31.65
N TYR B 147 14.84 -28.08 -30.73
CA TYR B 147 13.82 -29.10 -30.56
C TYR B 147 13.01 -28.78 -29.31
N ARG B 148 11.69 -28.73 -29.44
CA ARG B 148 10.82 -28.48 -28.29
C ARG B 148 10.58 -29.76 -27.49
N ILE B 149 11.01 -29.74 -26.24
CA ILE B 149 10.92 -30.88 -25.34
C ILE B 149 9.59 -30.95 -24.58
N THR B 150 9.06 -29.80 -24.16
CA THR B 150 7.78 -29.78 -23.46
C THR B 150 6.78 -28.86 -24.15
N TRP B 151 5.49 -29.20 -24.02
CA TRP B 151 4.43 -28.44 -24.65
C TRP B 151 3.38 -27.97 -23.66
N THR B 152 3.60 -28.26 -22.38
CA THR B 152 2.61 -28.01 -21.33
C THR B 152 2.72 -26.66 -20.61
N GLY B 153 3.78 -25.91 -20.90
CA GLY B 153 4.03 -24.69 -20.15
C GLY B 153 2.99 -23.60 -20.30
N LYS B 154 2.56 -23.04 -19.18
CA LYS B 154 1.55 -21.98 -19.15
C LYS B 154 1.91 -21.00 -18.05
N GLU B 155 1.92 -19.71 -18.36
CA GLU B 155 2.33 -18.69 -17.40
C GLU B 155 1.61 -18.85 -16.06
N ASP B 156 2.36 -18.80 -14.97
CA ASP B 156 1.79 -18.83 -13.62
C ASP B 156 1.14 -20.15 -13.25
N ILE B 157 1.20 -21.15 -14.14
CA ILE B 157 0.52 -22.41 -13.88
C ILE B 157 1.44 -23.63 -13.97
N ILE B 158 1.96 -23.91 -15.16
CA ILE B 158 2.86 -25.04 -15.34
C ILE B 158 4.26 -24.53 -15.68
N TYR B 159 5.25 -24.94 -14.89
CA TYR B 159 6.64 -24.53 -15.14
C TYR B 159 7.46 -25.75 -15.51
N ASN B 160 8.01 -25.80 -16.72
CA ASN B 160 8.93 -26.88 -17.07
C ASN B 160 10.36 -26.33 -17.10
N GLY B 161 11.24 -26.88 -16.27
CA GLY B 161 12.66 -26.53 -16.38
C GLY B 161 13.03 -25.26 -15.62
N ILE B 162 12.03 -24.62 -15.04
CA ILE B 162 12.25 -23.48 -14.16
C ILE B 162 11.37 -23.64 -12.94
N THR B 163 11.76 -23.00 -11.84
CA THR B 163 11.03 -23.11 -10.59
C THR B 163 9.93 -22.05 -10.50
N ASP B 164 8.93 -22.32 -9.65
CA ASP B 164 7.94 -21.32 -9.30
C ASP B 164 8.48 -20.50 -8.13
N TRP B 165 7.66 -19.61 -7.57
CA TRP B 165 8.17 -18.67 -6.56
C TRP B 165 8.83 -19.33 -5.35
N VAL B 166 8.14 -20.27 -4.73
CA VAL B 166 8.60 -20.84 -3.47
C VAL B 166 9.75 -21.86 -3.66
N TYR B 167 9.76 -22.58 -4.77
CA TYR B 167 10.90 -23.44 -5.07
C TYR B 167 12.15 -22.60 -5.38
N GLU B 168 11.99 -21.51 -6.13
CA GLU B 168 13.14 -20.65 -6.41
C GLU B 168 13.73 -20.11 -5.11
N GLU B 169 12.87 -19.56 -4.26
CA GLU B 169 13.27 -18.88 -3.02
C GLU B 169 13.74 -19.83 -1.91
N GLU B 170 13.00 -20.92 -1.68
CA GLU B 170 13.21 -21.75 -0.51
C GLU B 170 13.80 -23.17 -0.74
N VAL B 171 13.71 -23.69 -1.96
CA VAL B 171 14.17 -25.07 -2.17
C VAL B 171 15.47 -25.18 -2.96
N PHE B 172 15.47 -24.63 -4.16
CA PHE B 172 16.60 -24.74 -5.06
C PHE B 172 17.57 -23.55 -5.06
N SER B 173 17.15 -22.41 -4.50
CA SER B 173 17.95 -21.18 -4.54
C SER B 173 18.42 -20.87 -5.95
N ALA B 174 17.50 -21.05 -6.90
CA ALA B 174 17.83 -20.86 -8.30
C ALA B 174 16.54 -20.88 -9.10
N TYR B 175 16.54 -20.19 -10.23
CA TYR B 175 15.42 -20.23 -11.14
C TYR B 175 15.45 -21.55 -11.91
N SER B 176 16.65 -22.05 -12.16
CA SER B 176 16.84 -23.25 -12.97
C SER B 176 16.29 -24.52 -12.32
N ALA B 177 15.62 -25.34 -13.12
CA ALA B 177 15.25 -26.69 -12.70
C ALA B 177 15.58 -27.65 -13.85
N LEU B 178 16.81 -27.53 -14.35
CA LEU B 178 17.37 -28.28 -15.48
C LEU B 178 18.70 -28.87 -15.03
N TRP B 179 18.96 -30.14 -15.32
CA TRP B 179 20.22 -30.76 -14.91
C TRP B 179 20.78 -31.69 -16.00
N TRP B 180 21.77 -31.23 -16.76
CA TRP B 180 22.40 -32.08 -17.80
C TRP B 180 23.19 -33.19 -17.14
N SER B 181 23.32 -34.35 -17.80
CA SER B 181 24.19 -35.41 -17.29
C SER B 181 25.67 -35.04 -17.55
N PRO B 182 26.61 -35.67 -16.83
CA PRO B 182 28.03 -35.30 -16.95
C PRO B 182 28.48 -35.27 -18.41
N ASN B 183 27.93 -36.18 -19.20
CA ASN B 183 28.16 -36.35 -20.63
C ASN B 183 27.51 -35.33 -21.54
N GLY B 184 26.34 -34.83 -21.16
CA GLY B 184 25.57 -34.03 -22.08
C GLY B 184 24.55 -34.87 -22.82
N THR B 185 24.55 -36.17 -22.52
CA THR B 185 23.63 -37.08 -23.19
C THR B 185 22.19 -36.85 -22.71
N PHE B 186 21.99 -36.87 -21.41
CA PHE B 186 20.67 -36.72 -20.84
C PHE B 186 20.40 -35.30 -20.33
N LEU B 187 19.15 -34.86 -20.44
CA LEU B 187 18.70 -33.64 -19.79
C LEU B 187 17.60 -34.00 -18.80
N ALA B 188 17.87 -33.83 -17.50
CA ALA B 188 16.84 -34.06 -16.51
C ALA B 188 16.16 -32.72 -16.20
N TYR B 189 14.89 -32.75 -15.84
CA TYR B 189 14.20 -31.51 -15.50
C TYR B 189 13.02 -31.76 -14.58
N ALA B 190 12.67 -30.75 -13.78
CA ALA B 190 11.44 -30.83 -12.98
C ALA B 190 10.32 -30.02 -13.62
N GLN B 191 9.10 -30.42 -13.34
CA GLN B 191 7.93 -29.69 -13.77
C GLN B 191 7.09 -29.33 -12.55
N PHE B 192 6.71 -28.06 -12.43
CA PHE B 192 5.93 -27.63 -11.26
C PHE B 192 4.55 -27.23 -11.71
N ASN B 193 3.57 -27.57 -10.88
CA ASN B 193 2.18 -27.32 -11.19
C ASN B 193 1.58 -26.46 -10.09
N ASP B 194 1.31 -25.19 -10.40
CA ASP B 194 0.78 -24.25 -9.41
C ASP B 194 -0.72 -24.00 -9.55
N THR B 195 -1.37 -24.87 -10.31
CA THR B 195 -2.82 -24.77 -10.55
C THR B 195 -3.66 -24.27 -9.37
N GLU B 196 -3.49 -24.87 -8.20
CA GLU B 196 -4.35 -24.51 -7.07
C GLU B 196 -3.66 -23.69 -5.97
N VAL B 197 -2.49 -23.14 -6.28
CA VAL B 197 -1.80 -22.31 -5.30
C VAL B 197 -2.48 -20.94 -5.34
N PRO B 198 -2.81 -20.36 -4.18
CA PRO B 198 -3.46 -19.04 -4.15
C PRO B 198 -2.48 -17.96 -4.54
N LEU B 199 -2.98 -16.79 -4.93
CA LEU B 199 -2.14 -15.71 -5.40
C LEU B 199 -2.03 -14.60 -4.38
N ILE B 200 -0.82 -14.12 -4.14
CA ILE B 200 -0.64 -12.86 -3.46
C ILE B 200 -0.84 -11.77 -4.51
N GLU B 201 -1.64 -10.77 -4.19
CA GLU B 201 -1.86 -9.67 -5.09
C GLU B 201 -1.44 -8.38 -4.42
N TYR B 202 -0.76 -7.50 -5.15
CA TYR B 202 -0.40 -6.20 -4.60
C TYR B 202 -0.25 -5.19 -5.72
N SER B 203 -0.39 -3.91 -5.40
CA SER B 203 -0.33 -2.88 -6.43
C SER B 203 1.11 -2.54 -6.77
N PHE B 204 1.33 -2.21 -8.04
CA PHE B 204 2.62 -1.71 -8.48
C PHE B 204 2.34 -0.38 -9.17
N TYR B 205 2.96 0.69 -8.70
CA TYR B 205 2.58 2.02 -9.17
C TYR B 205 3.34 2.48 -10.43
N SER B 206 4.56 1.99 -10.60
CA SER B 206 5.36 2.27 -11.80
C SER B 206 5.68 3.74 -11.95
N ASP B 207 6.08 4.15 -13.15
CA ASP B 207 6.40 5.54 -13.42
C ASP B 207 5.16 6.40 -13.26
N GLU B 208 5.39 7.67 -13.00
CA GLU B 208 4.36 8.69 -12.83
C GLU B 208 3.33 8.67 -13.95
N SER B 209 3.76 8.29 -15.15
CA SER B 209 2.90 8.37 -16.33
C SER B 209 1.82 7.30 -16.38
N LEU B 210 1.97 6.25 -15.58
CA LEU B 210 0.98 5.19 -15.56
C LEU B 210 -0.27 5.66 -14.81
N GLN B 211 -1.40 5.74 -15.52
CA GLN B 211 -2.60 6.35 -14.95
C GLN B 211 -3.28 5.46 -13.89
N TYR B 212 -3.38 4.17 -14.16
CA TYR B 212 -3.99 3.23 -13.22
C TYR B 212 -2.90 2.29 -12.68
N PRO B 213 -2.82 2.13 -11.36
CA PRO B 213 -1.84 1.19 -10.81
C PRO B 213 -2.06 -0.21 -11.35
N LYS B 214 -0.98 -0.98 -11.46
CA LYS B 214 -1.05 -2.35 -11.93
C LYS B 214 -1.22 -3.28 -10.73
N THR B 215 -1.92 -4.39 -10.90
CA THR B 215 -1.99 -5.39 -9.84
C THR B 215 -1.11 -6.58 -10.20
N VAL B 216 -0.11 -6.85 -9.36
CA VAL B 216 0.78 -7.98 -9.56
C VAL B 216 0.18 -9.16 -8.83
N ARG B 217 0.21 -10.32 -9.47
CA ARG B 217 -0.38 -11.54 -8.92
C ARG B 217 0.59 -12.70 -9.03
N VAL B 218 0.98 -13.27 -7.91
CA VAL B 218 2.00 -14.32 -7.89
C VAL B 218 1.51 -15.54 -7.13
N PRO B 219 1.51 -16.72 -7.77
CA PRO B 219 1.22 -17.94 -7.01
C PRO B 219 2.19 -18.08 -5.86
N TYR B 220 1.67 -18.08 -4.64
CA TYR B 220 2.51 -18.03 -3.45
C TYR B 220 1.77 -18.69 -2.32
N PRO B 221 2.20 -19.91 -1.92
CA PRO B 221 1.58 -20.64 -0.81
C PRO B 221 2.00 -20.07 0.54
N LYS B 222 1.07 -19.44 1.28
CA LYS B 222 1.34 -19.05 2.66
C LYS B 222 1.20 -20.30 3.56
N ALA B 223 1.57 -20.19 4.83
CA ALA B 223 1.67 -21.38 5.67
C ALA B 223 0.34 -22.13 5.74
N GLY B 224 0.38 -23.42 5.50
CA GLY B 224 -0.83 -24.24 5.54
C GLY B 224 -1.63 -24.30 4.26
N ALA B 225 -1.35 -23.40 3.30
CA ALA B 225 -2.14 -23.36 2.05
C ALA B 225 -1.71 -24.45 1.07
N VAL B 226 -2.40 -24.55 -0.07
CA VAL B 226 -2.04 -25.55 -1.09
C VAL B 226 -0.69 -25.23 -1.76
N ASN B 227 0.23 -26.19 -1.73
CA ASN B 227 1.55 -26.07 -2.35
C ASN B 227 1.53 -26.53 -3.80
N PRO B 228 2.52 -26.08 -4.59
CA PRO B 228 2.65 -26.61 -5.95
C PRO B 228 2.98 -28.10 -5.89
N THR B 229 2.63 -28.84 -6.92
CA THR B 229 3.06 -30.23 -7.03
C THR B 229 4.20 -30.29 -8.02
N VAL B 230 4.98 -31.38 -7.97
CA VAL B 230 6.16 -31.50 -8.81
C VAL B 230 6.26 -32.87 -9.47
N LYS B 231 6.76 -32.87 -10.70
CA LYS B 231 7.12 -34.12 -11.39
C LYS B 231 8.56 -34.06 -11.88
N PHE B 232 9.21 -35.21 -12.03
CA PHE B 232 10.58 -35.24 -12.52
C PHE B 232 10.69 -36.09 -13.78
N PHE B 233 11.46 -35.59 -14.77
CA PHE B 233 11.57 -36.22 -16.08
C PHE B 233 13.02 -36.24 -16.56
N VAL B 234 13.36 -37.22 -17.39
CA VAL B 234 14.69 -37.29 -18.01
C VAL B 234 14.56 -37.56 -19.52
N VAL B 235 15.17 -36.70 -20.33
CA VAL B 235 15.11 -36.84 -21.79
C VAL B 235 16.46 -37.18 -22.39
N ASN B 236 16.49 -38.12 -23.33
CA ASN B 236 17.72 -38.46 -24.03
C ASN B 236 17.98 -37.50 -25.19
N THR B 237 19.00 -36.69 -25.05
CA THR B 237 19.22 -35.56 -25.95
C THR B 237 19.95 -35.97 -27.25
N ASP B 238 20.49 -37.19 -27.28
CA ASP B 238 21.15 -37.74 -28.46
C ASP B 238 20.16 -38.26 -29.51
N SER B 239 18.97 -38.66 -29.07
CA SER B 239 17.98 -39.27 -29.97
C SER B 239 16.87 -38.32 -30.42
N LEU B 240 17.15 -37.02 -30.44
CA LEU B 240 16.14 -36.03 -30.78
C LEU B 240 15.77 -36.05 -32.25
N SER B 241 14.47 -36.18 -32.53
CA SER B 241 13.97 -36.29 -33.89
C SER B 241 13.32 -35.00 -34.36
N SER B 242 13.60 -34.61 -35.60
CA SER B 242 12.99 -33.44 -36.20
C SER B 242 11.53 -33.71 -36.56
N VAL B 243 11.13 -34.98 -36.54
CA VAL B 243 9.80 -35.38 -36.99
C VAL B 243 8.86 -35.73 -35.84
N THR B 244 9.39 -36.40 -34.83
CA THR B 244 8.60 -36.81 -33.66
C THR B 244 8.92 -35.99 -32.41
N ASN B 245 7.88 -35.61 -31.68
CA ASN B 245 8.07 -34.95 -30.40
C ASN B 245 9.03 -35.79 -29.56
N ALA B 246 9.89 -35.14 -28.78
CA ALA B 246 10.81 -35.86 -27.90
C ALA B 246 10.03 -36.59 -26.81
N THR B 247 10.62 -37.67 -26.29
CA THR B 247 9.97 -38.47 -25.27
C THR B 247 10.66 -38.37 -23.91
N SER B 248 9.96 -37.80 -22.93
CA SER B 248 10.50 -37.69 -21.57
C SER B 248 10.12 -38.91 -20.75
N ILE B 249 11.06 -39.43 -19.99
CA ILE B 249 10.79 -40.53 -19.08
C ILE B 249 10.58 -39.97 -17.70
N GLN B 250 9.41 -40.22 -17.10
CA GLN B 250 9.14 -39.72 -15.76
C GLN B 250 9.78 -40.60 -14.72
N ILE B 251 10.30 -40.00 -13.68
CA ILE B 251 10.77 -40.74 -12.53
C ILE B 251 9.85 -40.37 -11.39
N THR B 252 9.19 -41.38 -10.83
CA THR B 252 8.20 -41.18 -9.79
C THR B 252 8.85 -41.07 -8.41
N ALA B 253 8.28 -40.25 -7.54
CA ALA B 253 8.76 -40.17 -6.16
C ALA B 253 8.49 -41.50 -5.47
N PRO B 254 9.22 -41.79 -4.40
CA PRO B 254 9.00 -43.02 -3.63
C PRO B 254 7.58 -43.07 -3.08
N ALA B 255 7.05 -44.26 -2.82
CA ALA B 255 5.70 -44.38 -2.24
C ALA B 255 5.59 -43.67 -0.89
N SER B 256 6.68 -43.65 -0.14
CA SER B 256 6.68 -43.03 1.18
C SER B 256 6.48 -41.50 1.12
N MET B 257 6.70 -40.92 -0.06
CA MET B 257 6.41 -39.52 -0.34
C MET B 257 5.04 -39.34 -0.98
N LEU B 258 4.68 -40.23 -1.89
CA LEU B 258 3.42 -40.14 -2.63
C LEU B 258 2.17 -40.21 -1.74
N ILE B 259 2.32 -40.62 -0.49
CA ILE B 259 1.18 -40.70 0.43
C ILE B 259 0.65 -39.33 0.86
N GLY B 260 1.41 -38.27 0.59
CA GLY B 260 0.98 -36.93 1.00
C GLY B 260 1.75 -35.83 0.30
N ASP B 261 1.66 -34.61 0.81
CA ASP B 261 2.39 -33.50 0.23
C ASP B 261 3.89 -33.70 0.44
N HIS B 262 4.66 -33.36 -0.57
CA HIS B 262 6.11 -33.55 -0.53
C HIS B 262 6.81 -32.56 -1.46
N TYR B 263 8.13 -32.58 -1.43
CA TYR B 263 8.96 -31.71 -2.25
C TYR B 263 10.07 -32.52 -2.89
N LEU B 264 10.54 -32.07 -4.06
CA LEU B 264 11.80 -32.55 -4.61
C LEU B 264 12.86 -31.55 -4.15
N CYS B 265 13.87 -31.99 -3.43
CA CYS B 265 14.76 -31.00 -2.84
C CYS B 265 16.23 -31.06 -3.23
N ASP B 266 16.62 -32.08 -4.01
CA ASP B 266 18.00 -32.17 -4.50
C ASP B 266 18.08 -33.10 -5.71
N VAL B 267 18.81 -32.71 -6.75
CA VAL B 267 19.07 -33.56 -7.89
C VAL B 267 20.57 -33.55 -8.18
N THR B 268 21.21 -34.70 -8.16
CA THR B 268 22.65 -34.77 -8.39
C THR B 268 22.97 -35.97 -9.28
N TRP B 269 23.56 -35.70 -10.45
CA TRP B 269 24.05 -36.78 -11.31
C TRP B 269 25.25 -37.46 -10.68
N ALA B 270 25.23 -38.79 -10.61
CA ALA B 270 26.32 -39.54 -10.00
C ALA B 270 27.29 -40.05 -11.04
N THR B 271 26.75 -40.54 -12.17
CA THR B 271 27.53 -40.99 -13.31
C THR B 271 26.78 -40.67 -14.58
N GLN B 272 27.28 -41.14 -15.72
CA GLN B 272 26.58 -40.93 -16.97
C GLN B 272 25.20 -41.55 -16.91
N GLU B 273 25.02 -42.56 -16.06
CA GLU B 273 23.78 -43.33 -16.07
C GLU B 273 23.13 -43.51 -14.70
N ARG B 274 23.52 -42.69 -13.73
CA ARG B 274 22.94 -42.77 -12.40
C ARG B 274 22.67 -41.38 -11.86
N ILE B 275 21.41 -41.15 -11.51
CA ILE B 275 20.99 -39.88 -10.97
C ILE B 275 20.49 -40.10 -9.56
N SER B 276 20.80 -39.16 -8.67
CA SER B 276 20.38 -39.22 -7.29
C SER B 276 19.31 -38.16 -7.07
N LEU B 277 18.18 -38.54 -6.47
CA LEU B 277 17.10 -37.60 -6.20
C LEU B 277 16.75 -37.62 -4.73
N GLN B 278 16.76 -36.46 -4.08
CA GLN B 278 16.30 -36.36 -2.70
C GLN B 278 14.91 -35.71 -2.62
N TRP B 279 14.04 -36.31 -1.81
CA TRP B 279 12.66 -35.88 -1.65
C TRP B 279 12.44 -35.60 -0.18
N LEU B 280 11.55 -34.67 0.13
CA LEU B 280 11.31 -34.27 1.53
C LEU B 280 9.80 -34.18 1.76
N ARG B 281 9.31 -34.78 2.84
CA ARG B 281 7.88 -34.67 3.15
C ARG B 281 7.51 -33.23 3.52
N ARG B 282 6.24 -32.85 3.34
CA ARG B 282 5.83 -31.49 3.65
C ARG B 282 6.07 -31.18 5.11
N ILE B 283 5.82 -32.16 5.98
CA ILE B 283 6.31 -32.07 7.35
C ILE B 283 7.76 -32.46 7.29
N GLN B 284 8.65 -31.47 7.43
CA GLN B 284 10.03 -31.62 6.97
C GLN B 284 10.92 -32.42 7.94
N ASN B 285 10.36 -33.56 8.35
CA ASN B 285 10.83 -34.45 9.40
C ASN B 285 11.58 -35.62 8.81
N TYR B 286 11.39 -35.82 7.52
CA TYR B 286 11.62 -37.11 6.91
C TYR B 286 12.00 -36.87 5.47
N SER B 287 13.12 -37.44 5.03
CA SER B 287 13.50 -37.35 3.63
C SER B 287 14.02 -38.69 3.10
N VAL B 288 13.86 -38.88 1.81
CA VAL B 288 14.35 -40.10 1.15
C VAL B 288 15.25 -39.73 0.00
N MET B 289 16.42 -40.34 -0.06
CA MET B 289 17.26 -40.26 -1.25
C MET B 289 17.08 -41.48 -2.14
N ASP B 290 16.76 -41.26 -3.41
CA ASP B 290 16.56 -42.33 -4.38
C ASP B 290 17.74 -42.42 -5.33
N ILE B 291 18.24 -43.63 -5.56
CA ILE B 291 19.26 -43.84 -6.60
C ILE B 291 18.65 -44.47 -7.86
N CYS B 292 18.70 -43.74 -8.97
CA CYS B 292 18.02 -44.15 -10.20
C CYS B 292 18.99 -44.48 -11.32
N ASP B 293 18.96 -45.74 -11.79
CA ASP B 293 19.84 -46.21 -12.86
C ASP B 293 19.15 -46.37 -14.20
N TYR B 294 19.86 -46.02 -15.26
CA TYR B 294 19.38 -46.13 -16.61
C TYR B 294 19.46 -47.58 -17.07
N ASP B 295 18.41 -48.05 -17.72
CA ASP B 295 18.37 -49.40 -18.27
C ASP B 295 18.47 -49.30 -19.78
N GLU B 296 19.65 -49.61 -20.32
CA GLU B 296 19.92 -49.41 -21.75
C GLU B 296 18.91 -50.10 -22.67
N SER B 297 18.46 -51.29 -22.28
CA SER B 297 17.49 -52.01 -23.10
C SER B 297 16.10 -51.43 -22.92
N SER B 298 15.64 -51.36 -21.67
CA SER B 298 14.33 -50.81 -21.35
C SER B 298 14.16 -49.40 -21.91
N GLY B 299 15.21 -48.59 -21.77
CA GLY B 299 15.12 -47.18 -22.09
C GLY B 299 14.57 -46.40 -20.92
N ARG B 300 14.27 -47.10 -19.84
CA ARG B 300 13.65 -46.49 -18.66
C ARG B 300 14.64 -46.27 -17.53
N TRP B 301 14.20 -45.54 -16.50
CA TRP B 301 14.99 -45.30 -15.30
C TRP B 301 14.35 -46.00 -14.11
N ASN B 302 15.12 -46.80 -13.39
CA ASN B 302 14.59 -47.52 -12.23
C ASN B 302 15.27 -47.17 -10.91
N CYS B 303 14.47 -47.06 -9.86
CA CYS B 303 14.95 -46.68 -8.53
C CYS B 303 14.71 -47.80 -7.52
N LEU B 304 15.63 -48.76 -7.46
CA LEU B 304 15.51 -49.85 -6.49
C LEU B 304 15.20 -49.34 -5.09
N VAL B 305 14.09 -49.79 -4.52
CA VAL B 305 13.69 -49.40 -3.17
C VAL B 305 14.78 -49.70 -2.13
N ALA B 306 15.44 -50.84 -2.29
CA ALA B 306 16.45 -51.28 -1.33
C ALA B 306 17.64 -50.32 -1.25
N ARG B 307 17.86 -49.55 -2.31
CA ARG B 307 18.93 -48.54 -2.36
C ARG B 307 18.60 -47.22 -1.67
N GLN B 308 17.32 -47.00 -1.35
CA GLN B 308 16.90 -45.74 -0.74
C GLN B 308 17.63 -45.47 0.54
N HIS B 309 17.97 -44.20 0.78
CA HIS B 309 18.55 -43.80 2.04
C HIS B 309 17.63 -42.80 2.75
N ILE B 310 17.19 -43.19 3.94
CA ILE B 310 16.21 -42.41 4.67
C ILE B 310 16.87 -41.58 5.77
N GLU B 311 16.40 -40.34 5.91
CA GLU B 311 16.95 -39.44 6.90
C GLU B 311 15.80 -38.83 7.69
N MET B 312 15.84 -39.00 9.01
CA MET B 312 14.76 -38.56 9.88
C MET B 312 15.36 -37.67 10.95
N SER B 313 14.56 -36.73 11.46
CA SER B 313 14.95 -36.01 12.65
C SER B 313 13.77 -36.08 13.63
N THR B 314 14.07 -36.24 14.92
CA THR B 314 13.02 -36.17 15.94
C THR B 314 13.20 -34.90 16.76
N THR B 315 14.39 -34.32 16.68
CA THR B 315 14.73 -33.09 17.38
C THR B 315 14.22 -31.83 16.65
N GLY B 316 14.14 -31.90 15.32
CA GLY B 316 13.72 -30.75 14.53
C GLY B 316 13.47 -31.10 13.08
N TRP B 317 13.98 -30.28 12.17
CA TRP B 317 13.83 -30.51 10.74
C TRP B 317 15.08 -31.23 10.18
N VAL B 318 15.06 -31.57 8.91
CA VAL B 318 16.20 -32.24 8.28
C VAL B 318 17.14 -31.25 7.60
N GLY B 319 18.42 -31.29 7.97
CA GLY B 319 19.42 -30.45 7.33
C GLY B 319 19.45 -29.06 7.97
N ARG B 320 20.41 -28.22 7.61
CA ARG B 320 20.41 -26.87 8.19
C ARG B 320 19.20 -26.07 7.70
N PHE B 321 19.05 -26.01 6.39
CA PHE B 321 17.86 -25.45 5.74
C PHE B 321 17.13 -26.49 4.88
N ARG B 322 17.81 -27.59 4.57
CA ARG B 322 17.27 -28.65 3.74
C ARG B 322 18.23 -29.83 3.79
N PRO B 323 17.81 -31.02 3.32
CA PRO B 323 18.75 -32.14 3.30
C PRO B 323 20.05 -31.76 2.56
N SER B 324 21.19 -32.21 3.07
CA SER B 324 22.48 -31.91 2.49
C SER B 324 22.71 -32.59 1.14
N GLU B 325 23.59 -32.00 0.35
CA GLU B 325 23.99 -32.51 -0.96
C GLU B 325 24.93 -33.72 -0.81
N PRO B 326 24.72 -34.75 -1.64
CA PRO B 326 25.61 -35.92 -1.65
C PRO B 326 26.80 -35.68 -2.56
N HIS B 327 27.99 -36.06 -2.14
CA HIS B 327 29.18 -35.95 -2.98
C HIS B 327 29.72 -37.33 -3.39
N PHE B 328 29.48 -37.70 -4.64
CA PHE B 328 29.81 -39.04 -5.12
C PHE B 328 31.27 -39.23 -5.47
N THR B 329 31.78 -40.40 -5.12
CA THR B 329 33.07 -40.85 -5.63
C THR B 329 32.99 -40.99 -7.15
N LEU B 330 34.15 -41.10 -7.78
CA LEU B 330 34.22 -41.15 -9.24
C LEU B 330 33.35 -42.24 -9.87
N ASP B 331 33.27 -43.41 -9.23
CA ASP B 331 32.53 -44.54 -9.80
C ASP B 331 31.03 -44.52 -9.54
N GLY B 332 30.57 -43.54 -8.77
CA GLY B 332 29.15 -43.40 -8.49
C GLY B 332 28.59 -44.43 -7.52
N ASN B 333 29.47 -45.22 -6.91
CA ASN B 333 29.06 -46.33 -6.05
C ASN B 333 29.00 -46.02 -4.57
N SER B 334 29.60 -44.89 -4.18
CA SER B 334 29.57 -44.44 -2.80
C SER B 334 29.55 -42.92 -2.81
N PHE B 335 29.26 -42.32 -1.67
CA PHE B 335 29.17 -40.87 -1.58
C PHE B 335 29.40 -40.39 -0.18
N TYR B 336 29.69 -39.09 -0.05
CA TYR B 336 29.87 -38.48 1.26
C TYR B 336 28.78 -37.42 1.45
N LYS B 337 28.33 -37.22 2.69
CA LYS B 337 27.22 -36.34 2.95
C LYS B 337 27.37 -35.84 4.37
N ILE B 338 27.06 -34.58 4.62
CA ILE B 338 27.01 -34.05 5.99
C ILE B 338 25.70 -34.46 6.70
N ILE B 339 25.81 -34.95 7.94
CA ILE B 339 24.69 -35.54 8.66
C ILE B 339 24.87 -35.18 10.12
N SER B 340 23.79 -34.83 10.81
CA SER B 340 23.89 -34.60 12.24
C SER B 340 24.21 -35.92 12.95
N ASN B 341 25.28 -35.96 13.75
CA ASN B 341 25.65 -37.21 14.46
C ASN B 341 24.82 -37.44 15.72
N GLU B 342 25.17 -38.46 16.50
CA GLU B 342 24.39 -38.81 17.70
C GLU B 342 24.43 -37.73 18.76
N GLU B 343 25.52 -36.96 18.83
CA GLU B 343 25.62 -35.85 19.78
C GLU B 343 25.00 -34.55 19.24
N GLY B 344 24.43 -34.61 18.04
CA GLY B 344 23.80 -33.45 17.44
C GLY B 344 24.73 -32.52 16.66
N TYR B 345 25.94 -32.97 16.34
CA TYR B 345 26.86 -32.15 15.56
C TYR B 345 27.01 -32.64 14.12
N ARG B 346 27.02 -31.70 13.18
CA ARG B 346 27.04 -32.04 11.75
C ARG B 346 28.43 -32.43 11.27
N HIS B 347 28.55 -33.69 10.85
CA HIS B 347 29.83 -34.20 10.41
C HIS B 347 29.73 -35.00 9.13
N ILE B 348 30.87 -35.40 8.58
CA ILE B 348 30.89 -36.05 7.28
C ILE B 348 30.71 -37.54 7.41
N CYS B 349 29.76 -38.07 6.64
CA CYS B 349 29.36 -39.45 6.71
C CYS B 349 29.60 -40.13 5.37
N TYR B 350 30.19 -41.33 5.41
CA TYR B 350 30.51 -42.07 4.19
C TYR B 350 29.46 -43.14 3.93
N PHE B 351 28.81 -43.08 2.77
CA PHE B 351 27.72 -43.99 2.43
C PHE B 351 28.15 -44.87 1.26
N GLN B 352 27.87 -46.16 1.37
CA GLN B 352 28.08 -47.04 0.24
C GLN B 352 26.74 -47.52 -0.30
N ILE B 353 26.54 -47.39 -1.61
CA ILE B 353 25.28 -47.82 -2.23
C ILE B 353 25.10 -49.32 -2.06
N ASP B 354 23.86 -49.74 -1.76
CA ASP B 354 23.55 -51.15 -1.52
C ASP B 354 24.05 -51.64 -0.15
N LYS B 355 24.50 -50.70 0.68
CA LYS B 355 24.78 -51.00 2.09
C LYS B 355 24.00 -50.03 2.97
N LYS B 356 23.61 -50.50 4.16
CA LYS B 356 22.73 -49.72 5.02
C LYS B 356 23.53 -48.85 6.00
N ASP B 357 22.95 -47.72 6.38
CA ASP B 357 23.60 -46.84 7.34
C ASP B 357 24.81 -46.14 6.72
N CYS B 358 25.68 -45.58 7.57
CA CYS B 358 26.84 -44.86 7.08
C CYS B 358 27.90 -44.80 8.15
N THR B 359 29.08 -44.29 7.76
CA THR B 359 30.22 -44.25 8.64
C THR B 359 30.70 -42.82 8.76
N PHE B 360 30.70 -42.30 9.99
CA PHE B 360 31.21 -40.95 10.18
C PHE B 360 32.72 -40.96 10.05
N ILE B 361 33.24 -40.01 9.29
CA ILE B 361 34.68 -39.87 9.15
C ILE B 361 35.23 -38.66 9.93
N THR B 362 34.35 -37.76 10.36
CA THR B 362 34.76 -36.70 11.28
C THR B 362 33.86 -36.68 12.53
N LYS B 363 34.38 -36.17 13.64
CA LYS B 363 33.58 -36.04 14.86
C LYS B 363 34.13 -34.92 15.75
N GLY B 364 33.37 -34.56 16.78
CA GLY B 364 33.80 -33.54 17.73
C GLY B 364 32.78 -32.42 17.95
N THR B 365 33.06 -31.57 18.94
CA THR B 365 32.15 -30.47 19.29
C THR B 365 32.42 -29.25 18.39
N TRP B 366 32.14 -29.45 17.11
CA TRP B 366 32.27 -28.41 16.08
C TRP B 366 31.53 -28.99 14.89
N GLU B 367 31.40 -28.23 13.80
CA GLU B 367 30.66 -28.73 12.65
C GLU B 367 31.39 -28.57 11.32
N VAL B 368 31.13 -29.50 10.41
CA VAL B 368 31.55 -29.36 9.02
C VAL B 368 30.54 -28.45 8.34
N ILE B 369 31.05 -27.43 7.66
CA ILE B 369 30.19 -26.43 7.01
C ILE B 369 29.85 -26.86 5.59
N GLY B 370 30.85 -27.34 4.84
CA GLY B 370 30.61 -27.83 3.49
C GLY B 370 31.69 -28.82 3.04
N ILE B 371 31.30 -29.79 2.20
CA ILE B 371 32.28 -30.63 1.52
C ILE B 371 32.64 -29.99 0.19
N GLU B 372 33.92 -29.66 -0.01
CA GLU B 372 34.33 -28.81 -1.14
C GLU B 372 34.97 -29.55 -2.31
N ALA B 373 35.72 -30.62 -2.04
CA ALA B 373 36.28 -31.42 -3.13
C ALA B 373 36.56 -32.84 -2.66
N LEU B 374 36.60 -33.76 -3.63
CA LEU B 374 36.82 -35.15 -3.33
C LEU B 374 37.71 -35.74 -4.41
N THR B 375 38.84 -36.34 -4.00
CA THR B 375 39.67 -37.13 -4.92
C THR B 375 39.76 -38.56 -4.37
N SER B 376 40.46 -39.43 -5.10
CA SER B 376 40.64 -40.81 -4.62
C SER B 376 41.41 -40.85 -3.29
N ASP B 377 42.29 -39.89 -3.08
CA ASP B 377 43.12 -39.83 -1.87
C ASP B 377 42.61 -38.98 -0.70
N TYR B 378 41.94 -37.86 -0.99
CA TYR B 378 41.54 -36.94 0.08
C TYR B 378 40.12 -36.40 -0.11
N LEU B 379 39.47 -36.04 0.99
CA LEU B 379 38.25 -35.25 0.91
C LEU B 379 38.53 -33.89 1.56
N TYR B 380 38.21 -32.82 0.86
CA TYR B 380 38.47 -31.47 1.36
C TYR B 380 37.18 -30.87 1.87
N TYR B 381 37.25 -30.21 3.03
CA TYR B 381 36.05 -29.64 3.62
C TYR B 381 36.37 -28.37 4.42
N ILE B 382 35.35 -27.52 4.57
CA ILE B 382 35.44 -26.33 5.41
C ILE B 382 34.75 -26.63 6.73
N SER B 383 35.39 -26.24 7.84
CA SER B 383 34.79 -26.45 9.14
C SER B 383 35.12 -25.30 10.09
N ASN B 384 34.47 -25.28 11.24
CA ASN B 384 34.75 -24.26 12.25
C ASN B 384 35.52 -24.80 13.47
N GLU B 385 36.26 -25.89 13.26
CA GLU B 385 36.99 -26.51 14.38
C GLU B 385 38.05 -25.61 14.99
N TYR B 386 38.77 -24.85 14.17
CA TYR B 386 39.98 -24.17 14.61
C TYR B 386 39.75 -23.25 15.80
N LYS B 387 40.56 -23.44 16.84
CA LYS B 387 40.49 -22.64 18.07
C LYS B 387 39.09 -22.67 18.68
N GLY B 388 38.29 -23.64 18.26
CA GLY B 388 36.94 -23.79 18.79
C GLY B 388 36.05 -22.56 18.63
N MET B 389 36.24 -21.81 17.55
CA MET B 389 35.41 -20.63 17.27
C MET B 389 34.39 -20.94 16.19
N PRO B 390 33.10 -20.93 16.56
CA PRO B 390 32.03 -21.29 15.62
C PRO B 390 31.91 -20.31 14.46
N GLY B 391 32.47 -19.11 14.63
CA GLY B 391 32.33 -18.05 13.64
C GLY B 391 33.56 -17.93 12.76
N GLY B 392 34.49 -18.88 12.92
CA GLY B 392 35.66 -18.95 12.07
C GLY B 392 35.43 -20.06 11.06
N ARG B 393 36.15 -20.01 9.94
CA ARG B 393 36.02 -21.04 8.89
C ARG B 393 37.40 -21.35 8.30
N ASN B 394 37.75 -22.63 8.25
CA ASN B 394 39.02 -23.02 7.67
C ASN B 394 38.91 -24.24 6.77
N LEU B 395 39.86 -24.37 5.84
CA LEU B 395 39.91 -25.53 4.94
C LEU B 395 40.73 -26.66 5.53
N TYR B 396 40.17 -27.87 5.52
CA TYR B 396 40.85 -29.09 5.96
C TYR B 396 40.84 -30.16 4.87
N LYS B 397 41.78 -31.11 4.96
CA LYS B 397 41.72 -32.30 4.13
C LYS B 397 41.87 -33.51 5.03
N ILE B 398 41.15 -34.58 4.69
CA ILE B 398 41.21 -35.77 5.52
C ILE B 398 41.64 -36.95 4.65
N GLN B 399 42.64 -37.69 5.13
CA GLN B 399 43.21 -38.79 4.35
C GLN B 399 42.23 -39.93 4.35
N LEU B 400 41.70 -40.26 3.18
CA LEU B 400 40.64 -41.27 3.08
C LEU B 400 41.05 -42.69 3.46
N SER B 401 42.35 -42.96 3.49
CA SER B 401 42.84 -44.28 3.90
C SER B 401 43.17 -44.32 5.40
N ASP B 402 43.12 -43.17 6.07
CA ASP B 402 43.30 -43.10 7.52
C ASP B 402 42.62 -41.84 8.08
N TYR B 403 41.39 -41.98 8.58
CA TYR B 403 40.55 -40.83 8.96
C TYR B 403 41.14 -40.02 10.10
N THR B 404 42.14 -40.56 10.79
CA THR B 404 42.71 -39.85 11.92
C THR B 404 43.75 -38.82 11.43
N LYS B 405 44.08 -38.89 10.15
CA LYS B 405 45.03 -37.95 9.57
C LYS B 405 44.29 -36.81 8.85
N VAL B 406 44.04 -35.74 9.59
CA VAL B 406 43.35 -34.56 9.10
C VAL B 406 44.32 -33.39 9.20
N THR B 407 44.54 -32.68 8.10
CA THR B 407 45.48 -31.56 8.13
C THR B 407 44.78 -30.23 7.79
N CYS B 408 45.02 -29.19 8.58
CA CYS B 408 44.43 -27.90 8.28
C CYS B 408 45.24 -27.19 7.21
N LEU B 409 44.59 -26.85 6.10
CA LEU B 409 45.29 -26.25 4.98
C LEU B 409 45.38 -24.71 5.05
N SER B 410 44.55 -24.10 5.88
CA SER B 410 44.43 -22.64 5.89
C SER B 410 44.68 -22.00 7.24
N CYS B 411 44.59 -22.79 8.31
CA CYS B 411 44.67 -22.29 9.67
C CYS B 411 45.86 -21.36 9.93
N GLU B 412 47.02 -21.73 9.39
CA GLU B 412 48.25 -21.05 9.75
C GLU B 412 48.83 -20.18 8.64
N LEU B 413 48.09 -19.97 7.56
CA LEU B 413 48.63 -19.24 6.43
C LEU B 413 48.88 -17.77 6.83
N ASN B 414 47.90 -17.19 7.53
CA ASN B 414 48.00 -15.83 8.02
C ASN B 414 47.03 -15.72 9.20
N PRO B 415 47.41 -16.22 10.37
CA PRO B 415 46.47 -16.45 11.48
C PRO B 415 45.91 -15.17 12.11
N GLU B 416 46.56 -14.03 11.89
CA GLU B 416 46.08 -12.77 12.46
C GLU B 416 45.09 -12.13 11.51
N ARG B 417 45.39 -12.18 10.21
CA ARG B 417 44.58 -11.54 9.20
C ARG B 417 43.40 -12.40 8.73
N CYS B 418 43.59 -13.72 8.73
CA CYS B 418 42.65 -14.61 8.05
C CYS B 418 42.16 -15.77 8.90
N GLN B 419 40.86 -15.76 9.17
CA GLN B 419 40.21 -16.75 10.02
C GLN B 419 38.89 -17.22 9.41
N TYR B 420 38.55 -16.71 8.24
CA TYR B 420 37.26 -17.03 7.61
C TYR B 420 37.49 -17.31 6.15
N TYR B 421 37.59 -18.58 5.79
CA TYR B 421 37.95 -18.96 4.43
C TYR B 421 36.80 -19.59 3.68
N SER B 422 36.76 -19.36 2.39
CA SER B 422 36.01 -20.22 1.49
C SER B 422 37.00 -20.64 0.40
N VAL B 423 36.59 -21.54 -0.49
CA VAL B 423 37.53 -22.12 -1.44
C VAL B 423 36.90 -22.48 -2.78
N SER B 424 37.72 -22.53 -3.81
CA SER B 424 37.28 -22.97 -5.14
C SER B 424 38.36 -23.82 -5.84
N PHE B 425 38.06 -25.10 -6.02
CA PHE B 425 38.97 -26.08 -6.59
C PHE B 425 38.82 -26.16 -8.11
N SER B 426 39.92 -26.38 -8.83
CA SER B 426 39.77 -26.64 -10.27
C SER B 426 39.19 -28.04 -10.47
N LYS B 427 38.87 -28.41 -11.70
CA LYS B 427 38.28 -29.73 -11.95
C LYS B 427 39.27 -30.79 -11.52
N GLU B 428 38.82 -31.81 -10.81
CA GLU B 428 39.75 -32.85 -10.36
C GLU B 428 40.69 -32.39 -9.25
N ALA B 429 40.48 -31.18 -8.72
CA ALA B 429 41.14 -30.74 -7.50
C ALA B 429 42.67 -30.64 -7.53
N LYS B 430 43.22 -30.38 -8.72
CA LYS B 430 44.65 -30.15 -8.85
C LYS B 430 45.10 -28.86 -8.14
N TYR B 431 44.33 -27.79 -8.30
CA TYR B 431 44.64 -26.51 -7.66
C TYR B 431 43.45 -25.98 -6.90
N TYR B 432 43.69 -25.08 -5.96
CA TYR B 432 42.57 -24.38 -5.32
C TYR B 432 42.86 -22.92 -5.03
N GLN B 433 41.85 -22.07 -5.22
CA GLN B 433 41.91 -20.68 -4.78
C GLN B 433 41.32 -20.55 -3.37
N LEU B 434 42.09 -19.95 -2.46
CA LEU B 434 41.57 -19.65 -1.13
C LEU B 434 41.10 -18.20 -1.08
N ARG B 435 39.97 -17.98 -0.42
CA ARG B 435 39.39 -16.66 -0.27
C ARG B 435 39.22 -16.37 1.22
N CYS B 436 40.04 -15.49 1.76
CA CYS B 436 39.96 -15.06 3.16
C CYS B 436 39.05 -13.84 3.22
N SER B 437 38.05 -13.86 4.12
CA SER B 437 37.08 -12.76 4.26
C SER B 437 37.27 -11.92 5.51
N GLY B 438 38.23 -12.27 6.36
CA GLY B 438 38.43 -11.51 7.57
C GLY B 438 39.19 -12.32 8.60
N PRO B 439 39.48 -11.72 9.76
CA PRO B 439 39.06 -10.38 10.19
C PRO B 439 39.81 -9.20 9.52
N GLY B 440 40.92 -9.48 8.84
CA GLY B 440 41.68 -8.46 8.14
C GLY B 440 41.08 -8.24 6.77
N LEU B 441 41.70 -7.42 5.94
CA LEU B 441 41.17 -7.24 4.59
C LEU B 441 41.21 -8.57 3.84
N PRO B 442 40.17 -8.84 3.03
CA PRO B 442 40.11 -10.07 2.23
C PRO B 442 41.37 -10.33 1.40
N LEU B 443 41.82 -11.58 1.40
CA LEU B 443 43.06 -11.96 0.72
C LEU B 443 42.79 -13.21 -0.12
N TYR B 444 43.06 -13.12 -1.41
CA TYR B 444 42.85 -14.23 -2.34
C TYR B 444 44.18 -14.85 -2.78
N THR B 445 44.33 -16.15 -2.57
CA THR B 445 45.59 -16.85 -2.82
C THR B 445 45.34 -18.10 -3.67
N LEU B 446 46.36 -18.53 -4.42
CA LEU B 446 46.26 -19.74 -5.21
C LEU B 446 47.25 -20.81 -4.72
N HIS B 447 46.82 -22.07 -4.74
CA HIS B 447 47.59 -23.16 -4.16
C HIS B 447 47.50 -24.40 -5.05
N SER B 448 48.48 -25.28 -4.94
CA SER B 448 48.47 -26.56 -5.65
C SER B 448 48.29 -27.68 -4.64
N SER B 449 47.41 -28.62 -4.94
CA SER B 449 47.02 -29.64 -3.97
C SER B 449 48.10 -30.70 -3.73
N VAL B 450 48.96 -30.92 -4.72
CA VAL B 450 49.87 -32.07 -4.63
C VAL B 450 50.66 -32.06 -3.33
N ASN B 451 51.20 -30.90 -2.95
CA ASN B 451 51.83 -30.72 -1.65
C ASN B 451 51.33 -29.47 -0.93
N ASP B 452 50.21 -28.93 -1.37
CA ASP B 452 49.64 -27.75 -0.72
C ASP B 452 50.66 -26.62 -0.64
N LYS B 453 51.32 -26.33 -1.75
CA LYS B 453 52.26 -25.23 -1.83
C LYS B 453 51.51 -23.95 -2.22
N GLY B 454 51.86 -22.84 -1.57
CA GLY B 454 51.39 -21.54 -2.01
C GLY B 454 51.99 -21.19 -3.36
N LEU B 455 51.16 -20.97 -4.37
CA LEU B 455 51.65 -20.58 -5.68
C LEU B 455 51.89 -19.07 -5.76
N ARG B 456 50.83 -18.29 -5.59
CA ARG B 456 50.92 -16.82 -5.64
C ARG B 456 49.73 -16.13 -4.95
N VAL B 457 49.92 -14.85 -4.65
CA VAL B 457 48.85 -14.00 -4.16
C VAL B 457 48.13 -13.42 -5.37
N LEU B 458 46.81 -13.59 -5.40
CA LEU B 458 46.01 -13.14 -6.53
C LEU B 458 45.49 -11.71 -6.31
N GLU B 459 45.02 -11.43 -5.10
CA GLU B 459 44.56 -10.10 -4.72
C GLU B 459 44.74 -9.93 -3.23
N ASP B 460 45.41 -8.87 -2.80
CA ASP B 460 45.63 -8.61 -1.36
C ASP B 460 44.98 -7.32 -0.82
N ASN B 461 44.29 -6.59 -1.68
CA ASN B 461 43.58 -5.38 -1.28
C ASN B 461 44.50 -4.30 -0.71
N SER B 462 45.72 -4.24 -1.22
CA SER B 462 46.68 -3.24 -0.78
C SER B 462 46.18 -1.81 -1.03
N ALA B 463 45.46 -1.60 -2.13
CA ALA B 463 44.90 -0.27 -2.43
C ALA B 463 43.93 0.18 -1.34
N LEU B 464 42.95 -0.65 -1.01
CA LEU B 464 42.02 -0.34 0.08
C LEU B 464 42.80 -0.13 1.37
N ASP B 465 43.81 -0.95 1.59
CA ASP B 465 44.59 -0.80 2.81
C ASP B 465 45.22 0.60 2.90
N LYS B 466 45.77 1.08 1.79
CA LYS B 466 46.37 2.42 1.76
C LYS B 466 45.32 3.47 2.05
N MET B 467 44.14 3.34 1.46
CA MET B 467 43.08 4.31 1.69
C MET B 467 42.66 4.34 3.15
N LEU B 468 42.51 3.17 3.77
CA LEU B 468 42.02 3.11 5.14
C LEU B 468 43.02 3.66 6.16
N GLN B 469 44.28 3.79 5.77
CA GLN B 469 45.30 4.35 6.66
C GLN B 469 44.90 5.77 7.07
N ASN B 470 44.15 6.43 6.19
CA ASN B 470 43.72 7.82 6.41
C ASN B 470 42.37 7.95 7.16
N VAL B 471 41.85 6.83 7.65
CA VAL B 471 40.52 6.80 8.27
C VAL B 471 40.55 6.23 9.69
N GLN B 472 39.76 6.83 10.57
CA GLN B 472 39.58 6.30 11.92
C GLN B 472 38.59 5.15 11.88
N MET B 473 39.06 3.95 11.57
CA MET B 473 38.18 2.78 11.49
C MET B 473 37.84 2.25 12.87
N PRO B 474 36.63 1.69 13.04
CA PRO B 474 36.28 1.07 14.32
C PRO B 474 36.95 -0.30 14.42
N SER B 475 36.86 -0.97 15.58
CA SER B 475 37.41 -2.32 15.72
C SER B 475 36.30 -3.30 16.04
N LYS B 476 36.55 -4.59 15.87
CA LYS B 476 35.58 -5.63 16.21
C LYS B 476 36.08 -6.54 17.32
N LYS B 477 35.24 -6.77 18.31
CA LYS B 477 35.51 -7.75 19.34
C LYS B 477 34.57 -8.93 19.13
N LEU B 478 35.12 -10.14 19.08
CA LEU B 478 34.34 -11.38 19.03
C LEU B 478 34.66 -12.16 20.29
N ASP B 479 33.64 -12.51 21.06
CA ASP B 479 33.84 -13.14 22.37
C ASP B 479 32.56 -13.87 22.72
N PHE B 480 32.47 -14.41 23.93
CA PHE B 480 31.24 -15.08 24.35
C PHE B 480 30.80 -14.71 25.76
N ILE B 481 29.50 -14.85 26.03
CA ILE B 481 28.97 -14.78 27.37
C ILE B 481 28.46 -16.16 27.74
N ILE B 482 28.03 -16.30 29.00
CA ILE B 482 27.51 -17.57 29.48
C ILE B 482 26.08 -17.39 29.96
N LEU B 483 25.15 -18.01 29.27
CA LEU B 483 23.76 -18.09 29.71
C LEU B 483 23.54 -19.55 30.07
N ASN B 484 23.13 -19.81 31.31
CA ASN B 484 22.83 -21.17 31.75
C ASN B 484 23.90 -22.17 31.43
N GLU B 485 25.13 -21.90 31.83
CA GLU B 485 26.21 -22.85 31.67
C GLU B 485 26.62 -23.15 30.21
N THR B 486 26.06 -22.42 29.25
CA THR B 486 26.43 -22.60 27.85
C THR B 486 27.09 -21.34 27.30
N LYS B 487 28.03 -21.51 26.37
CA LYS B 487 28.65 -20.36 25.70
C LYS B 487 27.77 -19.86 24.56
N PHE B 488 27.60 -18.55 24.50
CA PHE B 488 26.92 -17.92 23.36
C PHE B 488 27.76 -16.76 22.88
N TRP B 489 27.98 -16.69 21.59
CA TRP B 489 28.92 -15.74 21.02
C TRP B 489 28.28 -14.41 20.63
N TYR B 490 29.05 -13.35 20.72
CA TYR B 490 28.57 -12.05 20.28
C TYR B 490 29.71 -11.32 19.62
N GLN B 491 29.40 -10.28 18.87
CA GLN B 491 30.44 -9.40 18.37
C GLN B 491 30.05 -7.96 18.67
N MET B 492 31.05 -7.10 18.80
CA MET B 492 30.82 -5.67 18.95
C MET B 492 31.71 -4.87 18.02
N ILE B 493 31.09 -4.01 17.22
CA ILE B 493 31.83 -2.99 16.50
C ILE B 493 32.07 -1.87 17.50
N LEU B 494 33.32 -1.61 17.83
CA LEU B 494 33.67 -0.59 18.82
C LEU B 494 34.21 0.65 18.13
N PRO B 495 33.81 1.84 18.61
CA PRO B 495 34.28 3.09 18.01
C PRO B 495 35.80 3.20 18.07
N PRO B 496 36.40 3.94 17.13
CA PRO B 496 37.85 4.11 17.23
C PRO B 496 38.23 4.76 18.58
N HIS B 497 39.40 4.41 19.10
CA HIS B 497 39.86 4.94 20.39
C HIS B 497 38.93 4.54 21.51
N PHE B 498 38.40 3.32 21.43
CA PHE B 498 37.49 2.82 22.44
C PHE B 498 38.13 2.98 23.81
N ASP B 499 37.41 3.62 24.72
CA ASP B 499 37.86 3.85 26.09
C ASP B 499 36.91 3.15 27.05
N LYS B 500 37.35 2.02 27.61
CA LYS B 500 36.46 1.16 28.41
C LYS B 500 35.89 1.84 29.65
N SER B 501 36.38 3.03 29.95
CA SER B 501 35.89 3.76 31.12
C SER B 501 34.70 4.65 30.79
N LYS B 502 34.51 4.94 29.51
CA LYS B 502 33.38 5.77 29.08
C LYS B 502 32.11 4.93 28.93
N LYS B 503 30.97 5.62 28.77
CA LYS B 503 29.69 4.95 28.56
C LYS B 503 29.17 5.28 27.16
N TYR B 504 29.12 4.28 26.29
CA TYR B 504 28.66 4.45 24.92
C TYR B 504 27.22 3.97 24.76
N PRO B 505 26.46 4.60 23.86
CA PRO B 505 25.16 4.03 23.47
C PRO B 505 25.38 2.71 22.74
N LEU B 506 24.42 1.79 22.77
CA LEU B 506 24.55 0.50 22.11
C LEU B 506 23.38 0.20 21.18
N LEU B 507 23.66 -0.18 19.93
CA LEU B 507 22.62 -0.64 19.03
C LEU B 507 22.76 -2.15 18.85
N LEU B 508 21.71 -2.90 19.17
CA LEU B 508 21.73 -4.34 18.93
C LEU B 508 21.23 -4.64 17.51
N ASP B 509 22.15 -5.08 16.67
CA ASP B 509 21.84 -5.48 15.31
C ASP B 509 21.43 -6.96 15.31
N VAL B 510 20.16 -7.25 15.01
CA VAL B 510 19.68 -8.62 15.09
C VAL B 510 19.16 -9.27 13.80
N TYR B 511 19.49 -10.54 13.63
CA TYR B 511 18.78 -11.35 12.66
C TYR B 511 18.12 -12.51 13.41
N ALA B 512 18.92 -13.44 13.91
CA ALA B 512 18.46 -14.47 14.84
C ALA B 512 17.52 -15.53 14.26
N GLY B 513 17.41 -15.61 12.94
CA GLY B 513 16.62 -16.69 12.35
C GLY B 513 17.31 -18.03 12.60
N PRO B 514 16.58 -19.13 12.38
CA PRO B 514 17.14 -20.46 12.66
C PRO B 514 18.39 -20.72 11.82
N CYS B 515 19.44 -21.24 12.46
CA CYS B 515 20.74 -21.49 11.84
C CYS B 515 21.47 -20.22 11.40
N SER B 516 21.11 -19.08 11.98
CA SER B 516 21.81 -17.83 11.65
C SER B 516 23.11 -17.71 12.41
N GLN B 517 23.96 -16.79 11.96
CA GLN B 517 25.18 -16.52 12.66
C GLN B 517 25.56 -15.09 12.40
N LYS B 518 25.44 -14.25 13.42
CA LYS B 518 25.73 -12.82 13.30
C LYS B 518 27.01 -12.44 14.04
N ALA B 519 27.57 -13.41 14.76
CA ALA B 519 28.86 -13.22 15.40
C ALA B 519 29.91 -14.02 14.62
N ASP B 520 30.78 -13.33 13.89
CA ASP B 520 31.79 -14.06 13.11
C ASP B 520 33.06 -13.24 12.87
N THR B 521 33.98 -13.78 12.09
CA THR B 521 35.27 -13.12 11.94
C THR B 521 35.42 -12.40 10.60
N VAL B 522 34.32 -12.18 9.88
CA VAL B 522 34.48 -11.53 8.58
C VAL B 522 34.56 -10.00 8.63
N PHE B 523 35.31 -9.45 7.68
CA PHE B 523 35.52 -8.02 7.60
C PHE B 523 34.42 -7.39 6.78
N ARG B 524 33.78 -6.38 7.34
CA ARG B 524 32.66 -5.71 6.69
C ARG B 524 32.76 -4.19 6.75
N LEU B 525 32.40 -3.55 5.63
CA LEU B 525 32.20 -2.11 5.56
C LEU B 525 30.72 -1.87 5.33
N ASN B 526 30.02 -1.48 6.39
CA ASN B 526 28.58 -1.33 6.29
C ASN B 526 28.08 -0.19 7.16
N TRP B 527 26.77 -0.18 7.41
CA TRP B 527 26.16 0.92 8.15
C TRP B 527 26.70 0.96 9.57
N ALA B 528 26.93 -0.20 10.16
CA ALA B 528 27.45 -0.26 11.53
C ALA B 528 28.86 0.35 11.59
N THR B 529 29.61 0.22 10.51
CA THR B 529 30.95 0.84 10.44
C THR B 529 30.82 2.36 10.61
N TYR B 530 29.90 2.95 9.86
CA TYR B 530 29.59 4.37 10.01
C TYR B 530 29.12 4.71 11.42
N LEU B 531 28.15 3.96 11.94
CA LEU B 531 27.63 4.24 13.27
C LEU B 531 28.73 4.28 14.34
N ALA B 532 29.62 3.30 14.30
CA ALA B 532 30.69 3.24 15.30
C ALA B 532 31.77 4.30 15.04
N SER B 533 32.15 4.46 13.77
CA SER B 533 33.26 5.35 13.43
C SER B 533 32.90 6.84 13.61
N THR B 534 31.71 7.21 13.14
CA THR B 534 31.30 8.62 13.14
C THR B 534 30.40 9.03 14.31
N GLU B 535 29.56 8.11 14.78
CA GLU B 535 28.57 8.46 15.80
C GLU B 535 28.93 7.86 17.15
N ASN B 536 30.04 7.13 17.18
CA ASN B 536 30.57 6.56 18.41
C ASN B 536 29.57 5.67 19.11
N ILE B 537 28.87 4.89 18.31
CA ILE B 537 27.89 3.93 18.80
C ILE B 537 28.49 2.52 18.72
N ILE B 538 28.26 1.71 19.75
CA ILE B 538 28.71 0.33 19.71
C ILE B 538 27.59 -0.42 19.01
N VAL B 539 27.91 -1.19 17.98
CA VAL B 539 26.87 -2.02 17.37
C VAL B 539 27.16 -3.48 17.66
N ALA B 540 26.29 -4.12 18.44
CA ALA B 540 26.50 -5.48 18.85
C ALA B 540 25.53 -6.43 18.17
N SER B 541 26.00 -7.67 17.97
CA SER B 541 25.12 -8.73 17.50
C SER B 541 25.36 -9.96 18.37
N PHE B 542 24.33 -10.77 18.56
CA PHE B 542 24.41 -11.90 19.48
C PHE B 542 23.77 -13.16 18.84
N ASP B 543 24.41 -14.32 19.01
CA ASP B 543 23.85 -15.58 18.50
C ASP B 543 23.33 -16.45 19.64
N GLY B 544 22.03 -16.46 19.84
CA GLY B 544 21.44 -17.19 20.94
C GLY B 544 20.88 -18.51 20.48
N ARG B 545 19.94 -19.05 21.25
CA ARG B 545 19.27 -20.29 20.86
C ARG B 545 18.67 -20.15 19.47
N GLY B 546 18.81 -21.22 18.69
CA GLY B 546 18.36 -21.19 17.32
C GLY B 546 19.49 -20.83 16.35
N SER B 547 20.61 -20.28 16.83
CA SER B 547 21.69 -19.96 15.90
C SER B 547 22.36 -21.26 15.39
N GLY B 548 23.15 -21.17 14.32
CA GLY B 548 23.67 -22.37 13.67
C GLY B 548 25.13 -22.67 13.98
N TYR B 549 25.61 -23.80 13.46
CA TYR B 549 27.03 -24.15 13.49
C TYR B 549 27.61 -24.48 14.86
N GLN B 550 26.73 -24.74 15.82
CA GLN B 550 27.12 -25.04 17.20
C GLN B 550 26.40 -26.29 17.72
N GLY B 551 25.79 -27.06 16.82
CA GLY B 551 25.12 -28.29 17.23
C GLY B 551 23.62 -28.15 17.34
N ASP B 552 22.93 -29.28 17.29
CA ASP B 552 21.47 -29.29 17.29
C ASP B 552 20.86 -28.87 18.63
N LYS B 553 21.57 -29.08 19.73
CA LYS B 553 20.98 -28.66 20.99
C LYS B 553 20.65 -27.17 20.92
N ILE B 554 21.58 -26.38 20.38
CA ILE B 554 21.35 -24.95 20.22
C ILE B 554 20.39 -24.64 19.06
N MET B 555 20.61 -25.24 17.90
CA MET B 555 19.85 -24.86 16.72
C MET B 555 18.37 -25.27 16.79
N HIS B 556 18.09 -26.46 17.33
CA HIS B 556 16.72 -26.95 17.41
C HIS B 556 15.93 -26.49 18.64
N ALA B 557 16.57 -25.70 19.50
CA ALA B 557 15.89 -25.21 20.71
C ALA B 557 14.60 -24.48 20.35
N ILE B 558 14.59 -23.96 19.13
CA ILE B 558 13.52 -23.12 18.63
C ILE B 558 12.43 -23.91 17.89
N ASN B 559 12.61 -25.21 17.80
CA ASN B 559 11.73 -26.06 17.02
C ASN B 559 10.25 -25.87 17.41
N ARG B 560 9.41 -25.64 16.41
CA ARG B 560 7.96 -25.43 16.61
C ARG B 560 7.61 -24.23 17.50
N ARG B 561 8.61 -23.41 17.82
CA ARG B 561 8.42 -22.32 18.76
C ARG B 561 9.15 -21.04 18.35
N LEU B 562 9.00 -20.62 17.09
CA LEU B 562 9.62 -19.36 16.67
C LEU B 562 9.06 -18.22 17.50
N GLY B 563 9.87 -17.18 17.70
CA GLY B 563 9.44 -16.03 18.48
C GLY B 563 9.44 -16.28 19.99
N THR B 564 10.23 -17.25 20.46
CA THR B 564 10.35 -17.50 21.89
C THR B 564 11.78 -17.32 22.40
N PHE B 565 12.57 -18.39 22.36
CA PHE B 565 13.91 -18.39 22.93
C PHE B 565 14.89 -17.44 22.22
N GLU B 566 14.73 -17.27 20.92
CA GLU B 566 15.67 -16.40 20.21
C GLU B 566 15.40 -14.93 20.54
N VAL B 567 14.15 -14.62 20.87
CA VAL B 567 13.74 -13.26 21.29
C VAL B 567 14.17 -12.99 22.73
N GLU B 568 13.87 -13.95 23.59
CA GLU B 568 14.30 -13.95 24.97
C GLU B 568 15.81 -13.78 25.07
N ASP B 569 16.55 -14.49 24.22
CA ASP B 569 18.01 -14.46 24.28
C ASP B 569 18.62 -13.14 23.82
N GLN B 570 18.02 -12.51 22.82
CA GLN B 570 18.44 -11.16 22.44
C GLN B 570 18.25 -10.19 23.61
N ILE B 571 17.14 -10.32 24.34
CA ILE B 571 16.90 -9.47 25.52
C ILE B 571 17.96 -9.69 26.61
N GLU B 572 18.25 -10.95 26.93
CA GLU B 572 19.24 -11.27 27.95
C GLU B 572 20.64 -10.77 27.57
N ALA B 573 20.99 -10.85 26.28
CA ALA B 573 22.29 -10.39 25.81
C ALA B 573 22.43 -8.91 26.05
N ALA B 574 21.37 -8.16 25.78
CA ALA B 574 21.38 -6.71 25.98
C ALA B 574 21.56 -6.39 27.46
N ARG B 575 20.87 -7.12 28.33
CA ARG B 575 21.01 -6.94 29.78
C ARG B 575 22.45 -7.08 30.21
N GLN B 576 23.12 -8.11 29.69
CA GLN B 576 24.49 -8.39 30.07
C GLN B 576 25.41 -7.31 29.53
N PHE B 577 25.20 -6.91 28.28
CA PHE B 577 25.95 -5.79 27.71
C PHE B 577 25.80 -4.53 28.58
N SER B 578 24.61 -4.31 29.13
CA SER B 578 24.32 -3.15 29.99
C SER B 578 25.11 -3.16 31.29
N LYS B 579 25.38 -4.35 31.81
CA LYS B 579 26.20 -4.52 32.99
C LYS B 579 27.60 -3.99 32.71
N MET B 580 28.14 -4.37 31.56
CA MET B 580 29.46 -3.91 31.17
C MET B 580 29.55 -2.40 31.42
N GLY B 581 30.69 -1.97 31.92
CA GLY B 581 30.83 -0.62 32.45
C GLY B 581 31.04 0.44 31.39
N PHE B 582 30.93 0.03 30.13
CA PHE B 582 31.13 0.97 29.02
C PHE B 582 29.88 1.16 28.18
N VAL B 583 28.76 0.60 28.64
CA VAL B 583 27.50 0.76 27.95
C VAL B 583 26.53 1.62 28.75
N ASP B 584 26.02 2.66 28.10
CA ASP B 584 24.99 3.50 28.70
C ASP B 584 23.65 2.79 28.64
N ASN B 585 23.18 2.31 29.79
CA ASN B 585 21.94 1.55 29.82
C ASN B 585 20.67 2.38 29.55
N LYS B 586 20.82 3.70 29.47
CA LYS B 586 19.69 4.55 29.12
C LYS B 586 19.57 4.70 27.59
N ARG B 587 20.58 4.24 26.88
CA ARG B 587 20.59 4.36 25.43
C ARG B 587 20.91 3.06 24.72
N ILE B 588 19.99 2.11 24.79
CA ILE B 588 20.11 0.87 24.06
C ILE B 588 19.02 0.79 22.99
N ALA B 589 19.41 0.67 21.73
CA ALA B 589 18.45 0.50 20.65
C ALA B 589 18.53 -0.90 20.05
N ILE B 590 17.56 -1.25 19.23
CA ILE B 590 17.59 -2.52 18.54
C ILE B 590 17.06 -2.34 17.11
N TRP B 591 17.61 -3.09 16.16
CA TRP B 591 17.08 -3.05 14.81
C TRP B 591 17.34 -4.35 14.07
N GLY B 592 16.49 -4.64 13.09
CA GLY B 592 16.69 -5.81 12.25
C GLY B 592 15.85 -5.73 10.99
N TRP B 593 16.20 -6.58 10.04
CA TRP B 593 15.54 -6.62 8.74
C TRP B 593 15.00 -8.03 8.56
N SER B 594 13.82 -8.16 7.99
CA SER B 594 13.31 -9.49 7.64
C SER B 594 13.06 -10.34 8.90
N TYR B 595 13.69 -11.51 9.03
CA TYR B 595 13.50 -12.22 10.29
C TYR B 595 13.93 -11.30 11.45
N GLY B 596 14.96 -10.49 11.21
CA GLY B 596 15.42 -9.54 12.22
C GLY B 596 14.42 -8.44 12.53
N GLY B 597 13.52 -8.17 11.59
CA GLY B 597 12.46 -7.20 11.84
C GLY B 597 11.44 -7.80 12.79
N TYR B 598 11.06 -9.05 12.54
CA TYR B 598 10.17 -9.78 13.43
C TYR B 598 10.72 -9.82 14.86
N VAL B 599 11.95 -10.28 15.01
CA VAL B 599 12.55 -10.39 16.34
C VAL B 599 12.61 -9.01 17.03
N THR B 600 13.04 -7.98 16.30
CA THR B 600 13.07 -6.62 16.85
C THR B 600 11.70 -6.21 17.37
N SER B 601 10.66 -6.53 16.61
CA SER B 601 9.30 -6.15 16.95
C SER B 601 8.83 -6.87 18.21
N MET B 602 9.12 -8.17 18.27
CA MET B 602 8.77 -8.99 19.42
C MET B 602 9.51 -8.53 20.68
N VAL B 603 10.78 -8.19 20.52
CA VAL B 603 11.58 -7.65 21.62
C VAL B 603 11.01 -6.32 22.13
N LEU B 604 10.69 -5.41 21.21
CA LEU B 604 10.15 -4.10 21.57
C LEU B 604 8.77 -4.22 22.20
N GLY B 605 8.06 -5.29 21.85
CA GLY B 605 6.74 -5.57 22.37
C GLY B 605 6.74 -6.46 23.60
N SER B 606 7.93 -6.70 24.15
CA SER B 606 8.07 -7.62 25.29
C SER B 606 7.84 -6.92 26.63
N GLY B 607 7.97 -5.60 26.66
CA GLY B 607 7.79 -4.87 27.91
C GLY B 607 8.98 -5.02 28.83
N SER B 608 10.09 -5.49 28.28
CA SER B 608 11.29 -5.77 29.08
C SER B 608 11.90 -4.50 29.67
N GLY B 609 11.60 -3.35 29.05
CA GLY B 609 12.12 -2.09 29.52
C GLY B 609 13.59 -1.87 29.22
N VAL B 610 14.22 -2.85 28.57
CA VAL B 610 15.64 -2.74 28.26
C VAL B 610 15.95 -1.77 27.11
N PHE B 611 15.05 -1.68 26.14
CA PHE B 611 15.30 -0.91 24.93
C PHE B 611 14.53 0.43 24.87
N LYS B 612 15.23 1.50 24.49
CA LYS B 612 14.64 2.82 24.34
C LYS B 612 13.87 2.93 23.04
N CYS B 613 14.40 2.35 21.97
CA CYS B 613 13.78 2.44 20.65
C CYS B 613 14.26 1.30 19.75
N GLY B 614 13.61 1.15 18.61
CA GLY B 614 14.03 0.13 17.67
C GLY B 614 13.48 0.35 16.29
N ILE B 615 14.08 -0.34 15.32
CA ILE B 615 13.68 -0.22 13.92
C ILE B 615 13.43 -1.60 13.35
N ALA B 616 12.25 -1.83 12.77
CA ALA B 616 11.99 -3.10 12.10
C ALA B 616 11.81 -2.85 10.61
N VAL B 617 12.64 -3.48 9.79
CA VAL B 617 12.52 -3.30 8.35
C VAL B 617 11.94 -4.56 7.72
N ALA B 618 10.87 -4.40 6.97
CA ALA B 618 10.18 -5.51 6.31
C ALA B 618 10.06 -6.73 7.21
N PRO B 619 9.42 -6.54 8.38
CA PRO B 619 9.30 -7.62 9.36
C PRO B 619 8.22 -8.64 9.00
N VAL B 620 8.43 -9.90 9.35
CA VAL B 620 7.30 -10.82 9.45
C VAL B 620 6.51 -10.39 10.70
N SER B 621 5.18 -10.49 10.68
CA SER B 621 4.41 -10.15 11.88
C SER B 621 3.57 -11.31 12.35
N ARG B 622 3.28 -12.25 11.46
CA ARG B 622 2.43 -13.38 11.80
C ARG B 622 2.85 -14.51 10.87
N TRP B 623 3.14 -15.70 11.41
CA TRP B 623 3.72 -16.78 10.58
C TRP B 623 2.75 -17.29 9.51
N GLU B 624 1.46 -17.18 9.77
CA GLU B 624 0.47 -17.51 8.75
C GLU B 624 0.62 -16.69 7.45
N TYR B 625 1.31 -15.56 7.52
CA TYR B 625 1.49 -14.71 6.32
C TYR B 625 2.69 -15.04 5.47
N TYR B 626 3.65 -15.79 6.03
CA TYR B 626 4.89 -16.12 5.32
C TYR B 626 4.76 -17.45 4.57
N ASP B 627 5.75 -17.75 3.72
CA ASP B 627 5.62 -18.88 2.80
C ASP B 627 5.67 -20.27 3.47
N SER B 628 5.04 -21.25 2.83
CA SER B 628 4.88 -22.55 3.45
C SER B 628 6.21 -23.25 3.69
N VAL B 629 7.09 -23.29 2.70
CA VAL B 629 8.29 -24.10 2.82
C VAL B 629 9.16 -23.65 3.98
N TYR B 630 9.37 -22.35 4.10
CA TYR B 630 10.19 -21.82 5.19
C TYR B 630 9.48 -21.97 6.51
N THR B 631 8.24 -21.50 6.56
CA THR B 631 7.53 -21.41 7.84
C THR B 631 7.28 -22.78 8.45
N GLU B 632 6.72 -23.69 7.67
CA GLU B 632 6.35 -24.99 8.21
C GLU B 632 7.58 -25.83 8.57
N ARG B 633 8.74 -25.44 8.04
CA ARG B 633 9.96 -26.19 8.39
C ARG B 633 10.22 -26.04 9.87
N TYR B 634 9.98 -24.85 10.42
CA TYR B 634 10.22 -24.63 11.84
C TYR B 634 8.96 -24.74 12.68
N MET B 635 7.80 -24.50 12.06
CA MET B 635 6.56 -24.31 12.83
C MET B 635 5.51 -25.42 12.69
N GLY B 636 5.74 -26.39 11.80
CA GLY B 636 4.70 -27.33 11.47
C GLY B 636 3.56 -26.61 10.78
N LEU B 637 2.37 -27.21 10.81
CA LEU B 637 1.21 -26.61 10.14
C LEU B 637 0.35 -25.84 11.10
N PRO B 638 -0.35 -24.79 10.60
CA PRO B 638 -1.22 -23.96 11.44
C PRO B 638 -2.63 -24.57 11.55
N THR B 639 -2.72 -25.79 12.06
CA THR B 639 -4.00 -26.44 12.30
C THR B 639 -4.15 -26.79 13.80
N PRO B 640 -5.39 -26.96 14.26
CA PRO B 640 -5.60 -27.33 15.68
C PRO B 640 -4.91 -28.65 16.03
N GLU B 641 -4.88 -29.58 15.07
CA GLU B 641 -4.20 -30.86 15.25
C GLU B 641 -2.67 -30.74 15.40
N ASP B 642 -2.08 -29.66 14.88
CA ASP B 642 -0.63 -29.52 14.87
C ASP B 642 -0.21 -28.36 15.75
N ASN B 643 0.14 -27.23 15.13
CA ASN B 643 0.76 -26.15 15.89
C ASN B 643 0.03 -24.81 15.87
N LEU B 644 -1.26 -24.82 15.49
CA LEU B 644 -2.02 -23.58 15.39
C LEU B 644 -1.88 -22.65 16.59
N ASP B 645 -1.91 -23.23 17.78
CA ASP B 645 -1.86 -22.45 19.01
C ASP B 645 -0.62 -21.57 19.10
N HIS B 646 0.53 -22.10 18.71
CA HIS B 646 1.72 -21.27 18.79
C HIS B 646 1.83 -20.27 17.63
N TYR B 647 1.30 -20.63 16.47
CA TYR B 647 1.15 -19.68 15.38
C TYR B 647 0.44 -18.45 15.91
N ARG B 648 -0.61 -18.65 16.71
CA ARG B 648 -1.41 -17.52 17.22
C ARG B 648 -0.79 -16.79 18.40
N ASN B 649 0.07 -17.48 19.13
CA ASN B 649 0.69 -16.87 20.30
C ASN B 649 1.98 -16.10 19.96
N SER B 650 2.43 -16.20 18.70
CA SER B 650 3.74 -15.64 18.31
C SER B 650 3.65 -14.48 17.31
N THR B 651 2.52 -13.77 17.29
CA THR B 651 2.34 -12.62 16.41
C THR B 651 2.83 -11.34 17.08
N VAL B 652 3.33 -10.39 16.29
CA VAL B 652 3.67 -9.07 16.80
C VAL B 652 2.41 -8.33 17.28
N MET B 653 1.32 -8.44 16.53
CA MET B 653 0.07 -7.73 16.82
C MET B 653 -0.42 -7.92 18.26
N SER B 654 -0.25 -9.13 18.80
CA SER B 654 -0.73 -9.43 20.15
C SER B 654 0.02 -8.66 21.25
N ARG B 655 1.20 -8.13 20.91
CA ARG B 655 2.00 -7.34 21.85
C ARG B 655 1.85 -5.82 21.69
N ALA B 656 0.86 -5.40 20.91
CA ALA B 656 0.69 -3.99 20.56
C ALA B 656 0.79 -3.04 21.75
N GLU B 657 0.10 -3.37 22.85
CA GLU B 657 0.02 -2.46 24.01
C GLU B 657 1.38 -2.07 24.56
N ASN B 658 2.32 -3.01 24.55
CA ASN B 658 3.63 -2.78 25.15
C ASN B 658 4.48 -1.82 24.35
N PHE B 659 4.06 -1.52 23.12
CA PHE B 659 4.83 -0.58 22.31
C PHE B 659 4.68 0.84 22.82
N LYS B 660 3.81 1.01 23.82
CA LYS B 660 3.63 2.30 24.44
C LYS B 660 4.91 2.71 25.13
N GLN B 661 5.71 1.71 25.50
CA GLN B 661 6.92 1.97 26.28
C GLN B 661 8.16 2.29 25.43
N VAL B 662 7.99 2.38 24.10
CA VAL B 662 9.16 2.54 23.24
C VAL B 662 8.93 3.43 22.01
N GLU B 663 10.02 3.89 21.40
CA GLU B 663 9.92 4.53 20.09
C GLU B 663 10.15 3.48 19.02
N TYR B 664 9.20 3.33 18.10
CA TYR B 664 9.25 2.28 17.08
C TYR B 664 9.21 2.91 15.70
N LEU B 665 10.15 2.55 14.83
CA LEU B 665 10.08 2.91 13.42
C LEU B 665 9.84 1.65 12.59
N LEU B 666 8.80 1.68 11.77
CA LEU B 666 8.38 0.54 10.97
C LEU B 666 8.50 0.89 9.49
N ILE B 667 9.23 0.08 8.73
CA ILE B 667 9.55 0.41 7.34
C ILE B 667 9.28 -0.81 6.45
N HIS B 668 8.66 -0.59 5.29
CA HIS B 668 8.34 -1.71 4.41
C HIS B 668 8.20 -1.26 2.94
N GLY B 669 8.73 -2.07 2.01
CA GLY B 669 8.55 -1.80 0.58
C GLY B 669 7.16 -2.25 0.14
N THR B 670 6.46 -1.42 -0.66
CA THR B 670 5.09 -1.77 -1.07
C THR B 670 5.00 -2.93 -2.08
N ALA B 671 6.09 -3.16 -2.81
CA ALA B 671 6.18 -4.27 -3.77
C ALA B 671 6.99 -5.45 -3.26
N ASP B 672 6.91 -5.72 -1.96
CA ASP B 672 7.66 -6.83 -1.37
C ASP B 672 6.90 -8.09 -1.70
N ASP B 673 7.45 -8.88 -2.60
CA ASP B 673 6.84 -10.12 -3.07
C ASP B 673 7.14 -11.24 -2.11
N ASN B 674 8.02 -10.96 -1.16
CA ASN B 674 8.59 -11.98 -0.26
C ASN B 674 7.95 -11.93 1.14
N VAL B 675 8.26 -10.90 1.90
CA VAL B 675 7.52 -10.62 3.13
C VAL B 675 6.54 -9.53 2.72
N HIS B 676 5.27 -9.90 2.58
CA HIS B 676 4.31 -9.01 1.95
C HIS B 676 4.06 -7.74 2.79
N PHE B 677 3.86 -6.62 2.11
CA PHE B 677 3.51 -5.39 2.81
C PHE B 677 2.40 -5.66 3.82
N GLN B 678 1.47 -6.53 3.45
CA GLN B 678 0.43 -7.01 4.36
C GLN B 678 0.93 -7.14 5.80
N GLN B 679 2.10 -7.76 5.96
CA GLN B 679 2.62 -8.04 7.29
C GLN B 679 2.81 -6.77 8.14
N SER B 680 3.40 -5.72 7.57
CA SER B 680 3.54 -4.47 8.31
C SER B 680 2.20 -3.72 8.38
N ALA B 681 1.36 -3.92 7.37
CA ALA B 681 0.05 -3.27 7.36
C ALA B 681 -0.76 -3.74 8.56
N GLN B 682 -0.60 -5.00 8.93
CA GLN B 682 -1.33 -5.54 10.07
C GLN B 682 -0.69 -5.08 11.39
N ILE B 683 0.64 -4.89 11.42
CA ILE B 683 1.29 -4.33 12.59
C ILE B 683 0.78 -2.93 12.88
N SER B 684 0.79 -2.05 11.88
CA SER B 684 0.38 -0.65 12.12
C SER B 684 -1.07 -0.54 12.59
N LYS B 685 -1.95 -1.37 12.02
CA LYS B 685 -3.36 -1.36 12.38
C LYS B 685 -3.57 -1.79 13.83
N ALA B 686 -2.80 -2.77 14.30
CA ALA B 686 -2.86 -3.19 15.70
C ALA B 686 -2.38 -2.07 16.63
N LEU B 687 -1.32 -1.37 16.24
CA LEU B 687 -0.82 -0.24 17.03
C LEU B 687 -1.85 0.90 17.06
N VAL B 688 -2.44 1.20 15.90
CA VAL B 688 -3.46 2.25 15.84
C VAL B 688 -4.68 1.88 16.69
N ASP B 689 -5.09 0.62 16.63
CA ASP B 689 -6.29 0.19 17.36
C ASP B 689 -6.14 0.33 18.87
N VAL B 690 -4.90 0.36 19.35
CA VAL B 690 -4.65 0.44 20.78
C VAL B 690 -4.04 1.79 21.20
N GLY B 691 -4.12 2.78 20.32
CA GLY B 691 -3.63 4.11 20.61
C GLY B 691 -2.13 4.25 20.85
N VAL B 692 -1.32 3.43 20.18
CA VAL B 692 0.14 3.58 20.31
C VAL B 692 0.69 4.48 19.20
N ASP B 693 1.45 5.50 19.55
CA ASP B 693 2.08 6.32 18.52
C ASP B 693 3.37 5.65 18.06
N PHE B 694 3.66 5.77 16.77
CA PHE B 694 4.89 5.23 16.24
C PHE B 694 5.24 5.98 14.97
N GLN B 695 6.38 5.63 14.38
CA GLN B 695 6.83 6.24 13.13
C GLN B 695 6.85 5.17 12.06
N ALA B 696 6.62 5.57 10.81
CA ALA B 696 6.51 4.62 9.72
C ALA B 696 7.09 5.20 8.44
N MET B 697 7.43 4.34 7.49
CA MET B 697 7.87 4.77 6.17
C MET B 697 7.60 3.61 5.20
N TRP B 698 6.79 3.86 4.17
CA TRP B 698 6.66 2.88 3.10
C TRP B 698 7.65 3.27 2.00
N TYR B 699 8.07 2.30 1.18
CA TYR B 699 8.90 2.59 0.03
C TYR B 699 8.20 2.13 -1.24
N THR B 700 7.63 3.08 -1.98
CA THR B 700 6.85 2.79 -3.19
C THR B 700 7.61 1.93 -4.19
N ASP B 701 7.03 0.79 -4.54
CA ASP B 701 7.57 -0.10 -5.56
C ASP B 701 8.88 -0.83 -5.24
N GLU B 702 9.33 -0.74 -3.99
CA GLU B 702 10.54 -1.47 -3.59
C GLU B 702 10.15 -2.85 -3.06
N ASP B 703 11.07 -3.82 -3.20
CA ASP B 703 10.78 -5.17 -2.74
C ASP B 703 11.50 -5.46 -1.44
N HIS B 704 11.75 -6.73 -1.11
CA HIS B 704 12.32 -7.08 0.19
C HIS B 704 13.68 -6.45 0.44
N GLY B 705 14.42 -6.15 -0.62
CA GLY B 705 15.79 -5.68 -0.48
C GLY B 705 15.88 -4.17 -0.34
N ILE B 706 14.82 -3.46 -0.70
CA ILE B 706 14.85 -1.99 -0.70
C ILE B 706 16.23 -1.56 -1.19
N ALA B 707 16.56 -2.01 -2.40
CA ALA B 707 17.94 -2.04 -2.86
C ALA B 707 18.23 -1.15 -4.06
N SER B 708 17.21 -0.48 -4.59
CA SER B 708 17.48 0.45 -5.67
C SER B 708 18.38 1.54 -5.09
N SER B 709 19.19 2.15 -5.94
CA SER B 709 20.20 3.09 -5.46
C SER B 709 19.61 4.21 -4.60
N THR B 710 18.54 4.81 -5.08
CA THR B 710 17.90 5.92 -4.35
C THR B 710 17.20 5.46 -3.07
N ALA B 711 16.48 4.34 -3.12
CA ALA B 711 15.81 3.86 -1.92
C ALA B 711 16.82 3.44 -0.85
N HIS B 712 17.89 2.77 -1.27
CA HIS B 712 18.96 2.35 -0.35
C HIS B 712 19.52 3.55 0.40
N GLN B 713 19.89 4.57 -0.35
CA GLN B 713 20.36 5.79 0.29
C GLN B 713 19.31 6.39 1.21
N HIS B 714 18.06 6.38 0.77
CA HIS B 714 17.01 7.04 1.55
C HIS B 714 16.70 6.33 2.86
N ILE B 715 16.62 5.00 2.82
CA ILE B 715 16.29 4.27 4.04
C ILE B 715 17.41 4.38 5.09
N TYR B 716 18.67 4.23 4.68
CA TYR B 716 19.74 4.39 5.65
C TYR B 716 19.86 5.83 6.19
N THR B 717 19.59 6.82 5.35
CA THR B 717 19.57 8.21 5.80
C THR B 717 18.45 8.40 6.82
N HIS B 718 17.29 7.78 6.57
CA HIS B 718 16.14 7.95 7.44
C HIS B 718 16.39 7.26 8.77
N MET B 719 16.93 6.05 8.73
CA MET B 719 17.22 5.31 9.96
C MET B 719 18.30 5.99 10.80
N SER B 720 19.28 6.59 10.13
CA SER B 720 20.36 7.29 10.83
C SER B 720 19.84 8.48 11.63
N HIS B 721 18.90 9.24 11.04
CA HIS B 721 18.26 10.35 11.75
C HIS B 721 17.52 9.82 12.98
N PHE B 722 16.79 8.73 12.78
CA PHE B 722 16.01 8.14 13.85
C PHE B 722 16.90 7.70 15.02
N ILE B 723 17.97 6.95 14.73
CA ILE B 723 18.85 6.45 15.79
C ILE B 723 19.57 7.62 16.50
N LYS B 724 20.08 8.56 15.73
CA LYS B 724 20.69 9.78 16.28
C LYS B 724 19.74 10.55 17.21
N GLN B 725 18.49 10.76 16.77
CA GLN B 725 17.46 11.38 17.63
C GLN B 725 17.26 10.59 18.93
N CYS B 726 17.03 9.28 18.81
CA CYS B 726 16.86 8.41 19.96
C CYS B 726 18.01 8.50 20.96
N PHE B 727 19.23 8.68 20.47
CA PHE B 727 20.42 8.72 21.33
C PHE B 727 20.91 10.13 21.71
N SER B 728 20.12 11.15 21.38
CA SER B 728 20.49 12.53 21.72
C SER B 728 21.86 12.90 21.20
N LEU B 729 22.32 12.19 20.16
CA LEU B 729 23.59 12.52 19.52
C LEU B 729 23.42 13.74 18.62
N PRO B 730 24.30 14.75 18.80
CA PRO B 730 24.25 16.00 18.02
C PRO B 730 24.26 15.74 16.51
C1 NAG C . -23.70 -1.37 -21.81
C2 NAG C . -24.79 -2.07 -22.62
C3 NAG C . -24.25 -3.16 -23.55
C4 NAG C . -23.02 -2.67 -24.31
C5 NAG C . -22.04 -2.09 -23.32
C6 NAG C . -20.72 -1.70 -23.97
C7 NAG C . -26.96 -2.10 -21.58
C8 NAG C . -27.97 -2.84 -20.75
N2 NAG C . -25.79 -2.67 -21.74
O3 NAG C . -25.26 -3.58 -24.42
O4 NAG C . -22.42 -3.79 -24.96
O5 NAG C . -22.64 -0.99 -22.65
O6 NAG C . -20.97 -0.79 -25.01
O7 NAG C . -27.23 -1.00 -22.07
C1 NAG C . -22.41 -3.60 -26.40
C2 NAG C . -21.21 -4.37 -26.94
C3 NAG C . -21.21 -4.47 -28.46
C4 NAG C . -22.57 -4.98 -28.94
C5 NAG C . -23.65 -4.04 -28.42
C6 NAG C . -25.03 -4.52 -28.83
C7 NAG C . -19.21 -4.37 -25.56
C8 NAG C . -17.89 -3.72 -25.28
N2 NAG C . -19.96 -3.77 -26.48
O3 NAG C . -20.19 -5.35 -28.86
O4 NAG C . -22.59 -5.06 -30.36
O5 NAG C . -23.63 -3.99 -27.00
O6 NAG C . -25.34 -5.66 -28.04
O7 NAG C . -19.56 -5.39 -24.96
C1 NAG D . -1.82 -29.44 -12.94
C2 NAG D . -2.20 -30.41 -14.05
C3 NAG D . -3.71 -30.42 -14.31
C4 NAG D . -4.50 -30.55 -13.01
C5 NAG D . -3.97 -29.52 -12.04
C6 NAG D . -4.74 -29.56 -10.72
C7 NAG D . -0.44 -30.74 -15.68
C8 NAG D . 0.25 -30.25 -16.93
N2 NAG D . -1.51 -30.07 -15.28
O3 NAG D . -4.02 -31.46 -15.21
O4 NAG D . -5.88 -30.27 -13.20
O5 NAG D . -2.59 -29.73 -11.80
O6 NAG D . -4.38 -30.76 -10.10
O7 NAG D . 0.00 -31.72 -15.08
C1 NAG D . -6.71 -31.44 -13.41
C2 NAG D . -8.17 -31.01 -13.29
C3 NAG D . -9.15 -32.11 -13.71
C4 NAG D . -8.47 -33.45 -13.99
C5 NAG D . -7.20 -33.31 -14.85
C6 NAG D . -7.52 -33.48 -16.33
C7 NAG D . -8.27 -29.23 -11.63
C8 NAG D . -8.15 -28.89 -10.17
N2 NAG D . -8.43 -30.52 -11.94
O3 NAG D . -9.91 -31.71 -14.84
O4 NAG D . -8.15 -34.12 -12.79
O5 NAG D . -6.51 -32.07 -14.67
O6 NAG D . -7.26 -32.26 -17.01
O7 NAG D . -8.23 -28.35 -12.48
C1 NAG E . -52.20 19.62 19.96
C2 NAG E . -52.37 18.18 19.46
C3 NAG E . -53.68 18.00 18.71
C4 NAG E . -54.84 18.47 19.59
C5 NAG E . -54.56 19.91 20.04
C6 NAG E . -55.67 20.41 20.95
C7 NAG E . -50.28 17.02 18.96
C8 NAG E . -49.33 16.65 17.85
N2 NAG E . -51.26 17.83 18.61
O3 NAG E . -53.86 16.64 18.36
O4 NAG E . -56.07 18.43 18.88
O5 NAG E . -53.33 19.95 20.74
O6 NAG E . -55.90 19.45 21.97
O7 NAG E . -50.11 16.58 20.10
C1 NAG F . -31.84 -11.86 5.92
C2 NAG F . -33.12 -12.68 5.77
C3 NAG F . -33.38 -13.61 6.94
C4 NAG F . -32.12 -14.42 7.24
C5 NAG F . -30.98 -13.44 7.51
C6 NAG F . -29.70 -14.16 7.95
C7 NAG F . -34.95 -11.77 4.43
C8 NAG F . -36.06 -10.76 4.34
N2 NAG F . -34.29 -11.82 5.59
O3 NAG F . -34.47 -14.47 6.68
O4 NAG F . -32.31 -15.28 8.34
O5 NAG F . -30.75 -12.65 6.35
O6 NAG F . -29.35 -15.15 7.01
O7 NAG F . -34.68 -12.50 3.47
C1 NAG G . -51.47 11.52 -10.59
C2 NAG G . -52.85 10.82 -10.62
C3 NAG G . -53.12 10.03 -11.90
C4 NAG G . -52.66 10.78 -13.15
C5 NAG G . -51.26 11.36 -13.00
C6 NAG G . -50.99 12.30 -14.18
C7 NAG G . -53.90 10.14 -8.49
C8 NAG G . -53.76 9.22 -7.31
N2 NAG G . -53.03 9.92 -9.49
O3 NAG G . -54.51 9.77 -12.00
O4 NAG G . -52.70 9.90 -14.26
O5 NAG G . -51.11 12.12 -11.82
O6 NAG G . -51.20 11.59 -15.38
O7 NAG G . -54.76 11.02 -8.50
C1 NAG H . -39.34 -10.44 -18.18
C2 NAG H . -40.03 -11.69 -18.71
C3 NAG H . -39.18 -12.90 -18.33
C4 NAG H . -37.76 -12.70 -18.86
C5 NAG H . -37.20 -11.31 -18.54
C6 NAG H . -35.90 -11.04 -19.28
C7 NAG H . -42.42 -11.82 -19.10
C8 NAG H . -43.76 -12.28 -18.57
N2 NAG H . -41.40 -11.80 -18.23
O3 NAG H . -39.75 -14.09 -18.84
O4 NAG H . -36.90 -13.68 -18.29
O5 NAG H . -38.11 -10.29 -18.86
O6 NAG H . -36.19 -10.48 -20.53
O7 NAG H . -42.32 -11.48 -20.28
C1 NAG I . -1.38 40.86 -8.19
C2 NAG I . -1.53 39.34 -8.05
C3 NAG I . -0.15 38.70 -8.00
C4 NAG I . 0.70 39.10 -9.20
C5 NAG I . 0.56 40.56 -9.66
C6 NAG I . 0.80 40.61 -11.17
C7 NAG I . -3.59 38.76 -6.88
C8 NAG I . -4.21 38.03 -5.72
N2 NAG I . -2.27 38.98 -6.85
O3 NAG I . -0.28 37.29 -7.96
O4 NAG I . 2.07 38.86 -8.90
O5 NAG I . -0.71 41.16 -9.41
O6 NAG I . 1.01 41.93 -11.61
O7 NAG I . -4.30 39.15 -7.81
C01 KXB J . -12.63 17.65 -3.69
C02 KXB J . -11.39 17.68 -4.27
C03 KXB J . -10.93 15.43 -3.44
C04 KXB J . -13.04 16.53 -2.98
C05 KXB J . -14.37 16.49 -2.33
C06 KXB J . -14.46 16.74 -0.98
C07 KXB J . -15.56 16.20 -3.03
C08 KXB J . -10.57 16.55 -4.15
C09 KXB J . -12.18 15.44 -2.86
C10 KXB J . -15.72 16.68 -0.35
C11 KXB J . -16.78 16.14 -2.32
C12 KXB J . -15.57 16.99 1.09
C13 KXB J . -13.41 17.07 0.03
C14 KXB J . -18.09 15.85 -2.97
C15 KXB J . -12.14 14.91 4.22
C16 KXB J . -15.53 15.94 -4.51
C17 KXB J . -13.64 17.65 2.56
C18 KXB J . -12.26 16.92 2.90
N19 KXB J . -16.89 16.39 -0.97
N20 KXB J . -14.21 17.25 1.28
N21 KXB J . -14.91 14.65 -4.76
O22 KXB J . -16.42 17.06 1.97
O23 KXB J . -12.52 15.52 2.96
CL1 KXB J . -9.02 16.58 -4.86
CL2 KXB J . -12.68 14.08 -1.99
C1 NAG K . 51.46 -20.41 -20.53
C2 NAG K . 50.40 -20.55 -21.63
C3 NAG K . 50.57 -21.84 -22.43
C4 NAG K . 52.01 -21.89 -22.96
C5 NAG K . 52.97 -21.77 -21.79
C6 NAG K . 54.43 -21.80 -22.26
C7 NAG K . 48.31 -19.45 -21.21
C8 NAG K . 46.93 -19.53 -20.61
N2 NAG K . 49.10 -20.50 -21.01
O3 NAG K . 49.70 -21.86 -23.54
O4 NAG K . 52.26 -23.08 -23.67
O5 NAG K . 52.73 -20.55 -21.12
O6 NAG K . 54.54 -20.98 -23.39
O7 NAG K . 48.67 -18.46 -21.85
C1 NAG L . 40.43 -2.30 -22.49
C2 NAG L . 40.06 -1.26 -21.44
C3 NAG L . 41.23 -0.33 -21.13
C4 NAG L . 42.46 -1.15 -20.76
C5 NAG L . 42.76 -2.17 -21.86
C6 NAG L . 43.95 -3.04 -21.47
C7 NAG L . 37.76 -0.63 -21.13
C8 NAG L . 37.93 -0.84 -19.65
N2 NAG L . 38.88 -0.51 -21.84
O3 NAG L . 40.91 0.52 -20.05
O4 NAG L . 43.57 -0.31 -20.56
O5 NAG L . 41.62 -2.97 -22.12
O6 NAG L . 44.18 -4.01 -22.49
O7 NAG L . 36.63 -0.59 -21.64
C1 NAG M . 14.46 -9.45 -29.95
C2 NAG M . 14.38 -9.97 -31.39
C3 NAG M . 14.75 -8.97 -32.49
C4 NAG M . 14.46 -7.50 -32.14
C5 NAG M . 14.76 -7.22 -30.67
C6 NAG M . 14.41 -5.79 -30.28
C7 NAG M . 14.74 -12.39 -31.54
C8 NAG M . 15.75 -13.50 -31.54
N2 NAG M . 15.23 -11.15 -31.52
O3 NAG M . 14.05 -9.29 -33.67
O4 NAG M . 15.26 -6.66 -32.95
O5 NAG M . 14.02 -8.11 -29.85
O6 NAG M . 13.45 -5.81 -29.24
O7 NAG M . 13.53 -12.64 -31.54
C1 NAG N . 27.35 -40.34 -22.58
C2 NAG N . 27.76 -40.90 -23.97
C3 NAG N . 26.67 -41.74 -24.65
C4 NAG N . 26.03 -42.72 -23.66
C5 NAG N . 25.56 -41.97 -22.42
C6 NAG N . 24.91 -42.93 -21.43
C7 NAG N . 29.41 -39.87 -25.44
C8 NAG N . 30.04 -38.55 -25.78
N2 NAG N . 28.20 -39.84 -24.87
O3 NAG N . 27.27 -42.46 -25.72
O4 NAG N . 24.95 -43.43 -24.26
O5 NAG N . 26.63 -41.29 -21.79
O6 NAG N . 25.91 -43.78 -20.90
O7 NAG N . 30.01 -40.93 -25.68
C1 NAG O . 18.15 -20.75 31.54
C2 NAG O . 17.58 -20.16 30.25
C3 NAG O . 16.48 -19.13 30.58
C4 NAG O . 15.47 -19.71 31.58
C5 NAG O . 16.17 -20.29 32.80
C6 NAG O . 15.19 -21.01 33.71
C7 NAG O . 19.26 -20.14 28.40
C8 NAG O . 19.84 -19.20 27.37
N2 NAG O . 18.65 -19.55 29.45
O3 NAG O . 15.80 -18.76 29.41
O4 NAG O . 14.54 -18.71 31.98
O5 NAG O . 17.14 -21.22 32.41
O6 NAG O . 14.91 -22.28 33.14
O7 NAG O . 19.38 -21.36 28.23
C01 KXB P . 14.36 -15.66 5.98
C02 KXB P . 13.32 -15.42 6.86
C03 KXB P . 12.35 -13.78 5.35
C04 KXB P . 14.39 -14.97 4.78
C05 KXB P . 15.50 -15.22 3.84
C06 KXB P . 16.54 -14.31 3.78
C07 KXB P . 15.55 -16.34 2.98
C08 KXB P . 12.34 -14.48 6.52
C09 KXB P . 13.39 -14.04 4.48
C10 KXB P . 17.59 -14.53 2.88
C11 KXB P . 16.63 -16.47 2.10
C12 KXB P . 18.58 -13.43 3.01
C13 KXB P . 16.78 -13.04 4.55
C14 KXB P . 16.78 -17.63 1.16
C15 KXB P . 17.62 -8.54 3.55
C16 KXB P . 14.45 -17.38 3.00
C17 KXB P . 18.88 -11.56 4.69
C18 KXB P . 18.00 -10.29 5.07
N19 KXB P . 17.69 -15.58 2.03
N20 KXB P . 18.10 -12.65 4.08
N21 KXB P . 13.23 -16.80 2.52
O22 KXB P . 19.62 -13.24 2.39
O23 KXB P . 17.33 -9.89 3.88
CL1 KXB P . 11.07 -14.19 7.59
CL2 KXB P . 13.41 -13.16 3.01
#